data_5K8V
#
_entry.id   5K8V
#
_cell.length_a   75.084
_cell.length_b   98.094
_cell.length_c   206.260
_cell.angle_alpha   90.00
_cell.angle_beta   90.00
_cell.angle_gamma   90.00
#
_symmetry.space_group_name_H-M   'P 21 21 2'
#
loop_
_entity.id
_entity.type
_entity.pdbx_description
1 polymer 'Histone-arginine methyltransferase CARM1'
2 non-polymer [[2-[(2~{R},3~{S},4~{R},5~{R})-5-(6-aminopurin-9-yl)-3,4-bis(oxidanyl)oxolan-2-yl]ethylamino]-azanyl-methylidene]azanium
3 non-polymer 1,2-DIMETHOXYETHANE
4 non-polymer 1,2-ETHANEDIOL
5 non-polymer DI(HYDROXYETHYL)ETHER
6 non-polymer 1-(2-METHOXY-ETHOXY)-2-{2-[2-(2-METHOXY-ETHOXY]-ETHOXY}-ETHANE
7 water water
#
_entity_poly.entity_id   1
_entity_poly.type   'polypeptide(L)'
_entity_poly.pdbx_seq_one_letter_code
;GHMGHTLERSVFSERTEESSAVQYFQFYGYLSQQQNMMQDYVRTGTYQRAILQNHTDFKDKIVLDVGCGSGILSFFAAQA
GARKIYAVEASTMAQHAEVLVKSNNLTDRIVVIPGKVEEVSLPEQVDIIISEPMGYMLFNERMLESYLHAKKYLKPSGNM
FPTIGDVHLAPFTDEQLYMEQFTKANFWYQPSFHGVDLSALRGAAVDEYFRQPVVDTFDIRILMAKSVKYTVNFLEAKEG
DLHRIEIPFKFHMLHSGLVHGLAFWFDVAFIGSIMTVWLSTAPTEPLTHWYQVRCLFQSPLFAKAGDTLSGTCLLIANKR
QSYDISIVAQVDQTGSKSSNLLDLKNPFFRYTGTTPSPPPG
;
_entity_poly.pdbx_strand_id   A,B,C,D
#
loop_
_chem_comp.id
_chem_comp.type
_chem_comp.name
_chem_comp.formula
6RE non-polymer [[2-[(2~{R},3~{S},4~{R},5~{R})-5-(6-aminopurin-9-yl)-3,4-bis(oxidanyl)oxolan-2-yl]ethylamino]-azanyl-methylidene]azanium 'C12 H19 N8 O3 1'
DXE non-polymer 1,2-DIMETHOXYETHANE 'C4 H10 O2'
EDO non-polymer 1,2-ETHANEDIOL 'C2 H6 O2'
PEG non-polymer DI(HYDROXYETHYL)ETHER 'C4 H10 O3'
PG6 non-polymer 1-(2-METHOXY-ETHOXY)-2-{2-[2-(2-METHOXY-ETHOXY]-ETHOXY}-ETHANE 'C12 H26 O6'
#
# COMPACT_ATOMS: atom_id res chain seq x y z
N SER A 10 -24.24 -24.34 31.34
CA SER A 10 -24.08 -25.16 30.14
C SER A 10 -22.84 -26.03 30.24
N VAL A 11 -22.72 -26.98 29.30
CA VAL A 11 -21.56 -27.87 29.30
C VAL A 11 -20.28 -27.08 29.14
N PHE A 12 -20.30 -26.03 28.29
CA PHE A 12 -19.08 -25.27 28.06
C PHE A 12 -18.64 -24.55 29.33
N SER A 13 -19.54 -23.81 29.97
CA SER A 13 -19.16 -23.06 31.16
C SER A 13 -18.85 -23.98 32.33
N GLU A 14 -19.42 -25.18 32.34
CA GLU A 14 -19.08 -26.16 33.38
C GLU A 14 -17.60 -26.54 33.31
N ARG A 15 -17.04 -26.60 32.11
CA ARG A 15 -15.68 -27.10 31.91
C ARG A 15 -14.66 -25.99 31.67
N THR A 16 -15.03 -24.73 31.87
CA THR A 16 -14.17 -23.61 31.50
C THR A 16 -14.24 -22.51 32.54
N GLU A 17 -13.08 -22.01 32.96
CA GLU A 17 -13.02 -20.81 33.78
C GLU A 17 -13.44 -19.60 32.95
N GLU A 18 -14.34 -18.79 33.51
CA GLU A 18 -14.77 -17.58 32.81
C GLU A 18 -13.56 -16.79 32.30
N SER A 19 -12.55 -16.61 33.16
CA SER A 19 -11.37 -15.84 32.77
C SER A 19 -10.75 -16.40 31.50
N SER A 20 -10.62 -17.72 31.41
CA SER A 20 -10.01 -18.33 30.22
C SER A 20 -10.87 -18.09 28.97
N ALA A 21 -12.20 -18.18 29.12
CA ALA A 21 -13.08 -18.06 27.96
C ALA A 21 -13.11 -16.63 27.43
N VAL A 22 -13.14 -15.64 28.33
CA VAL A 22 -13.17 -14.25 27.89
C VAL A 22 -12.00 -13.95 26.98
N GLN A 23 -10.81 -14.38 27.37
CA GLN A 23 -9.61 -14.11 26.57
C GLN A 23 -9.58 -14.96 25.31
N TYR A 24 -10.09 -16.20 25.40
CA TYR A 24 -10.12 -17.07 24.24
C TYR A 24 -10.95 -16.46 23.11
N PHE A 25 -12.19 -16.06 23.41
CA PHE A 25 -13.07 -15.51 22.39
C PHE A 25 -12.73 -14.06 22.04
N GLN A 26 -12.08 -13.33 22.95
CA GLN A 26 -11.54 -12.02 22.58
C GLN A 26 -10.43 -12.18 21.54
N PHE A 27 -9.59 -13.20 21.71
CA PHE A 27 -8.50 -13.44 20.77
C PHE A 27 -9.04 -13.71 19.37
N TYR A 28 -10.10 -14.51 19.26
CA TYR A 28 -10.61 -14.93 17.97
C TYR A 28 -11.58 -13.94 17.34
N GLY A 29 -11.94 -12.87 18.05
CA GLY A 29 -12.70 -11.80 17.43
C GLY A 29 -11.91 -10.90 16.51
N TYR A 30 -10.59 -11.08 16.46
CA TYR A 30 -9.72 -10.24 15.65
C TYR A 30 -9.65 -10.80 14.23
N LEU A 31 -9.79 -9.89 13.25
CA LEU A 31 -9.69 -10.30 11.85
C LEU A 31 -8.27 -10.75 11.48
N SER A 32 -7.26 -10.18 12.15
CA SER A 32 -5.88 -10.58 11.85
C SER A 32 -5.65 -12.04 12.19
N GLN A 33 -6.37 -12.57 13.17
CA GLN A 33 -6.24 -14.00 13.49
C GLN A 33 -6.97 -14.85 12.46
N GLN A 34 -8.17 -14.45 12.05
CA GLN A 34 -8.84 -15.11 10.94
C GLN A 34 -7.95 -15.12 9.72
N GLN A 35 -7.41 -13.96 9.35
CA GLN A 35 -6.51 -13.87 8.21
C GLN A 35 -5.34 -14.84 8.36
N ASN A 36 -4.77 -14.94 9.57
CA ASN A 36 -3.67 -15.86 9.79
C ASN A 36 -4.07 -17.29 9.46
N MET A 37 -5.22 -17.73 9.98
CA MET A 37 -5.69 -19.08 9.70
C MET A 37 -6.10 -19.24 8.24
N MET A 38 -6.75 -18.23 7.67
CA MET A 38 -7.18 -18.32 6.28
C MET A 38 -5.99 -18.38 5.32
N GLN A 39 -4.89 -17.70 5.66
CA GLN A 39 -3.72 -17.66 4.80
C GLN A 39 -2.86 -18.91 4.88
N ASP A 40 -3.15 -19.84 5.79
CA ASP A 40 -2.52 -21.16 5.77
C ASP A 40 -3.15 -21.94 4.63
N TYR A 41 -2.42 -22.07 3.52
CA TYR A 41 -3.00 -22.66 2.33
C TYR A 41 -3.22 -24.17 2.47
N VAL A 42 -2.32 -24.86 3.18
CA VAL A 42 -2.57 -26.26 3.51
C VAL A 42 -3.94 -26.41 4.16
N ARG A 43 -4.19 -25.60 5.20
CA ARG A 43 -5.47 -25.69 5.90
C ARG A 43 -6.63 -25.37 4.98
N THR A 44 -6.67 -24.15 4.44
CA THR A 44 -7.82 -23.72 3.66
C THR A 44 -7.96 -24.52 2.37
N GLY A 45 -6.85 -24.78 1.68
CA GLY A 45 -6.91 -25.54 0.46
C GLY A 45 -7.48 -26.93 0.67
N THR A 46 -6.96 -27.64 1.68
CA THR A 46 -7.35 -29.04 1.87
C THR A 46 -8.82 -29.16 2.27
N TYR A 47 -9.30 -28.27 3.15
CA TYR A 47 -10.71 -28.29 3.51
C TYR A 47 -11.58 -28.08 2.26
N GLN A 48 -11.24 -27.09 1.44
CA GLN A 48 -12.00 -26.84 0.23
C GLN A 48 -12.01 -28.06 -0.67
N ARG A 49 -10.85 -28.71 -0.84
CA ARG A 49 -10.80 -29.91 -1.67
C ARG A 49 -11.64 -31.03 -1.06
N ALA A 50 -11.53 -31.23 0.25
CA ALA A 50 -12.29 -32.29 0.90
C ALA A 50 -13.80 -32.10 0.68
N ILE A 51 -14.27 -30.86 0.76
CA ILE A 51 -15.70 -30.59 0.62
C ILE A 51 -16.12 -30.67 -0.84
N LEU A 52 -15.35 -30.05 -1.74
CA LEU A 52 -15.76 -29.97 -3.13
C LEU A 52 -15.62 -31.33 -3.84
N GLN A 53 -14.53 -32.05 -3.57
CA GLN A 53 -14.36 -33.36 -4.19
C GLN A 53 -15.36 -34.38 -3.66
N ASN A 54 -16.01 -34.11 -2.53
CA ASN A 54 -17.08 -34.95 -2.02
C ASN A 54 -18.41 -34.21 -2.09
N HIS A 55 -18.69 -33.61 -3.26
CA HIS A 55 -19.90 -32.80 -3.41
C HIS A 55 -21.16 -33.58 -3.08
N THR A 56 -21.15 -34.90 -3.27
CA THR A 56 -22.34 -35.69 -3.02
C THR A 56 -22.70 -35.71 -1.54
N ASP A 57 -21.71 -35.52 -0.65
CA ASP A 57 -21.99 -35.45 0.77
C ASP A 57 -22.57 -34.11 1.19
N PHE A 58 -22.62 -33.12 0.30
CA PHE A 58 -23.12 -31.80 0.61
C PHE A 58 -24.25 -31.32 -0.29
N LYS A 59 -24.31 -31.82 -1.53
CA LYS A 59 -25.32 -31.34 -2.49
C LYS A 59 -26.72 -31.49 -1.91
N ASP A 60 -27.40 -30.36 -1.68
CA ASP A 60 -28.78 -30.34 -1.21
C ASP A 60 -28.93 -30.83 0.23
N LYS A 61 -27.84 -30.86 0.99
CA LYS A 61 -27.87 -31.35 2.36
C LYS A 61 -27.99 -30.19 3.35
N ILE A 62 -28.16 -30.54 4.62
CA ILE A 62 -28.19 -29.58 5.72
C ILE A 62 -26.89 -29.73 6.50
N VAL A 63 -26.20 -28.61 6.70
CA VAL A 63 -24.84 -28.61 7.25
C VAL A 63 -24.80 -27.74 8.51
N LEU A 64 -23.93 -28.14 9.44
CA LEU A 64 -23.62 -27.35 10.62
C LEU A 64 -22.13 -27.08 10.65
N ASP A 65 -21.77 -25.80 10.82
CA ASP A 65 -20.37 -25.37 10.87
C ASP A 65 -20.08 -24.88 12.28
N VAL A 66 -19.31 -25.66 13.04
CA VAL A 66 -19.03 -25.37 14.44
C VAL A 66 -17.80 -24.48 14.52
N GLY A 67 -17.99 -23.26 15.01
CA GLY A 67 -16.89 -22.31 15.11
C GLY A 67 -16.47 -21.81 13.75
N CYS A 68 -17.39 -21.16 13.03
CA CYS A 68 -17.18 -20.80 11.65
C CYS A 68 -16.22 -19.61 11.49
N GLY A 69 -15.96 -18.87 12.55
CA GLY A 69 -15.16 -17.66 12.43
C GLY A 69 -15.81 -16.72 11.43
N SER A 70 -15.07 -16.40 10.37
CA SER A 70 -15.59 -15.54 9.31
C SER A 70 -16.57 -16.27 8.39
N GLY A 71 -16.68 -17.59 8.49
CA GLY A 71 -17.63 -18.35 7.71
C GLY A 71 -17.07 -19.04 6.48
N ILE A 72 -15.75 -19.10 6.34
CA ILE A 72 -15.16 -19.59 5.10
C ILE A 72 -15.60 -21.03 4.81
N LEU A 73 -15.64 -21.88 5.85
CA LEU A 73 -16.05 -23.26 5.64
C LEU A 73 -17.52 -23.36 5.25
N SER A 74 -18.35 -22.42 5.73
CA SER A 74 -19.75 -22.41 5.34
C SER A 74 -19.92 -22.03 3.87
N PHE A 75 -18.96 -21.28 3.31
CA PHE A 75 -19.05 -20.93 1.90
C PHE A 75 -18.63 -22.10 1.01
N PHE A 76 -17.60 -22.84 1.41
CA PHE A 76 -17.24 -24.06 0.68
C PHE A 76 -18.41 -25.02 0.62
N ALA A 77 -19.12 -25.19 1.74
CA ALA A 77 -20.31 -26.03 1.74
C ALA A 77 -21.37 -25.49 0.77
N ALA A 78 -21.47 -24.16 0.66
CA ALA A 78 -22.39 -23.58 -0.31
C ALA A 78 -21.91 -23.84 -1.75
N GLN A 79 -20.62 -23.67 -1.99
CA GLN A 79 -20.07 -23.97 -3.32
C GLN A 79 -20.33 -25.42 -3.70
N ALA A 80 -20.36 -26.32 -2.72
CA ALA A 80 -20.61 -27.74 -2.97
C ALA A 80 -22.07 -28.05 -3.22
N GLY A 81 -22.97 -27.08 -3.08
CA GLY A 81 -24.37 -27.28 -3.37
C GLY A 81 -25.26 -27.53 -2.16
N ALA A 82 -24.84 -27.11 -0.97
CA ALA A 82 -25.65 -27.34 0.22
C ALA A 82 -26.94 -26.54 0.16
N ARG A 83 -27.97 -27.07 0.81
CA ARG A 83 -29.27 -26.42 0.88
C ARG A 83 -29.35 -25.42 2.03
N LYS A 84 -28.88 -25.81 3.21
CA LYS A 84 -28.95 -24.96 4.40
C LYS A 84 -27.71 -25.22 5.25
N ILE A 85 -27.07 -24.13 5.69
CA ILE A 85 -25.85 -24.21 6.47
C ILE A 85 -26.05 -23.35 7.71
N TYR A 86 -25.90 -23.95 8.89
CA TYR A 86 -25.96 -23.24 10.15
C TYR A 86 -24.54 -23.01 10.63
N ALA A 87 -24.13 -21.75 10.67
CA ALA A 87 -22.77 -21.36 11.04
C ALA A 87 -22.81 -20.78 12.45
N VAL A 88 -22.19 -21.49 13.39
CA VAL A 88 -22.21 -21.12 14.81
C VAL A 88 -20.85 -20.57 15.20
N GLU A 89 -20.85 -19.42 15.85
CA GLU A 89 -19.61 -18.75 16.24
C GLU A 89 -19.90 -17.88 17.45
N ALA A 90 -19.11 -18.05 18.51
CA ALA A 90 -19.38 -17.42 19.79
C ALA A 90 -18.67 -16.07 19.97
N SER A 91 -17.60 -15.81 19.23
CA SER A 91 -16.91 -14.54 19.35
C SER A 91 -17.66 -13.47 18.56
N THR A 92 -17.14 -12.24 18.60
CA THR A 92 -17.74 -11.15 17.83
C THR A 92 -17.46 -11.26 16.34
N MET A 93 -16.63 -12.23 15.92
CA MET A 93 -16.42 -12.48 14.51
C MET A 93 -17.72 -12.88 13.81
N ALA A 94 -18.72 -13.33 14.56
CA ALA A 94 -20.00 -13.69 13.95
C ALA A 94 -20.62 -12.50 13.24
N GLN A 95 -20.43 -11.30 13.78
CA GLN A 95 -20.94 -10.10 13.13
C GLN A 95 -20.34 -9.94 11.74
N HIS A 96 -19.04 -10.24 11.60
CA HIS A 96 -18.39 -10.13 10.30
C HIS A 96 -18.80 -11.27 9.38
N ALA A 97 -19.03 -12.47 9.93
CA ALA A 97 -19.54 -13.56 9.12
C ALA A 97 -20.90 -13.20 8.51
N GLU A 98 -21.76 -12.57 9.30
CA GLU A 98 -23.06 -12.14 8.78
C GLU A 98 -22.89 -11.16 7.64
N VAL A 99 -21.96 -10.21 7.79
CA VAL A 99 -21.71 -9.24 6.72
C VAL A 99 -21.30 -9.95 5.43
N LEU A 100 -20.45 -10.98 5.55
CA LEU A 100 -19.99 -11.66 4.35
C LEU A 100 -21.09 -12.51 3.71
N VAL A 101 -21.98 -13.09 4.52
CA VAL A 101 -23.10 -13.83 3.95
C VAL A 101 -23.98 -12.90 3.13
N LYS A 102 -24.26 -11.70 3.65
CA LYS A 102 -25.07 -10.74 2.90
C LYS A 102 -24.36 -10.31 1.63
N SER A 103 -23.10 -9.89 1.75
CA SER A 103 -22.38 -9.34 0.60
C SER A 103 -22.12 -10.40 -0.47
N ASN A 104 -22.23 -11.68 -0.15
CA ASN A 104 -22.05 -12.75 -1.12
C ASN A 104 -23.38 -13.34 -1.59
N ASN A 105 -24.49 -12.71 -1.25
CA ASN A 105 -25.81 -13.09 -1.78
C ASN A 105 -26.17 -14.52 -1.37
N LEU A 106 -25.95 -14.85 -0.09
CA LEU A 106 -26.18 -16.20 0.41
C LEU A 106 -27.06 -16.23 1.65
N THR A 107 -27.73 -15.12 1.99
CA THR A 107 -28.58 -15.09 3.17
C THR A 107 -29.66 -16.18 3.13
N ASP A 108 -30.02 -16.67 1.94
CA ASP A 108 -31.02 -17.70 1.82
C ASP A 108 -30.51 -19.09 2.19
N ARG A 109 -29.19 -19.30 2.14
CA ARG A 109 -28.62 -20.63 2.35
C ARG A 109 -27.76 -20.74 3.60
N ILE A 110 -27.27 -19.63 4.15
CA ILE A 110 -26.44 -19.65 5.35
C ILE A 110 -27.12 -18.80 6.42
N VAL A 111 -27.24 -19.38 7.61
CA VAL A 111 -27.78 -18.67 8.77
C VAL A 111 -26.68 -18.64 9.82
N VAL A 112 -26.26 -17.43 10.19
CA VAL A 112 -25.25 -17.25 11.23
C VAL A 112 -25.95 -17.21 12.58
N ILE A 113 -25.53 -18.07 13.50
CA ILE A 113 -26.09 -18.15 14.83
C ILE A 113 -25.00 -17.76 15.82
N PRO A 114 -25.04 -16.54 16.35
CA PRO A 114 -24.03 -16.15 17.34
C PRO A 114 -24.23 -16.87 18.65
N GLY A 115 -23.13 -17.32 19.23
CA GLY A 115 -23.19 -18.00 20.52
C GLY A 115 -22.34 -19.26 20.56
N LYS A 116 -22.29 -19.89 21.73
CA LYS A 116 -21.53 -21.12 21.89
C LYS A 116 -22.38 -22.30 21.43
N VAL A 117 -21.74 -23.25 20.72
CA VAL A 117 -22.46 -24.38 20.18
C VAL A 117 -23.12 -25.20 21.28
N GLU A 118 -22.63 -25.10 22.52
CA GLU A 118 -23.23 -25.78 23.64
C GLU A 118 -24.48 -25.08 24.16
N GLU A 119 -24.75 -23.86 23.69
CA GLU A 119 -25.81 -23.03 24.27
C GLU A 119 -26.85 -22.57 23.26
N VAL A 120 -26.48 -22.40 21.99
CA VAL A 120 -27.44 -22.00 20.96
C VAL A 120 -28.45 -23.12 20.76
N SER A 121 -29.45 -22.88 19.92
CA SER A 121 -30.43 -23.89 19.56
C SER A 121 -30.61 -23.88 18.05
N LEU A 122 -30.53 -25.06 17.44
CA LEU A 122 -30.75 -25.17 16.00
C LEU A 122 -32.20 -25.53 15.71
N PRO A 123 -32.76 -25.04 14.59
CA PRO A 123 -34.17 -25.33 14.30
C PRO A 123 -34.43 -26.72 13.76
N GLU A 124 -33.41 -27.44 13.30
CA GLU A 124 -33.61 -28.76 12.73
C GLU A 124 -32.32 -29.56 12.87
N GLN A 125 -32.44 -30.87 12.65
CA GLN A 125 -31.26 -31.72 12.60
C GLN A 125 -30.54 -31.53 11.28
N VAL A 126 -29.25 -31.89 11.27
CA VAL A 126 -28.39 -31.67 10.12
C VAL A 126 -27.87 -33.01 9.60
N ASP A 127 -27.45 -33.00 8.34
CA ASP A 127 -26.94 -34.20 7.70
C ASP A 127 -25.43 -34.38 7.89
N ILE A 128 -24.70 -33.31 8.21
CA ILE A 128 -23.25 -33.40 8.30
C ILE A 128 -22.76 -32.18 9.07
N ILE A 129 -21.74 -32.40 9.91
CA ILE A 129 -21.10 -31.33 10.67
C ILE A 129 -19.71 -31.11 10.09
N ILE A 130 -19.39 -29.86 9.80
CA ILE A 130 -18.04 -29.46 9.39
C ILE A 130 -17.48 -28.54 10.46
N SER A 131 -16.15 -28.57 10.60
CA SER A 131 -15.50 -27.74 11.60
C SER A 131 -13.99 -27.86 11.41
N GLU A 132 -13.27 -26.94 12.05
CA GLU A 132 -11.80 -26.97 12.11
C GLU A 132 -11.44 -26.75 13.57
N PRO A 133 -11.55 -27.79 14.40
CA PRO A 133 -11.31 -27.63 15.85
C PRO A 133 -9.90 -28.00 16.31
N MET A 134 -8.97 -28.29 15.41
CA MET A 134 -7.65 -28.75 15.82
C MET A 134 -6.82 -27.59 16.37
N GLY A 135 -6.25 -27.79 17.55
CA GLY A 135 -5.24 -26.91 18.09
C GLY A 135 -3.87 -27.54 18.06
N TYR A 136 -2.93 -26.89 18.76
CA TYR A 136 -1.62 -27.50 18.95
C TYR A 136 -1.77 -28.89 19.55
N MET A 137 -0.96 -29.83 19.08
CA MET A 137 -1.05 -31.22 19.52
C MET A 137 -2.46 -31.78 19.35
N LEU A 138 -3.22 -31.21 18.41
CA LEU A 138 -4.60 -31.61 18.12
C LEU A 138 -5.58 -31.15 19.20
N PHE A 139 -5.27 -31.42 20.46
CA PHE A 139 -6.25 -31.28 21.54
C PHE A 139 -6.27 -29.91 22.20
N ASN A 140 -5.21 -29.10 22.05
CA ASN A 140 -5.18 -27.79 22.68
C ASN A 140 -6.43 -27.01 22.32
N GLU A 141 -6.94 -26.25 23.30
CA GLU A 141 -8.15 -25.42 23.18
C GLU A 141 -9.40 -26.20 23.55
N ARG A 142 -9.31 -27.53 23.58
CA ARG A 142 -10.44 -28.38 23.96
C ARG A 142 -11.66 -28.11 23.08
N MET A 143 -11.44 -27.66 21.85
CA MET A 143 -12.58 -27.40 20.97
C MET A 143 -13.12 -28.66 20.33
N LEU A 144 -12.36 -29.76 20.34
CA LEU A 144 -12.89 -31.02 19.83
C LEU A 144 -14.10 -31.47 20.63
N GLU A 145 -14.18 -31.07 21.90
CA GLU A 145 -15.36 -31.42 22.70
C GLU A 145 -16.60 -30.66 22.24
N SER A 146 -16.43 -29.43 21.74
CA SER A 146 -17.54 -28.71 21.14
C SER A 146 -17.96 -29.35 19.82
N TYR A 147 -16.97 -29.80 19.04
CA TYR A 147 -17.26 -30.51 17.79
C TYR A 147 -18.07 -31.77 18.06
N LEU A 148 -17.66 -32.57 19.05
CA LEU A 148 -18.40 -33.76 19.41
C LEU A 148 -19.74 -33.41 20.06
N HIS A 149 -19.77 -32.37 20.90
CA HIS A 149 -21.01 -31.96 21.52
C HIS A 149 -22.07 -31.63 20.46
N ALA A 150 -21.64 -31.07 19.33
CA ALA A 150 -22.58 -30.70 18.27
C ALA A 150 -23.27 -31.92 17.65
N LYS A 151 -22.82 -33.14 17.97
CA LYS A 151 -23.46 -34.32 17.41
C LYS A 151 -24.87 -34.53 17.93
N LYS A 152 -25.29 -33.78 18.95
CA LYS A 152 -26.69 -33.84 19.37
C LYS A 152 -27.63 -33.34 18.30
N TYR A 153 -27.12 -32.65 17.28
CA TYR A 153 -27.90 -32.18 16.15
C TYR A 153 -27.72 -33.02 14.89
N LEU A 154 -26.90 -34.06 14.96
CA LEU A 154 -26.56 -34.85 13.77
C LEU A 154 -27.53 -36.01 13.62
N LYS A 155 -28.11 -36.14 12.43
CA LYS A 155 -28.96 -37.28 12.13
C LYS A 155 -28.17 -38.58 12.30
N PRO A 156 -28.86 -39.70 12.57
CA PRO A 156 -28.15 -40.99 12.57
C PRO A 156 -27.43 -41.28 11.27
N SER A 157 -27.83 -40.65 10.18
CA SER A 157 -27.15 -40.78 8.89
C SER A 157 -25.87 -39.98 8.82
N GLY A 158 -25.63 -39.09 9.78
CA GLY A 158 -24.74 -37.98 9.53
C GLY A 158 -23.28 -38.38 9.47
N ASN A 159 -22.50 -37.57 8.77
CA ASN A 159 -21.06 -37.72 8.66
C ASN A 159 -20.39 -36.56 9.38
N MET A 160 -19.08 -36.70 9.60
CA MET A 160 -18.27 -35.69 10.28
C MET A 160 -17.10 -35.32 9.37
N PHE A 161 -16.88 -34.02 9.21
CA PHE A 161 -15.79 -33.49 8.38
C PHE A 161 -14.98 -32.51 9.22
N PRO A 162 -13.82 -32.91 9.74
CA PRO A 162 -13.12 -34.19 9.58
C PRO A 162 -13.82 -35.36 10.25
N THR A 163 -13.50 -36.58 9.80
CA THR A 163 -14.13 -37.79 10.32
C THR A 163 -13.30 -38.42 11.43
N ILE A 164 -11.98 -38.44 11.30
CA ILE A 164 -11.09 -39.05 12.28
C ILE A 164 -9.91 -38.11 12.53
N GLY A 165 -9.21 -38.36 13.63
CA GLY A 165 -8.02 -37.62 13.96
C GLY A 165 -6.93 -38.53 14.52
N ASP A 166 -5.74 -38.47 13.94
CA ASP A 166 -4.62 -39.31 14.33
C ASP A 166 -3.56 -38.45 14.99
N VAL A 167 -3.26 -38.72 16.25
CA VAL A 167 -2.12 -38.12 16.94
C VAL A 167 -0.93 -39.04 16.79
N HIS A 168 0.21 -38.48 16.39
CA HIS A 168 1.44 -39.23 16.23
C HIS A 168 2.46 -38.74 17.24
N LEU A 169 3.11 -39.66 17.93
CA LEU A 169 4.19 -39.33 18.85
C LEU A 169 5.38 -40.23 18.57
N ALA A 170 6.59 -39.66 18.67
CA ALA A 170 7.79 -40.38 18.32
C ALA A 170 8.96 -39.84 19.14
N PRO A 171 9.86 -40.69 19.59
CA PRO A 171 11.02 -40.21 20.34
C PRO A 171 12.01 -39.49 19.41
N PHE A 172 12.62 -38.43 19.93
CA PHE A 172 13.56 -37.64 19.15
C PHE A 172 14.82 -37.39 19.96
N THR A 173 15.88 -37.01 19.25
CA THR A 173 17.13 -36.58 19.86
C THR A 173 17.44 -35.17 19.38
N ASP A 174 17.71 -34.27 20.32
CA ASP A 174 18.04 -32.88 19.99
C ASP A 174 18.85 -32.32 21.15
N GLU A 175 20.16 -32.58 21.13
CA GLU A 175 21.01 -32.19 22.24
C GLU A 175 20.99 -30.68 22.46
N GLN A 176 20.93 -29.90 21.37
CA GLN A 176 20.98 -28.45 21.50
C GLN A 176 19.69 -27.90 22.08
N LEU A 177 18.55 -28.49 21.73
CA LEU A 177 17.28 -28.06 22.34
C LEU A 177 17.28 -28.35 23.83
N TYR A 178 17.71 -29.54 24.22
CA TYR A 178 17.78 -29.87 25.63
C TYR A 178 18.70 -28.92 26.38
N MET A 179 19.89 -28.67 25.83
CA MET A 179 20.86 -27.80 26.50
C MET A 179 20.35 -26.37 26.60
N GLU A 180 19.59 -25.90 25.61
CA GLU A 180 19.09 -24.53 25.65
C GLU A 180 18.32 -24.25 26.94
N GLN A 181 17.69 -25.26 27.53
CA GLN A 181 16.87 -25.03 28.71
C GLN A 181 17.73 -24.60 29.89
N PHE A 182 18.85 -25.28 30.13
CA PHE A 182 19.71 -24.93 31.24
C PHE A 182 20.53 -23.67 30.97
N THR A 183 20.78 -23.35 29.70
CA THR A 183 21.40 -22.07 29.37
C THR A 183 20.50 -20.91 29.80
N LYS A 184 19.20 -21.02 29.53
CA LYS A 184 18.27 -19.95 29.92
C LYS A 184 18.10 -19.93 31.43
N ALA A 185 17.93 -21.09 32.06
CA ALA A 185 17.68 -21.13 33.50
C ALA A 185 18.89 -20.65 34.29
N ASN A 186 20.11 -20.90 33.80
CA ASN A 186 21.30 -20.55 34.55
C ASN A 186 21.48 -19.05 34.71
N PHE A 187 20.59 -18.22 34.17
CA PHE A 187 20.58 -16.81 34.53
C PHE A 187 20.48 -16.64 36.04
N TRP A 188 19.70 -17.51 36.69
CA TRP A 188 19.49 -17.40 38.12
C TRP A 188 20.65 -17.95 38.95
N TYR A 189 21.57 -18.70 38.34
CA TYR A 189 22.68 -19.29 39.07
C TYR A 189 23.89 -18.36 39.08
N GLN A 190 23.71 -17.21 39.71
CA GLN A 190 24.81 -16.29 39.95
C GLN A 190 24.66 -15.69 41.35
N PRO A 191 25.75 -15.62 42.12
CA PRO A 191 25.63 -15.22 43.52
C PRO A 191 25.58 -13.72 43.76
N SER A 192 25.81 -12.89 42.74
CA SER A 192 25.78 -11.44 42.92
C SER A 192 25.28 -10.77 41.64
N PHE A 193 23.99 -10.92 41.36
CA PHE A 193 23.34 -10.14 40.32
C PHE A 193 22.97 -8.79 40.92
N HIS A 194 23.81 -7.78 40.68
CA HIS A 194 23.66 -6.48 41.34
C HIS A 194 23.72 -6.63 42.85
N GLY A 195 24.56 -7.56 43.32
CA GLY A 195 24.70 -7.82 44.73
C GLY A 195 23.67 -8.76 45.32
N VAL A 196 22.90 -9.47 44.49
CA VAL A 196 21.84 -10.36 44.96
C VAL A 196 22.15 -11.77 44.47
N ASP A 197 22.13 -12.73 45.39
CA ASP A 197 22.37 -14.14 45.05
C ASP A 197 21.05 -14.75 44.61
N LEU A 198 20.94 -15.06 43.32
CA LEU A 198 19.70 -15.58 42.75
C LEU A 198 19.64 -17.11 42.73
N SER A 199 20.74 -17.78 43.08
CA SER A 199 20.89 -19.21 42.77
C SER A 199 19.78 -20.05 43.37
N ALA A 200 19.12 -19.58 44.43
CA ALA A 200 18.10 -20.39 45.09
C ALA A 200 16.89 -20.67 44.19
N LEU A 201 16.66 -19.85 43.16
CA LEU A 201 15.53 -20.01 42.26
C LEU A 201 15.89 -20.75 40.97
N ARG A 202 17.13 -21.25 40.86
CA ARG A 202 17.54 -21.90 39.62
C ARG A 202 16.71 -23.14 39.33
N GLY A 203 16.53 -23.99 40.34
CA GLY A 203 15.71 -25.18 40.15
C GLY A 203 14.30 -24.86 39.70
N ALA A 204 13.72 -23.80 40.25
CA ALA A 204 12.37 -23.41 39.85
C ALA A 204 12.35 -22.94 38.40
N ALA A 205 13.39 -22.21 37.97
CA ALA A 205 13.44 -21.74 36.58
C ALA A 205 13.57 -22.92 35.61
N VAL A 206 14.45 -23.87 35.92
CA VAL A 206 14.57 -25.08 35.10
C VAL A 206 13.21 -25.76 34.98
N ASP A 207 12.58 -26.04 36.13
CA ASP A 207 11.27 -26.69 36.12
C ASP A 207 10.28 -25.95 35.22
N GLU A 208 10.28 -24.62 35.30
CA GLU A 208 9.34 -23.83 34.51
C GLU A 208 9.59 -24.01 33.01
N TYR A 209 10.86 -24.08 32.60
CA TYR A 209 11.15 -24.19 31.17
C TYR A 209 10.80 -25.57 30.63
N PHE A 210 11.05 -26.62 31.41
CA PHE A 210 10.71 -27.97 30.95
C PHE A 210 9.21 -28.21 30.93
N ARG A 211 8.43 -27.42 31.66
CA ARG A 211 6.98 -27.57 31.65
C ARG A 211 6.33 -26.94 30.43
N GLN A 212 7.11 -26.37 29.51
CA GLN A 212 6.55 -25.76 28.31
C GLN A 212 6.71 -26.71 27.13
N PRO A 213 5.65 -27.08 26.42
CA PRO A 213 5.84 -27.73 25.13
C PRO A 213 6.43 -26.74 24.13
N VAL A 214 7.34 -27.25 23.30
CA VAL A 214 8.08 -26.43 22.35
C VAL A 214 7.37 -26.51 21.00
N VAL A 215 6.95 -25.37 20.49
CA VAL A 215 6.26 -25.29 19.20
C VAL A 215 7.26 -24.79 18.17
N ASP A 216 7.62 -25.68 17.24
CA ASP A 216 8.38 -25.31 16.04
C ASP A 216 8.47 -26.53 15.16
N THR A 217 9.36 -26.52 14.17
CA THR A 217 9.55 -27.64 13.28
C THR A 217 10.97 -28.16 13.42
N PHE A 218 11.25 -29.29 12.75
CA PHE A 218 12.52 -29.95 12.92
C PHE A 218 12.78 -30.89 11.75
N ASP A 219 14.05 -31.23 11.58
CA ASP A 219 14.45 -32.20 10.57
C ASP A 219 14.02 -33.60 11.01
N ILE A 220 13.41 -34.34 10.08
CA ILE A 220 12.88 -35.66 10.42
C ILE A 220 13.98 -36.62 10.86
N ARG A 221 15.24 -36.30 10.59
CA ARG A 221 16.34 -37.18 10.96
C ARG A 221 16.53 -37.26 12.47
N ILE A 222 16.00 -36.31 13.23
CA ILE A 222 16.12 -36.37 14.68
C ILE A 222 15.24 -37.46 15.29
N LEU A 223 14.30 -38.00 14.50
CA LEU A 223 13.40 -39.04 14.99
C LEU A 223 14.15 -40.36 15.08
N MET A 224 13.84 -41.13 16.13
CA MET A 224 14.59 -42.34 16.44
C MET A 224 13.76 -43.61 16.38
N ALA A 225 12.51 -43.54 15.91
CA ALA A 225 11.66 -44.72 15.83
C ALA A 225 10.37 -44.35 15.11
N LYS A 226 9.75 -45.36 14.49
CA LYS A 226 8.47 -45.17 13.84
C LYS A 226 7.45 -44.65 14.85
N SER A 227 6.63 -43.70 14.40
CA SER A 227 5.67 -43.07 15.29
C SER A 227 4.60 -44.06 15.75
N VAL A 228 4.01 -43.76 16.91
CA VAL A 228 2.84 -44.47 17.41
C VAL A 228 1.63 -43.58 17.20
N LYS A 229 0.50 -44.20 16.85
CA LYS A 229 -0.69 -43.48 16.41
C LYS A 229 -1.83 -43.71 17.39
N TYR A 230 -2.42 -42.61 17.86
CA TYR A 230 -3.64 -42.65 18.66
C TYR A 230 -4.75 -42.00 17.84
N THR A 231 -5.84 -42.72 17.64
CA THR A 231 -6.91 -42.30 16.74
C THR A 231 -8.15 -41.88 17.54
N VAL A 232 -8.76 -40.79 17.13
CA VAL A 232 -10.07 -40.38 17.62
C VAL A 232 -11.04 -40.46 16.46
N ASN A 233 -12.07 -41.29 16.61
CA ASN A 233 -13.12 -41.41 15.60
C ASN A 233 -14.26 -40.47 15.98
N PHE A 234 -14.38 -39.35 15.26
CA PHE A 234 -15.34 -38.32 15.61
C PHE A 234 -16.78 -38.80 15.43
N LEU A 235 -17.00 -39.86 14.66
CA LEU A 235 -18.34 -40.41 14.51
C LEU A 235 -18.77 -41.20 15.74
N GLU A 236 -17.83 -41.72 16.52
CA GLU A 236 -18.13 -42.60 17.64
C GLU A 236 -17.78 -42.02 19.00
N ALA A 237 -16.83 -41.09 19.06
CA ALA A 237 -16.38 -40.58 20.35
C ALA A 237 -17.43 -39.66 20.98
N LYS A 238 -17.38 -39.59 22.30
CA LYS A 238 -18.17 -38.64 23.08
C LYS A 238 -17.24 -37.66 23.76
N GLU A 239 -17.81 -36.53 24.21
CA GLU A 239 -17.01 -35.50 24.87
C GLU A 239 -16.19 -36.08 26.01
N GLY A 240 -16.80 -36.95 26.82
CA GLY A 240 -16.12 -37.48 27.98
C GLY A 240 -14.84 -38.23 27.63
N ASP A 241 -14.78 -38.81 26.43
CA ASP A 241 -13.60 -39.57 26.03
C ASP A 241 -12.35 -38.69 25.96
N LEU A 242 -12.51 -37.37 25.89
CA LEU A 242 -11.38 -36.47 25.77
C LEU A 242 -10.97 -35.81 27.08
N HIS A 243 -11.72 -36.02 28.16
CA HIS A 243 -11.30 -35.49 29.46
C HIS A 243 -10.03 -36.18 29.95
N ARG A 244 -9.82 -37.43 29.55
CA ARG A 244 -8.66 -38.21 29.98
C ARG A 244 -8.21 -39.04 28.79
N ILE A 245 -7.09 -38.67 28.19
CA ILE A 245 -6.57 -39.34 27.00
C ILE A 245 -5.28 -40.04 27.40
N GLU A 246 -5.33 -41.37 27.50
CA GLU A 246 -4.18 -42.19 27.86
C GLU A 246 -3.61 -42.81 26.60
N ILE A 247 -2.39 -42.43 26.26
CA ILE A 247 -1.73 -42.95 25.05
C ILE A 247 -0.55 -43.81 25.47
N PRO A 248 -0.69 -45.13 25.52
CA PRO A 248 0.48 -45.99 25.73
C PRO A 248 1.30 -46.10 24.46
N PHE A 249 2.59 -46.40 24.64
CA PHE A 249 3.49 -46.52 23.51
C PHE A 249 4.61 -47.50 23.84
N LYS A 250 5.03 -48.25 22.81
CA LYS A 250 6.23 -49.06 22.87
C LYS A 250 7.00 -48.79 21.58
N PHE A 251 8.09 -48.02 21.68
CA PHE A 251 8.87 -47.65 20.51
C PHE A 251 10.01 -48.63 20.32
N HIS A 252 10.20 -49.10 19.10
CA HIS A 252 11.31 -49.98 18.75
C HIS A 252 12.38 -49.13 18.06
N MET A 253 13.48 -48.90 18.77
CA MET A 253 14.43 -47.87 18.38
C MET A 253 15.17 -48.27 17.10
N LEU A 254 15.19 -47.36 16.13
CA LEU A 254 15.90 -47.59 14.88
C LEU A 254 17.33 -47.07 14.92
N HIS A 255 17.60 -46.07 15.76
CA HIS A 255 18.94 -45.52 15.92
C HIS A 255 19.33 -45.57 17.39
N SER A 256 20.62 -45.55 17.63
CA SER A 256 21.18 -45.46 18.98
C SER A 256 21.47 -44.01 19.31
N GLY A 257 21.19 -43.62 20.55
CA GLY A 257 21.46 -42.28 20.99
C GLY A 257 20.61 -41.92 22.19
N LEU A 258 20.71 -40.65 22.59
CA LEU A 258 19.99 -40.14 23.74
C LEU A 258 18.63 -39.62 23.31
N VAL A 259 17.58 -40.08 24.00
CA VAL A 259 16.22 -39.63 23.74
C VAL A 259 15.93 -38.46 24.68
N HIS A 260 15.64 -37.29 24.10
CA HIS A 260 15.41 -36.09 24.89
C HIS A 260 13.93 -35.78 25.11
N GLY A 261 13.03 -36.50 24.45
CA GLY A 261 11.61 -36.25 24.64
C GLY A 261 10.79 -36.93 23.56
N LEU A 262 9.56 -36.44 23.41
CA LEU A 262 8.62 -36.96 22.42
C LEU A 262 8.14 -35.82 21.52
N ALA A 263 8.12 -36.08 20.22
CA ALA A 263 7.61 -35.13 19.24
C ALA A 263 6.18 -35.52 18.87
N PHE A 264 5.34 -34.51 18.65
CA PHE A 264 3.92 -34.71 18.41
C PHE A 264 3.50 -34.01 17.12
N TRP A 265 2.66 -34.70 16.34
CA TRP A 265 1.96 -34.10 15.22
C TRP A 265 0.67 -34.87 15.02
N PHE A 266 -0.17 -34.39 14.10
CA PHE A 266 -1.46 -35.04 13.90
C PHE A 266 -1.89 -34.94 12.44
N ASP A 267 -2.73 -35.88 12.04
CA ASP A 267 -3.42 -35.86 10.77
C ASP A 267 -4.92 -35.99 11.03
N VAL A 268 -5.72 -35.47 10.10
CA VAL A 268 -7.15 -35.71 10.09
C VAL A 268 -7.55 -36.15 8.69
N ALA A 269 -8.63 -36.92 8.62
CA ALA A 269 -9.13 -37.42 7.34
C ALA A 269 -10.58 -37.05 7.18
N PHE A 270 -10.94 -36.61 5.98
CA PHE A 270 -12.33 -36.36 5.61
C PHE A 270 -12.77 -37.57 4.79
N ILE A 271 -13.54 -38.47 5.41
CA ILE A 271 -13.94 -39.72 4.79
C ILE A 271 -15.29 -39.48 4.12
N GLY A 272 -15.27 -39.19 2.82
CA GLY A 272 -16.48 -38.90 2.07
C GLY A 272 -16.91 -40.08 1.20
N SER A 273 -18.06 -39.87 0.53
CA SER A 273 -18.61 -40.92 -0.32
C SER A 273 -17.80 -41.09 -1.60
N ILE A 274 -17.18 -40.03 -2.09
CA ILE A 274 -16.39 -40.12 -3.31
C ILE A 274 -14.93 -40.48 -3.02
N MET A 275 -14.35 -39.89 -1.98
CA MET A 275 -12.95 -40.14 -1.68
C MET A 275 -12.66 -39.68 -0.26
N THR A 276 -11.49 -40.08 0.24
CA THR A 276 -10.98 -39.62 1.53
C THR A 276 -9.83 -38.65 1.27
N VAL A 277 -9.90 -37.48 1.90
CA VAL A 277 -8.87 -36.46 1.78
C VAL A 277 -8.19 -36.31 3.14
N TRP A 278 -6.87 -36.20 3.13
CA TRP A 278 -6.07 -36.13 4.34
C TRP A 278 -5.47 -34.74 4.50
N LEU A 279 -5.42 -34.28 5.75
CA LEU A 279 -4.71 -33.06 6.13
C LEU A 279 -3.69 -33.45 7.19
N SER A 280 -2.40 -33.34 6.85
CA SER A 280 -1.32 -33.81 7.71
C SER A 280 -0.42 -32.66 8.12
N THR A 281 -0.08 -32.62 9.41
CA THR A 281 0.89 -31.67 9.93
C THR A 281 2.22 -32.35 10.24
N ALA A 282 2.47 -33.52 9.65
CA ALA A 282 3.67 -34.27 9.92
C ALA A 282 4.90 -33.48 9.50
N PRO A 283 6.06 -33.76 10.12
CA PRO A 283 7.29 -33.04 9.73
C PRO A 283 7.75 -33.38 8.32
N THR A 284 7.14 -34.37 7.67
CA THR A 284 7.45 -34.70 6.29
C THR A 284 6.57 -33.95 5.29
N GLU A 285 5.62 -33.17 5.76
CA GLU A 285 4.69 -32.44 4.90
C GLU A 285 4.91 -30.95 5.00
N PRO A 286 4.42 -30.17 4.04
CA PRO A 286 4.57 -28.71 4.11
C PRO A 286 4.14 -28.16 5.46
N LEU A 287 4.86 -27.15 5.92
CA LEU A 287 4.60 -26.58 7.24
C LEU A 287 3.23 -25.90 7.27
N THR A 288 2.61 -25.96 8.44
CA THR A 288 1.33 -25.31 8.69
C THR A 288 1.45 -24.46 9.96
N HIS A 289 0.41 -23.67 10.23
CA HIS A 289 0.42 -22.84 11.44
C HIS A 289 0.36 -23.68 12.71
N TRP A 290 0.16 -25.00 12.60
CA TRP A 290 0.23 -25.86 13.76
C TRP A 290 1.66 -26.30 14.07
N TYR A 291 2.56 -26.24 13.10
CA TYR A 291 3.95 -26.68 13.28
C TYR A 291 3.91 -28.12 13.83
N GLN A 292 4.91 -28.46 14.64
CA GLN A 292 4.91 -29.66 15.45
C GLN A 292 5.18 -29.28 16.89
N VAL A 293 5.04 -30.24 17.79
CA VAL A 293 5.18 -30.02 19.23
C VAL A 293 6.13 -31.05 19.80
N ARG A 294 7.04 -30.60 20.67
CA ARG A 294 8.00 -31.48 21.33
C ARG A 294 7.93 -31.27 22.83
N CYS A 295 7.82 -32.37 23.56
CA CYS A 295 7.84 -32.35 25.02
C CYS A 295 9.13 -33.03 25.47
N LEU A 296 9.97 -32.28 26.18
CA LEU A 296 11.26 -32.79 26.62
C LEU A 296 11.11 -33.67 27.85
N PHE A 297 11.99 -34.66 27.96
CA PHE A 297 12.18 -35.37 29.22
C PHE A 297 13.08 -34.54 30.13
N GLN A 298 12.84 -34.67 31.44
CA GLN A 298 13.69 -33.98 32.40
C GLN A 298 15.13 -34.48 32.32
N SER A 299 15.29 -35.80 32.16
CA SER A 299 16.60 -36.40 31.98
C SER A 299 16.55 -37.26 30.71
N PRO A 300 17.51 -37.14 29.81
CA PRO A 300 17.49 -37.99 28.61
C PRO A 300 17.71 -39.45 28.96
N LEU A 301 17.25 -40.31 28.06
CA LEU A 301 17.37 -41.75 28.21
C LEU A 301 18.23 -42.31 27.08
N PHE A 302 19.23 -43.11 27.43
CA PHE A 302 20.04 -43.75 26.42
C PHE A 302 19.36 -45.02 25.92
N ALA A 303 19.24 -45.15 24.62
CA ALA A 303 18.70 -46.35 23.99
C ALA A 303 19.56 -46.68 22.78
N LYS A 304 19.59 -47.96 22.42
CA LYS A 304 20.35 -48.43 21.28
C LYS A 304 19.40 -49.07 20.27
N ALA A 305 19.83 -49.09 19.02
CA ALA A 305 19.04 -49.70 17.96
C ALA A 305 18.67 -51.12 18.34
N GLY A 306 17.36 -51.38 18.42
CA GLY A 306 16.84 -52.66 18.84
C GLY A 306 16.17 -52.65 20.19
N ASP A 307 16.52 -51.70 21.05
CA ASP A 307 15.86 -51.59 22.34
C ASP A 307 14.42 -51.12 22.16
N THR A 308 13.65 -51.20 23.25
CA THR A 308 12.28 -50.74 23.27
C THR A 308 12.14 -49.63 24.31
N LEU A 309 11.40 -48.59 23.94
CA LEU A 309 11.10 -47.47 24.82
C LEU A 309 9.60 -47.48 25.10
N SER A 310 9.21 -47.90 26.30
CA SER A 310 7.82 -48.12 26.64
C SER A 310 7.37 -47.18 27.74
N GLY A 311 6.12 -46.76 27.66
CA GLY A 311 5.57 -45.84 28.64
C GLY A 311 4.17 -45.42 28.25
N THR A 312 3.74 -44.27 28.80
CA THR A 312 2.42 -43.74 28.52
C THR A 312 2.48 -42.22 28.47
N CYS A 313 1.68 -41.65 27.57
CA CYS A 313 1.44 -40.21 27.52
C CYS A 313 0.00 -39.99 27.96
N LEU A 314 -0.18 -39.31 29.09
CA LEU A 314 -1.48 -39.10 29.69
C LEU A 314 -1.85 -37.62 29.60
N LEU A 315 -2.96 -37.33 28.92
CA LEU A 315 -3.46 -35.96 28.78
C LEU A 315 -4.68 -35.80 29.66
N ILE A 316 -4.63 -34.81 30.56
CA ILE A 316 -5.70 -34.55 31.50
C ILE A 316 -6.23 -33.16 31.22
N ALA A 317 -7.47 -33.08 30.75
CA ALA A 317 -8.06 -31.79 30.41
C ALA A 317 -8.19 -30.93 31.66
N ASN A 318 -8.02 -29.62 31.47
CA ASN A 318 -8.15 -28.66 32.55
C ASN A 318 -9.14 -27.57 32.17
N LYS A 319 -9.57 -26.81 33.16
CA LYS A 319 -10.59 -25.78 32.94
C LYS A 319 -10.04 -24.52 32.28
N ARG A 320 -8.77 -24.51 31.86
CA ARG A 320 -8.20 -23.44 31.06
C ARG A 320 -8.20 -23.78 29.57
N GLN A 321 -9.12 -24.65 29.14
CA GLN A 321 -9.26 -25.00 27.73
C GLN A 321 -8.00 -25.66 27.17
N SER A 322 -7.31 -26.44 28.00
CA SER A 322 -6.10 -27.12 27.55
C SER A 322 -5.92 -28.39 28.37
N TYR A 323 -4.69 -28.91 28.40
CA TYR A 323 -4.40 -30.18 29.04
C TYR A 323 -3.13 -30.09 29.85
N ASP A 324 -3.10 -30.80 30.98
CA ASP A 324 -1.86 -31.11 31.67
C ASP A 324 -1.31 -32.41 31.10
N ILE A 325 -0.06 -32.39 30.66
CA ILE A 325 0.56 -33.51 29.98
C ILE A 325 1.46 -34.25 30.98
N SER A 326 1.26 -35.55 31.10
CA SER A 326 2.10 -36.42 31.92
C SER A 326 2.70 -37.49 31.02
N ILE A 327 4.03 -37.48 30.91
CA ILE A 327 4.76 -38.45 30.10
C ILE A 327 5.72 -39.19 31.00
N VAL A 328 5.68 -40.52 30.94
CA VAL A 328 6.64 -41.39 31.62
C VAL A 328 7.15 -42.39 30.61
N ALA A 329 8.47 -42.58 30.55
CA ALA A 329 9.08 -43.47 29.58
C ALA A 329 10.23 -44.22 30.23
N GLN A 330 10.54 -45.38 29.67
CA GLN A 330 11.51 -46.29 30.25
C GLN A 330 12.13 -47.13 29.15
N VAL A 331 13.44 -47.33 29.23
CA VAL A 331 14.14 -48.27 28.35
C VAL A 331 14.02 -49.65 28.98
N ASP A 332 13.30 -50.56 28.31
CA ASP A 332 13.00 -51.85 28.91
C ASP A 332 14.26 -52.68 29.17
N GLN A 333 15.27 -52.55 28.32
CA GLN A 333 16.47 -53.35 28.45
C GLN A 333 17.39 -52.89 29.57
N THR A 334 17.14 -51.72 30.17
CA THR A 334 18.00 -51.20 31.22
C THR A 334 17.26 -50.70 32.45
N GLY A 335 15.95 -50.46 32.36
CA GLY A 335 15.21 -49.89 33.47
C GLY A 335 15.39 -48.41 33.67
N SER A 336 16.26 -47.76 32.88
CA SER A 336 16.40 -46.32 32.95
C SER A 336 15.07 -45.65 32.64
N LYS A 337 14.68 -44.69 33.48
CA LYS A 337 13.34 -44.14 33.47
C LYS A 337 13.40 -42.62 33.55
N SER A 338 12.45 -41.98 32.89
CA SER A 338 12.31 -40.53 32.96
C SER A 338 10.84 -40.17 32.80
N SER A 339 10.54 -38.92 33.13
CA SER A 339 9.17 -38.43 33.06
C SER A 339 9.23 -36.91 32.88
N ASN A 340 8.04 -36.30 32.83
CA ASN A 340 7.90 -34.85 32.84
C ASN A 340 6.44 -34.44 32.90
N LEU A 341 6.17 -33.24 33.42
CA LEU A 341 4.84 -32.68 33.45
C LEU A 341 4.87 -31.38 32.65
N LEU A 342 3.94 -31.24 31.71
CA LEU A 342 3.92 -30.07 30.83
C LEU A 342 2.55 -29.43 30.85
N ASP A 343 2.54 -28.11 30.73
CA ASP A 343 1.32 -27.31 30.69
C ASP A 343 1.14 -26.86 29.24
N LEU A 344 0.23 -27.54 28.52
CA LEU A 344 0.05 -27.25 27.11
C LEU A 344 -0.55 -25.86 26.87
N LYS A 345 -1.13 -25.23 27.90
CA LYS A 345 -1.69 -23.90 27.70
C LYS A 345 -0.63 -22.87 27.40
N ASN A 346 0.57 -23.01 27.99
CA ASN A 346 1.65 -22.04 27.86
C ASN A 346 2.84 -22.70 27.17
N PRO A 347 2.81 -22.83 25.86
CA PRO A 347 3.96 -23.39 25.13
C PRO A 347 5.00 -22.33 24.80
N PHE A 348 6.20 -22.80 24.48
CA PHE A 348 7.27 -21.93 24.01
C PHE A 348 7.29 -21.97 22.50
N PHE A 349 7.04 -20.82 21.87
CA PHE A 349 7.09 -20.70 20.41
C PHE A 349 8.53 -20.42 20.02
N ARG A 350 9.23 -21.47 19.59
CA ARG A 350 10.65 -21.40 19.29
C ARG A 350 10.94 -21.16 17.81
N TYR A 351 9.93 -21.31 16.94
CA TYR A 351 10.16 -21.18 15.51
C TYR A 351 10.68 -19.80 15.15
N THR A 352 11.59 -19.75 14.19
CA THR A 352 12.12 -18.50 13.66
C THR A 352 11.83 -18.39 12.17
N ARG B 9 -14.92 -5.03 46.86
CA ARG B 9 -15.05 -3.62 47.19
C ARG B 9 -13.69 -2.92 47.23
N SER B 10 -12.64 -3.62 46.81
CA SER B 10 -11.33 -3.01 46.73
C SER B 10 -11.25 -2.09 45.52
N VAL B 11 -10.41 -1.06 45.64
CA VAL B 11 -10.24 -0.12 44.53
C VAL B 11 -9.79 -0.85 43.27
N PHE B 12 -8.97 -1.89 43.42
CA PHE B 12 -8.47 -2.61 42.26
C PHE B 12 -9.60 -3.31 41.51
N SER B 13 -10.37 -4.14 42.21
CA SER B 13 -11.41 -4.91 41.56
C SER B 13 -12.49 -4.02 40.96
N GLU B 14 -12.71 -2.84 41.53
CA GLU B 14 -13.73 -1.93 41.01
C GLU B 14 -13.35 -1.36 39.65
N ARG B 15 -12.07 -1.37 39.30
CA ARG B 15 -11.61 -0.82 38.02
C ARG B 15 -11.07 -1.89 37.09
N THR B 16 -11.22 -3.17 37.42
CA THR B 16 -10.58 -4.24 36.66
C THR B 16 -11.55 -5.40 36.46
N GLU B 17 -11.75 -5.79 35.20
CA GLU B 17 -12.47 -7.03 34.92
C GLU B 17 -11.69 -8.20 35.51
N GLU B 18 -12.42 -9.14 36.11
CA GLU B 18 -11.76 -10.31 36.69
C GLU B 18 -10.92 -11.03 35.65
N SER B 19 -11.44 -11.17 34.42
CA SER B 19 -10.71 -11.89 33.39
C SER B 19 -9.34 -11.26 33.12
N SER B 20 -9.28 -9.92 33.09
CA SER B 20 -8.01 -9.25 32.85
C SER B 20 -7.06 -9.44 34.02
N ALA B 21 -7.57 -9.37 35.25
CA ALA B 21 -6.70 -9.49 36.42
C ALA B 21 -6.07 -10.88 36.49
N VAL B 22 -6.86 -11.93 36.27
CA VAL B 22 -6.34 -13.28 36.36
C VAL B 22 -5.16 -13.46 35.40
N GLN B 23 -5.36 -13.11 34.13
CA GLN B 23 -4.30 -13.30 33.14
C GLN B 23 -3.11 -12.41 33.45
N TYR B 24 -3.37 -11.17 33.84
CA TYR B 24 -2.29 -10.24 34.18
C TYR B 24 -1.33 -10.86 35.18
N PHE B 25 -1.86 -11.34 36.30
CA PHE B 25 -1.01 -11.87 37.37
C PHE B 25 -0.49 -13.26 37.08
N GLN B 26 -1.18 -14.05 36.24
CA GLN B 26 -0.57 -15.28 35.74
C GLN B 26 0.64 -14.97 34.87
N PHE B 27 0.53 -13.96 34.01
CA PHE B 27 1.65 -13.58 33.16
C PHE B 27 2.88 -13.22 33.97
N TYR B 28 2.71 -12.44 35.03
CA TYR B 28 3.84 -12.01 35.84
C TYR B 28 4.23 -13.01 36.92
N GLY B 29 3.53 -14.14 37.02
CA GLY B 29 3.99 -15.21 37.88
C GLY B 29 5.14 -16.01 37.32
N TYR B 30 5.55 -15.74 36.09
CA TYR B 30 6.56 -16.53 35.40
C TYR B 30 7.96 -15.96 35.66
N LEU B 31 8.88 -16.84 36.04
CA LEU B 31 10.27 -16.42 36.26
C LEU B 31 10.93 -15.95 34.96
N SER B 32 10.53 -16.53 33.83
CA SER B 32 11.10 -16.12 32.55
C SER B 32 10.78 -14.66 32.25
N GLN B 33 9.64 -14.17 32.74
CA GLN B 33 9.31 -12.76 32.56
C GLN B 33 10.06 -11.87 33.55
N GLN B 34 10.36 -12.36 34.75
CA GLN B 34 11.23 -11.62 35.65
C GLN B 34 12.62 -11.48 35.06
N GLN B 35 13.13 -12.54 34.44
CA GLN B 35 14.45 -12.48 33.82
C GLN B 35 14.50 -11.40 32.74
N ASN B 36 13.48 -11.34 31.88
CA ASN B 36 13.46 -10.35 30.81
C ASN B 36 13.58 -8.94 31.37
N MET B 37 12.82 -8.63 32.42
CA MET B 37 12.87 -7.30 33.01
C MET B 37 14.21 -7.06 33.70
N MET B 38 14.67 -8.04 34.49
CA MET B 38 15.92 -7.86 35.23
C MET B 38 17.11 -7.73 34.30
N GLN B 39 17.10 -8.44 33.17
CA GLN B 39 18.22 -8.40 32.23
C GLN B 39 18.29 -7.10 31.43
N ASP B 40 17.33 -6.20 31.58
CA ASP B 40 17.44 -4.87 30.99
C ASP B 40 18.35 -4.05 31.89
N TYR B 41 19.64 -4.03 31.55
CA TYR B 41 20.63 -3.39 32.42
C TYR B 41 20.34 -1.91 32.61
N VAL B 42 19.77 -1.26 31.60
CA VAL B 42 19.43 0.16 31.74
C VAL B 42 18.40 0.36 32.84
N ARG B 43 17.36 -0.49 32.85
CA ARG B 43 16.36 -0.43 33.90
C ARG B 43 16.97 -0.76 35.26
N THR B 44 17.56 -1.95 35.37
CA THR B 44 18.04 -2.43 36.66
C THR B 44 19.23 -1.62 37.15
N GLY B 45 20.10 -1.21 36.23
CA GLY B 45 21.27 -0.43 36.62
C GLY B 45 20.91 0.98 37.07
N THR B 46 19.94 1.60 36.40
CA THR B 46 19.55 2.96 36.76
C THR B 46 18.78 2.98 38.07
N TYR B 47 17.90 1.99 38.29
CA TYR B 47 17.19 1.90 39.56
C TYR B 47 18.16 1.74 40.72
N GLN B 48 19.17 0.88 40.56
CA GLN B 48 20.16 0.72 41.62
C GLN B 48 20.95 2.00 41.83
N ARG B 49 21.31 2.69 40.75
CA ARG B 49 22.05 3.94 40.87
C ARG B 49 21.23 4.97 41.64
N ALA B 50 19.95 5.12 41.27
CA ALA B 50 19.10 6.11 41.93
C ALA B 50 18.96 5.82 43.41
N ILE B 51 18.91 4.55 43.79
CA ILE B 51 18.71 4.18 45.19
C ILE B 51 20.00 4.31 45.97
N LEU B 52 21.09 3.73 45.45
CA LEU B 52 22.36 3.74 46.19
C LEU B 52 22.96 5.14 46.27
N GLN B 53 22.90 5.90 45.17
CA GLN B 53 23.41 7.27 45.19
C GLN B 53 22.61 8.18 46.11
N ASN B 54 21.35 7.83 46.40
CA ASN B 54 20.56 8.57 47.38
C ASN B 54 20.33 7.72 48.62
N HIS B 55 21.39 7.11 49.15
CA HIS B 55 21.24 6.19 50.27
C HIS B 55 20.76 6.89 51.52
N THR B 56 21.02 8.20 51.66
CA THR B 56 20.50 8.93 52.81
C THR B 56 18.97 8.89 52.84
N ASP B 57 18.34 8.82 51.68
CA ASP B 57 16.89 8.72 51.61
C ASP B 57 16.38 7.35 52.08
N PHE B 58 17.28 6.38 52.27
CA PHE B 58 16.88 5.04 52.67
C PHE B 58 17.50 4.59 53.98
N LYS B 59 18.59 5.21 54.43
CA LYS B 59 19.27 4.77 55.64
C LYS B 59 18.32 4.81 56.83
N ASP B 60 18.09 3.65 57.45
CA ASP B 60 17.28 3.54 58.66
C ASP B 60 15.85 4.03 58.44
N LYS B 61 15.33 3.85 57.24
CA LYS B 61 13.98 4.29 56.90
C LYS B 61 13.08 3.08 56.68
N ILE B 62 11.78 3.34 56.62
CA ILE B 62 10.78 2.33 56.29
C ILE B 62 10.42 2.50 54.82
N VAL B 63 10.38 1.39 54.09
CA VAL B 63 10.19 1.39 52.65
C VAL B 63 9.01 0.50 52.29
N LEU B 64 8.30 0.90 51.23
CA LEU B 64 7.27 0.09 50.61
C LEU B 64 7.63 -0.10 49.14
N ASP B 65 7.71 -1.35 48.70
CA ASP B 65 8.00 -1.69 47.30
C ASP B 65 6.74 -2.26 46.68
N VAL B 66 6.16 -1.52 45.73
CA VAL B 66 4.89 -1.88 45.12
C VAL B 66 5.16 -2.76 43.90
N GLY B 67 4.65 -3.98 43.91
CA GLY B 67 4.84 -4.91 42.82
C GLY B 67 6.29 -5.36 42.71
N CYS B 68 6.81 -5.93 43.79
CA CYS B 68 8.24 -6.24 43.90
C CYS B 68 8.66 -7.36 42.96
N GLY B 69 7.74 -8.17 42.48
CA GLY B 69 8.13 -9.29 41.64
C GLY B 69 9.05 -10.21 42.41
N SER B 70 10.25 -10.44 41.87
CA SER B 70 11.25 -11.24 42.56
C SER B 70 11.92 -10.50 43.71
N GLY B 71 11.75 -9.18 43.80
CA GLY B 71 12.21 -8.42 44.94
C GLY B 71 13.46 -7.61 44.74
N ILE B 72 13.91 -7.42 43.49
CA ILE B 72 15.21 -6.80 43.25
C ILE B 72 15.27 -5.41 43.88
N LEU B 73 14.22 -4.61 43.70
CA LEU B 73 14.24 -3.25 44.23
C LEU B 73 14.31 -3.25 45.75
N SER B 74 13.59 -4.18 46.40
CA SER B 74 13.69 -4.31 47.85
C SER B 74 15.11 -4.64 48.28
N PHE B 75 15.85 -5.40 47.47
CA PHE B 75 17.23 -5.69 47.82
C PHE B 75 18.10 -4.44 47.70
N PHE B 76 17.81 -3.59 46.72
CA PHE B 76 18.56 -2.33 46.59
C PHE B 76 18.35 -1.44 47.81
N ALA B 77 17.12 -1.35 48.29
CA ALA B 77 16.85 -0.56 49.50
C ALA B 77 17.54 -1.16 50.71
N ALA B 78 17.62 -2.49 50.78
CA ALA B 78 18.35 -3.13 51.87
C ALA B 78 19.84 -2.81 51.80
N GLN B 79 20.38 -2.75 50.58
CA GLN B 79 21.79 -2.37 50.42
C GLN B 79 22.03 -0.93 50.87
N ALA B 80 21.02 -0.08 50.75
CA ALA B 80 21.15 1.32 51.12
C ALA B 80 20.83 1.59 52.59
N GLY B 81 20.62 0.55 53.39
CA GLY B 81 20.47 0.70 54.82
C GLY B 81 19.05 0.83 55.33
N ALA B 82 18.05 0.55 54.50
CA ALA B 82 16.66 0.62 54.96
C ALA B 82 16.46 -0.22 56.21
N ARG B 83 15.72 0.34 57.17
CA ARG B 83 15.46 -0.38 58.41
C ARG B 83 14.44 -1.50 58.20
N LYS B 84 13.46 -1.28 57.32
CA LYS B 84 12.40 -2.25 57.10
C LYS B 84 11.77 -1.99 55.74
N ILE B 85 11.58 -3.06 54.96
CA ILE B 85 11.03 -2.96 53.61
C ILE B 85 9.84 -3.90 53.52
N TYR B 86 8.68 -3.34 53.13
CA TYR B 86 7.48 -4.13 52.88
C TYR B 86 7.34 -4.30 51.37
N ALA B 87 7.49 -5.53 50.90
CA ALA B 87 7.49 -5.84 49.47
C ALA B 87 6.17 -6.51 49.13
N VAL B 88 5.29 -5.77 48.45
CA VAL B 88 3.96 -6.24 48.11
C VAL B 88 3.98 -6.82 46.70
N GLU B 89 3.35 -7.98 46.53
CA GLU B 89 3.27 -8.63 45.24
C GLU B 89 2.03 -9.52 45.22
N ALA B 90 1.22 -9.40 44.17
CA ALA B 90 -0.03 -10.12 44.09
C ALA B 90 0.07 -11.43 43.31
N SER B 91 1.12 -11.63 42.54
CA SER B 91 1.28 -12.85 41.77
C SER B 91 1.94 -13.93 42.61
N THR B 92 2.00 -15.15 42.06
CA THR B 92 2.69 -16.24 42.73
C THR B 92 4.19 -16.00 42.83
N MET B 93 4.72 -15.00 42.11
CA MET B 93 6.12 -14.62 42.25
C MET B 93 6.44 -14.20 43.68
N ALA B 94 5.43 -13.82 44.48
CA ALA B 94 5.68 -13.42 45.86
C ALA B 94 6.38 -14.53 46.64
N GLN B 95 5.99 -15.78 46.41
CA GLN B 95 6.64 -16.89 47.10
C GLN B 95 8.09 -17.04 46.68
N HIS B 96 8.43 -16.70 45.43
CA HIS B 96 9.82 -16.74 45.00
C HIS B 96 10.63 -15.62 45.66
N ALA B 97 10.02 -14.45 45.82
CA ALA B 97 10.68 -13.38 46.57
C ALA B 97 11.09 -13.86 47.95
N GLU B 98 10.16 -14.49 48.67
CA GLU B 98 10.47 -14.99 50.02
C GLU B 98 11.69 -15.90 50.00
N VAL B 99 11.79 -16.78 49.01
CA VAL B 99 12.93 -17.69 48.93
C VAL B 99 14.23 -16.91 48.83
N LEU B 100 14.26 -15.86 48.00
CA LEU B 100 15.47 -15.07 47.86
C LEU B 100 15.77 -14.26 49.10
N VAL B 101 14.75 -13.83 49.84
CA VAL B 101 14.99 -13.10 51.09
C VAL B 101 15.66 -14.02 52.09
N LYS B 102 15.21 -15.27 52.17
CA LYS B 102 15.80 -16.20 53.13
C LYS B 102 17.22 -16.58 52.71
N SER B 103 17.41 -16.94 51.44
CA SER B 103 18.73 -17.37 50.99
C SER B 103 19.74 -16.22 50.98
N ASN B 104 19.28 -14.97 50.98
CA ASN B 104 20.16 -13.82 51.07
C ASN B 104 20.27 -13.28 52.50
N ASN B 105 19.71 -13.98 53.48
CA ASN B 105 19.87 -13.63 54.89
C ASN B 105 19.41 -12.20 55.17
N LEU B 106 18.21 -11.86 54.68
CA LEU B 106 17.62 -10.55 54.90
C LEU B 106 16.24 -10.64 55.51
N THR B 107 15.91 -11.77 56.14
CA THR B 107 14.59 -11.96 56.75
C THR B 107 14.28 -10.91 57.80
N ASP B 108 15.30 -10.31 58.41
CA ASP B 108 15.08 -9.29 59.43
C ASP B 108 14.74 -7.92 58.84
N ARG B 109 14.78 -7.76 57.53
CA ARG B 109 14.63 -6.45 56.92
C ARG B 109 13.60 -6.42 55.79
N ILE B 110 13.48 -7.48 55.01
CA ILE B 110 12.54 -7.54 53.89
C ILE B 110 11.39 -8.44 54.30
N VAL B 111 10.19 -7.88 54.33
CA VAL B 111 8.97 -8.61 54.67
C VAL B 111 8.11 -8.64 53.42
N VAL B 112 8.03 -9.81 52.79
CA VAL B 112 7.12 -9.99 51.67
C VAL B 112 5.69 -10.05 52.20
N ILE B 113 4.81 -9.23 51.62
CA ILE B 113 3.40 -9.21 51.96
C ILE B 113 2.61 -9.52 50.70
N PRO B 114 2.18 -10.76 50.51
CA PRO B 114 1.50 -11.12 49.27
C PRO B 114 0.10 -10.54 49.19
N GLY B 115 -0.32 -10.24 47.98
CA GLY B 115 -1.61 -9.64 47.71
C GLY B 115 -1.48 -8.35 46.93
N LYS B 116 -2.63 -7.77 46.62
CA LYS B 116 -2.67 -6.50 45.91
C LYS B 116 -2.50 -5.35 46.90
N VAL B 117 -1.76 -4.32 46.49
CA VAL B 117 -1.49 -3.19 47.38
C VAL B 117 -2.77 -2.50 47.79
N GLU B 118 -3.83 -2.62 46.99
CA GLU B 118 -5.13 -2.05 47.32
C GLU B 118 -5.89 -2.89 48.34
N GLU B 119 -5.36 -4.06 48.72
CA GLU B 119 -6.09 -4.99 49.58
C GLU B 119 -5.30 -5.48 50.79
N VAL B 120 -3.97 -5.40 50.78
CA VAL B 120 -3.18 -5.84 51.91
C VAL B 120 -3.32 -4.84 53.05
N SER B 121 -2.73 -5.14 54.20
CA SER B 121 -2.75 -4.27 55.37
C SER B 121 -1.32 -4.15 55.90
N LEU B 122 -0.69 -2.98 55.70
CA LEU B 122 0.65 -2.79 56.20
C LEU B 122 0.62 -2.47 57.69
N PRO B 123 1.66 -2.86 58.43
CA PRO B 123 1.66 -2.59 59.88
C PRO B 123 1.96 -1.14 60.23
N GLU B 124 2.51 -0.34 59.32
CA GLU B 124 2.91 1.01 59.65
C GLU B 124 2.99 1.85 58.37
N GLN B 125 3.05 3.16 58.57
CA GLN B 125 3.33 4.09 57.49
C GLN B 125 4.82 4.04 57.13
N VAL B 126 5.15 4.48 55.92
CA VAL B 126 6.49 4.33 55.40
C VAL B 126 7.07 5.70 55.06
N ASP B 127 8.40 5.74 54.98
CA ASP B 127 9.10 6.98 54.63
C ASP B 127 9.21 7.18 53.13
N ILE B 128 9.19 6.11 52.35
CA ILE B 128 9.41 6.22 50.92
C ILE B 128 8.80 5.01 50.23
N ILE B 129 8.20 5.24 49.08
CA ILE B 129 7.66 4.18 48.23
C ILE B 129 8.54 4.06 47.01
N ILE B 130 8.90 2.83 46.66
CA ILE B 130 9.62 2.55 45.42
C ILE B 130 8.78 1.59 44.59
N SER B 131 8.91 1.69 43.28
CA SER B 131 8.18 0.81 42.38
C SER B 131 8.75 0.97 40.97
N GLU B 132 8.45 -0.03 40.14
CA GLU B 132 8.70 0.03 38.70
C GLU B 132 7.35 -0.22 38.03
N PRO B 133 6.47 0.78 37.99
CA PRO B 133 5.11 0.58 37.46
C PRO B 133 4.93 0.99 36.01
N MET B 134 6.00 1.31 35.28
CA MET B 134 5.87 1.83 33.94
C MET B 134 5.65 0.70 32.93
N GLY B 135 4.58 0.82 32.14
CA GLY B 135 4.38 -0.04 30.99
C GLY B 135 4.67 0.70 29.70
N TYR B 136 4.31 0.06 28.59
CA TYR B 136 4.40 0.72 27.30
C TYR B 136 3.61 2.03 27.34
N MET B 137 4.13 3.05 26.64
CA MET B 137 3.57 4.40 26.69
C MET B 137 3.43 4.89 28.14
N LEU B 138 4.21 4.32 29.05
CA LEU B 138 4.17 4.66 30.47
C LEU B 138 2.90 4.15 31.16
N PHE B 139 1.74 4.32 30.54
CA PHE B 139 0.47 4.16 31.24
C PHE B 139 -0.16 2.78 31.11
N ASN B 140 0.33 1.93 30.21
CA ASN B 140 -0.27 0.61 30.07
C ASN B 140 -0.13 -0.20 31.35
N GLU B 141 -1.12 -1.06 31.59
CA GLU B 141 -1.23 -1.89 32.81
C GLU B 141 -1.93 -1.14 33.94
N ARG B 142 -2.00 0.19 33.83
CA ARG B 142 -2.65 1.02 34.85
C ARG B 142 -2.01 0.85 36.22
N MET B 143 -0.74 0.45 36.27
CA MET B 143 -0.11 0.26 37.57
C MET B 143 0.28 1.57 38.24
N LEU B 144 0.38 2.66 37.49
CA LEU B 144 0.61 3.96 38.12
C LEU B 144 -0.47 4.27 39.14
N GLU B 145 -1.69 3.79 38.91
CA GLU B 145 -2.78 4.04 39.85
C GLU B 145 -2.55 3.28 41.16
N SER B 146 -2.01 2.05 41.06
CA SER B 146 -1.66 1.32 42.27
C SER B 146 -0.50 1.99 42.99
N TYR B 147 0.49 2.47 42.22
CA TYR B 147 1.59 3.23 42.80
C TYR B 147 1.07 4.41 43.60
N LEU B 148 0.18 5.20 43.00
CA LEU B 148 -0.36 6.37 43.68
C LEU B 148 -1.28 5.97 44.84
N HIS B 149 -2.06 4.90 44.64
CA HIS B 149 -2.93 4.43 45.71
C HIS B 149 -2.15 4.11 46.97
N ALA B 150 -0.92 3.62 46.82
CA ALA B 150 -0.09 3.25 47.97
C ALA B 150 0.29 4.44 48.84
N LYS B 151 0.09 5.67 48.37
CA LYS B 151 0.44 6.85 49.16
C LYS B 151 -0.39 6.97 50.43
N LYS B 152 -1.44 6.15 50.59
CA LYS B 152 -2.15 6.11 51.86
C LYS B 152 -1.26 5.63 53.00
N TYR B 153 -0.19 4.89 52.68
CA TYR B 153 0.76 4.43 53.68
C TYR B 153 1.97 5.35 53.81
N LEU B 154 2.02 6.47 53.09
CA LEU B 154 3.20 7.32 53.03
C LEU B 154 3.07 8.46 54.03
N LYS B 155 4.10 8.64 54.85
CA LYS B 155 4.14 9.78 55.75
C LYS B 155 4.02 11.08 54.97
N PRO B 156 3.51 12.15 55.59
CA PRO B 156 3.48 13.44 54.89
C PRO B 156 4.85 13.92 54.45
N SER B 157 5.91 13.51 55.15
CA SER B 157 7.28 13.91 54.81
C SER B 157 7.92 13.00 53.77
N GLY B 158 7.19 12.03 53.23
CA GLY B 158 7.78 10.96 52.46
C GLY B 158 8.09 11.33 51.02
N ASN B 159 8.63 10.36 50.29
CA ASN B 159 9.09 10.55 48.92
C ASN B 159 8.63 9.38 48.06
N MET B 160 8.65 9.60 46.74
CA MET B 160 8.31 8.58 45.76
C MET B 160 9.49 8.37 44.83
N PHE B 161 9.86 7.11 44.62
CA PHE B 161 10.96 6.73 43.72
C PHE B 161 10.41 5.73 42.71
N PRO B 162 10.10 6.15 41.47
CA PRO B 162 10.30 7.44 40.80
C PRO B 162 9.44 8.57 41.35
N THR B 163 9.91 9.80 41.18
CA THR B 163 9.23 10.98 41.69
C THR B 163 8.31 11.62 40.65
N ILE B 164 8.75 11.73 39.40
CA ILE B 164 7.95 12.30 38.32
C ILE B 164 8.11 11.43 37.09
N GLY B 165 7.19 11.62 36.14
CA GLY B 165 7.24 10.93 34.87
C GLY B 165 6.88 11.83 33.71
N ASP B 166 7.76 11.90 32.71
CA ASP B 166 7.55 12.75 31.54
C ASP B 166 7.16 11.88 30.35
N VAL B 167 6.06 12.23 29.70
CA VAL B 167 5.66 11.62 28.44
C VAL B 167 6.04 12.58 27.32
N HIS B 168 6.82 12.09 26.36
CA HIS B 168 7.21 12.86 25.20
C HIS B 168 6.49 12.34 23.97
N LEU B 169 6.04 13.25 23.12
CA LEU B 169 5.40 12.88 21.86
C LEU B 169 5.87 13.83 20.77
N ALA B 170 6.01 13.29 19.55
CA ALA B 170 6.52 14.07 18.43
C ALA B 170 6.01 13.44 17.14
N PRO B 171 5.82 14.23 16.09
CA PRO B 171 5.38 13.67 14.81
C PRO B 171 6.53 13.01 14.06
N PHE B 172 6.18 12.04 13.23
CA PHE B 172 7.19 11.29 12.49
C PHE B 172 6.69 11.02 11.07
N THR B 173 7.64 10.68 10.20
CA THR B 173 7.36 10.21 8.86
C THR B 173 8.00 8.84 8.66
N ASP B 174 7.25 7.93 8.04
CA ASP B 174 7.72 6.57 7.84
C ASP B 174 6.77 5.83 6.90
N GLU B 175 6.95 6.04 5.59
CA GLU B 175 6.01 5.48 4.63
C GLU B 175 6.02 3.96 4.63
N GLN B 176 7.19 3.35 4.88
CA GLN B 176 7.25 1.89 4.90
C GLN B 176 6.35 1.31 5.97
N LEU B 177 6.39 1.89 7.18
CA LEU B 177 5.52 1.42 8.25
C LEU B 177 4.06 1.60 7.88
N TYR B 178 3.71 2.75 7.29
CA TYR B 178 2.33 2.98 6.89
C TYR B 178 1.91 1.99 5.81
N MET B 179 2.77 1.75 4.82
CA MET B 179 2.44 0.79 3.77
C MET B 179 2.48 -0.64 4.30
N GLU B 180 3.34 -0.92 5.28
CA GLU B 180 3.39 -2.26 5.86
C GLU B 180 2.04 -2.64 6.46
N GLN B 181 1.40 -1.70 7.15
CA GLN B 181 0.11 -1.98 7.77
C GLN B 181 -1.02 -2.02 6.74
N PHE B 182 -1.02 -1.07 5.80
CA PHE B 182 -2.05 -1.09 4.76
C PHE B 182 -1.91 -2.33 3.87
N THR B 183 -0.72 -2.90 3.79
CA THR B 183 -0.54 -4.14 3.03
C THR B 183 -1.29 -5.29 3.71
N LYS B 184 -1.19 -5.40 5.03
CA LYS B 184 -1.86 -6.48 5.74
C LYS B 184 -3.37 -6.41 5.56
N ALA B 185 -3.92 -5.19 5.52
CA ALA B 185 -5.36 -5.03 5.41
C ALA B 185 -5.88 -5.26 4.00
N ASN B 186 -5.03 -5.19 2.98
CA ASN B 186 -5.48 -5.43 1.63
C ASN B 186 -5.96 -6.86 1.44
N PHE B 187 -5.61 -7.77 2.35
CA PHE B 187 -6.15 -9.12 2.31
C PHE B 187 -7.66 -9.11 2.25
N TRP B 188 -8.29 -8.15 2.92
CA TRP B 188 -9.74 -8.09 3.03
C TRP B 188 -10.38 -7.21 1.94
N TYR B 189 -9.60 -6.84 0.92
CA TYR B 189 -10.17 -6.27 -0.30
C TYR B 189 -10.45 -7.34 -1.36
N GLN B 190 -9.98 -8.56 -1.13
CA GLN B 190 -10.07 -9.60 -2.16
C GLN B 190 -11.52 -9.80 -2.59
N PRO B 191 -11.82 -9.75 -3.89
CA PRO B 191 -13.18 -10.06 -4.35
C PRO B 191 -13.45 -11.55 -4.52
N SER B 192 -12.42 -12.39 -4.49
CA SER B 192 -12.61 -13.82 -4.68
C SER B 192 -11.50 -14.64 -4.03
N PHE B 193 -11.47 -14.68 -2.70
CA PHE B 193 -10.55 -15.53 -1.95
C PHE B 193 -11.15 -16.93 -1.88
N HIS B 194 -10.59 -17.86 -2.65
CA HIS B 194 -11.17 -19.19 -2.78
C HIS B 194 -12.63 -19.12 -3.24
N GLY B 195 -12.97 -18.06 -3.97
CA GLY B 195 -14.31 -17.87 -4.46
C GLY B 195 -15.22 -17.04 -3.57
N VAL B 196 -14.73 -16.57 -2.43
CA VAL B 196 -15.52 -15.79 -1.50
C VAL B 196 -15.09 -14.33 -1.61
N ASP B 197 -16.09 -13.43 -1.62
CA ASP B 197 -15.83 -12.00 -1.66
C ASP B 197 -15.65 -11.50 -0.23
N LEU B 198 -14.44 -11.03 0.09
CA LEU B 198 -14.13 -10.50 1.41
C LEU B 198 -14.19 -8.98 1.47
N SER B 199 -14.34 -8.31 0.33
CA SER B 199 -14.17 -6.86 0.27
C SER B 199 -15.08 -6.11 1.23
N ALA B 200 -16.20 -6.71 1.64
CA ALA B 200 -17.13 -6.01 2.53
C ALA B 200 -16.51 -5.70 3.89
N LEU B 201 -15.41 -6.36 4.25
CA LEU B 201 -14.77 -6.17 5.55
C LEU B 201 -13.48 -5.36 5.46
N ARG B 202 -13.17 -4.79 4.29
CA ARG B 202 -11.94 -4.02 4.17
C ARG B 202 -11.91 -2.85 5.16
N GLY B 203 -13.04 -2.17 5.32
CA GLY B 203 -13.11 -1.08 6.29
C GLY B 203 -12.83 -1.56 7.70
N ALA B 204 -13.49 -2.65 8.11
CA ALA B 204 -13.26 -3.19 9.45
C ALA B 204 -11.81 -3.62 9.64
N ALA B 205 -11.17 -4.11 8.57
CA ALA B 205 -9.79 -4.58 8.69
C ALA B 205 -8.83 -3.42 8.90
N VAL B 206 -8.98 -2.35 8.13
CA VAL B 206 -8.08 -1.21 8.26
C VAL B 206 -8.19 -0.59 9.64
N ASP B 207 -9.43 -0.45 10.14
CA ASP B 207 -9.62 0.08 11.49
C ASP B 207 -8.89 -0.76 12.52
N GLU B 208 -9.02 -2.09 12.42
CA GLU B 208 -8.36 -2.98 13.38
C GLU B 208 -6.85 -2.87 13.26
N TYR B 209 -6.32 -2.84 12.05
CA TYR B 209 -4.87 -2.82 11.88
C TYR B 209 -4.27 -1.49 12.33
N PHE B 210 -4.97 -0.38 12.08
CA PHE B 210 -4.51 0.93 12.50
C PHE B 210 -4.92 1.30 13.91
N ARG B 211 -5.58 0.38 14.63
CA ARG B 211 -5.77 0.54 16.06
C ARG B 211 -4.59 0.04 16.86
N GLN B 212 -3.64 -0.65 16.23
CA GLN B 212 -2.53 -1.26 16.94
C GLN B 212 -1.39 -0.26 17.10
N PRO B 213 -1.00 0.09 18.33
CA PRO B 213 0.25 0.86 18.49
C PRO B 213 1.44 0.03 18.07
N VAL B 214 2.42 0.69 17.46
CA VAL B 214 3.61 0.03 16.93
C VAL B 214 4.71 0.17 17.97
N VAL B 215 5.12 -0.94 18.57
CA VAL B 215 6.17 -0.96 19.57
C VAL B 215 7.45 -1.44 18.88
N ASP B 216 8.43 -0.53 18.79
CA ASP B 216 9.76 -0.86 18.30
C ASP B 216 10.64 0.38 18.41
N THR B 217 11.85 0.33 17.85
CA THR B 217 12.72 1.49 17.82
C THR B 217 12.77 2.05 16.40
N PHE B 218 13.41 3.20 16.27
CA PHE B 218 13.48 3.89 14.98
C PHE B 218 14.60 4.92 15.03
N ASP B 219 14.96 5.43 13.86
CA ASP B 219 15.95 6.48 13.76
C ASP B 219 15.33 7.82 14.14
N ILE B 220 16.07 8.61 14.91
CA ILE B 220 15.56 9.88 15.40
C ILE B 220 15.32 10.87 14.27
N ARG B 221 15.88 10.63 13.09
CA ARG B 221 15.75 11.56 11.97
C ARG B 221 14.39 11.48 11.29
N ILE B 222 13.52 10.54 11.69
CA ILE B 222 12.16 10.52 11.18
C ILE B 222 11.26 11.51 11.92
N LEU B 223 11.76 12.12 13.00
CA LEU B 223 10.97 13.07 13.77
C LEU B 223 11.02 14.44 13.09
N MET B 224 9.85 15.06 12.93
CA MET B 224 9.72 16.26 12.13
C MET B 224 9.50 17.51 12.97
N ALA B 225 9.68 17.44 14.29
CA ALA B 225 9.52 18.61 15.15
C ALA B 225 10.04 18.27 16.53
N LYS B 226 10.28 19.32 17.32
CA LYS B 226 10.70 19.14 18.71
C LYS B 226 9.55 18.56 19.52
N SER B 227 9.87 17.60 20.38
CA SER B 227 8.83 16.88 21.10
C SER B 227 8.12 17.79 22.10
N VAL B 228 6.87 17.45 22.38
CA VAL B 228 6.10 18.06 23.45
C VAL B 228 6.17 17.14 24.66
N LYS B 229 6.15 17.75 25.85
CA LYS B 229 6.36 17.02 27.09
C LYS B 229 5.15 17.17 28.00
N TYR B 230 4.69 16.06 28.57
CA TYR B 230 3.62 16.04 29.54
C TYR B 230 4.13 15.38 30.81
N THR B 231 4.04 16.08 31.94
CA THR B 231 4.68 15.66 33.17
C THR B 231 3.64 15.25 34.20
N VAL B 232 3.90 14.13 34.87
CA VAL B 232 3.07 13.63 35.96
C VAL B 232 3.93 13.60 37.21
N ASN B 233 3.55 14.37 38.22
CA ASN B 233 4.27 14.42 39.49
C ASN B 233 3.63 13.41 40.44
N PHE B 234 4.31 12.29 40.68
CA PHE B 234 3.74 11.22 41.48
C PHE B 234 3.55 11.61 42.94
N LEU B 235 4.30 12.60 43.43
CA LEU B 235 4.06 13.10 44.78
C LEU B 235 2.76 13.87 44.88
N GLU B 236 2.38 14.57 43.82
CA GLU B 236 1.18 15.40 43.83
C GLU B 236 -0.05 14.68 43.29
N ALA B 237 0.13 13.83 42.28
CA ALA B 237 -1.00 13.29 41.55
C ALA B 237 -1.87 12.41 42.47
N LYS B 238 -3.13 12.28 42.08
CA LYS B 238 -4.10 11.43 42.75
C LYS B 238 -4.52 10.33 41.78
N GLU B 239 -4.86 9.17 42.35
CA GLU B 239 -5.30 8.03 41.56
C GLU B 239 -6.27 8.43 40.44
N GLY B 240 -7.30 9.20 40.80
CA GLY B 240 -8.32 9.59 39.83
C GLY B 240 -7.79 10.42 38.68
N ASP B 241 -6.63 11.05 38.84
CA ASP B 241 -6.08 11.86 37.75
C ASP B 241 -5.75 11.04 36.51
N LEU B 242 -5.52 9.74 36.67
CA LEU B 242 -5.09 8.88 35.58
C LEU B 242 -6.25 8.14 34.91
N HIS B 243 -7.49 8.43 35.29
CA HIS B 243 -8.62 7.83 34.60
C HIS B 243 -8.88 8.53 33.27
N ARG B 244 -8.57 9.82 33.19
CA ARG B 244 -8.66 10.58 31.95
C ARG B 244 -7.42 11.45 31.85
N ILE B 245 -6.61 11.23 30.83
CA ILE B 245 -5.36 11.96 30.63
C ILE B 245 -5.47 12.69 29.30
N GLU B 246 -5.47 14.02 29.35
CA GLU B 246 -5.60 14.86 28.17
C GLU B 246 -4.28 15.57 27.92
N ILE B 247 -3.68 15.32 26.76
CA ILE B 247 -2.36 15.83 26.42
C ILE B 247 -2.47 16.69 25.17
N PRO B 248 -2.74 17.99 25.27
CA PRO B 248 -2.71 18.84 24.08
C PRO B 248 -1.29 19.07 23.60
N PHE B 249 -1.17 19.39 22.32
CA PHE B 249 0.14 19.58 21.71
C PHE B 249 0.05 20.57 20.56
N LYS B 250 1.16 21.26 20.32
CA LYS B 250 1.30 22.15 19.16
C LYS B 250 2.75 22.03 18.70
N PHE B 251 2.98 21.33 17.60
CA PHE B 251 4.32 21.14 17.07
C PHE B 251 4.63 22.18 16.02
N HIS B 252 5.85 22.71 16.06
CA HIS B 252 6.36 23.60 15.03
C HIS B 252 7.19 22.76 14.06
N MET B 253 6.63 22.50 12.88
CA MET B 253 7.25 21.56 11.96
C MET B 253 8.61 22.07 11.49
N LEU B 254 9.63 21.24 11.67
CA LEU B 254 10.99 21.58 11.23
C LEU B 254 11.28 21.10 9.81
N HIS B 255 10.52 20.15 9.30
CA HIS B 255 10.71 19.65 7.94
C HIS B 255 9.35 19.53 7.26
N SER B 256 9.39 19.52 5.93
CA SER B 256 8.19 19.26 5.14
C SER B 256 8.10 17.78 4.82
N GLY B 257 6.88 17.33 4.52
CA GLY B 257 6.63 15.96 4.16
C GLY B 257 5.36 15.47 4.80
N LEU B 258 5.16 14.15 4.72
CA LEU B 258 3.95 13.52 5.25
C LEU B 258 4.16 13.14 6.72
N VAL B 259 3.23 13.55 7.56
CA VAL B 259 3.19 13.13 8.96
C VAL B 259 2.34 11.86 9.02
N HIS B 260 2.98 10.73 9.33
CA HIS B 260 2.29 9.45 9.36
C HIS B 260 1.81 9.06 10.76
N GLY B 261 2.15 9.83 11.78
CA GLY B 261 1.69 9.54 13.12
C GLY B 261 2.51 10.26 14.16
N LEU B 262 2.29 9.87 15.41
CA LEU B 262 2.99 10.44 16.56
C LEU B 262 3.81 9.35 17.26
N ALA B 263 5.04 9.70 17.61
CA ALA B 263 5.92 8.81 18.37
C ALA B 263 5.82 9.14 19.85
N PHE B 264 6.00 8.13 20.69
CA PHE B 264 5.86 8.26 22.13
C PHE B 264 7.02 7.58 22.84
N TRP B 265 7.57 8.28 23.85
CA TRP B 265 8.51 7.71 24.79
C TRP B 265 8.33 8.44 26.12
N PHE B 266 9.01 7.95 27.15
CA PHE B 266 8.84 8.54 28.48
C PHE B 266 10.15 8.52 29.25
N ASP B 267 10.28 9.48 30.16
CA ASP B 267 11.37 9.53 31.12
C ASP B 267 10.78 9.60 32.53
N VAL B 268 11.50 9.02 33.50
CA VAL B 268 11.15 9.16 34.91
C VAL B 268 12.38 9.67 35.65
N ALA B 269 12.14 10.41 36.73
CA ALA B 269 13.21 11.01 37.53
C ALA B 269 13.06 10.58 38.99
N PHE B 270 14.16 10.12 39.58
CA PHE B 270 14.21 9.80 40.99
C PHE B 270 14.83 11.00 41.70
N ILE B 271 13.98 11.87 42.23
CA ILE B 271 14.42 13.15 42.79
C ILE B 271 14.76 12.88 44.26
N GLY B 272 16.03 12.58 44.52
CA GLY B 272 16.49 12.25 45.84
C GLY B 272 17.16 13.43 46.53
N SER B 273 17.58 13.18 47.77
CA SER B 273 18.20 14.23 48.57
C SER B 273 19.60 14.55 48.08
N ILE B 274 20.32 13.56 47.56
CA ILE B 274 21.69 13.76 47.12
C ILE B 274 21.76 14.17 45.65
N MET B 275 20.99 13.50 44.79
CA MET B 275 21.00 13.86 43.37
C MET B 275 19.71 13.36 42.73
N THR B 276 19.46 13.86 41.52
CA THR B 276 18.35 13.42 40.69
C THR B 276 18.91 12.49 39.61
N VAL B 277 18.38 11.27 39.56
CA VAL B 277 18.79 10.28 38.57
C VAL B 277 17.65 10.10 37.58
N TRP B 278 17.98 10.14 36.29
CA TRP B 278 17.00 10.05 35.23
C TRP B 278 17.07 8.69 34.54
N LEU B 279 15.90 8.14 34.25
CA LEU B 279 15.76 6.91 33.46
C LEU B 279 14.94 7.25 32.22
N SER B 280 15.54 7.08 31.04
CA SER B 280 14.94 7.54 29.79
C SER B 280 14.76 6.38 28.83
N THR B 281 13.64 6.40 28.10
CA THR B 281 13.38 5.48 27.01
C THR B 281 13.37 6.20 25.66
N ALA B 282 14.02 7.35 25.58
CA ALA B 282 14.00 8.14 24.35
C ALA B 282 14.78 7.44 23.25
N PRO B 283 14.45 7.71 21.98
CA PRO B 283 15.19 7.06 20.88
C PRO B 283 16.61 7.57 20.72
N THR B 284 17.00 8.64 21.42
CA THR B 284 18.38 9.09 21.48
C THR B 284 19.18 8.38 22.57
N GLU B 285 18.54 7.50 23.33
CA GLU B 285 19.17 6.81 24.45
C GLU B 285 19.23 5.32 24.18
N PRO B 286 20.09 4.60 24.90
CA PRO B 286 20.19 3.14 24.68
C PRO B 286 18.82 2.48 24.81
N LEU B 287 18.59 1.49 23.94
CA LEU B 287 17.30 0.83 23.88
C LEU B 287 16.99 0.11 25.19
N THR B 288 15.73 0.16 25.60
CA THR B 288 15.24 -0.57 26.76
C THR B 288 14.15 -1.54 26.30
N HIS B 289 13.67 -2.36 27.23
CA HIS B 289 12.59 -3.28 26.91
C HIS B 289 11.26 -2.56 26.72
N TRP B 290 11.19 -1.26 27.01
CA TRP B 290 10.02 -0.46 26.68
C TRP B 290 10.03 0.00 25.23
N TYR B 291 11.20 0.02 24.59
CA TYR B 291 11.32 0.49 23.21
C TYR B 291 10.68 1.88 23.08
N GLN B 292 10.03 2.15 21.95
CA GLN B 292 9.23 3.35 21.77
C GLN B 292 7.93 2.95 21.12
N VAL B 293 6.94 3.84 21.21
CA VAL B 293 5.59 3.58 20.72
C VAL B 293 5.24 4.61 19.65
N ARG B 294 4.65 4.13 18.55
CA ARG B 294 4.21 5.00 17.47
C ARG B 294 2.76 4.68 17.13
N CYS B 295 1.94 5.72 17.10
CA CYS B 295 0.54 5.61 16.70
C CYS B 295 0.39 6.12 15.28
N LEU B 296 -0.16 5.29 14.40
CA LEU B 296 -0.29 5.62 12.99
C LEU B 296 -1.58 6.38 12.73
N PHE B 297 -1.52 7.29 11.77
CA PHE B 297 -2.69 7.93 11.20
C PHE B 297 -3.23 7.06 10.07
N GLN B 298 -4.55 6.83 10.05
CA GLN B 298 -5.14 6.09 8.95
C GLN B 298 -4.92 6.80 7.63
N SER B 299 -4.81 8.13 7.66
CA SER B 299 -4.52 8.94 6.48
C SER B 299 -3.44 9.94 6.86
N PRO B 300 -2.26 9.89 6.24
CA PRO B 300 -1.20 10.83 6.62
C PRO B 300 -1.59 12.27 6.31
N LEU B 301 -0.95 13.20 7.04
CA LEU B 301 -1.15 14.63 6.86
C LEU B 301 0.11 15.24 6.28
N PHE B 302 -0.06 16.22 5.40
CA PHE B 302 1.06 16.93 4.81
C PHE B 302 1.20 18.29 5.46
N ALA B 303 2.44 18.68 5.74
CA ALA B 303 2.74 19.99 6.29
C ALA B 303 4.11 20.43 5.80
N LYS B 304 4.26 21.73 5.62
CA LYS B 304 5.55 22.31 5.23
C LYS B 304 6.32 22.72 6.49
N ALA B 305 7.64 22.89 6.31
CA ALA B 305 8.44 23.47 7.36
C ALA B 305 7.89 24.85 7.71
N GLY B 306 7.68 25.10 9.00
CA GLY B 306 7.12 26.33 9.49
C GLY B 306 5.65 26.22 9.89
N ASP B 307 4.91 25.28 9.32
CA ASP B 307 3.54 25.06 9.73
C ASP B 307 3.49 24.57 11.17
N THR B 308 2.28 24.59 11.74
CA THR B 308 2.05 24.11 13.09
C THR B 308 1.07 22.95 13.04
N LEU B 309 1.39 21.87 13.76
CA LEU B 309 0.53 20.71 13.89
C LEU B 309 0.03 20.65 15.33
N SER B 310 -1.27 20.81 15.51
CA SER B 310 -1.86 20.88 16.84
C SER B 310 -2.99 19.89 16.97
N GLY B 311 -3.31 19.54 18.21
CA GLY B 311 -4.37 18.58 18.49
C GLY B 311 -4.34 18.13 19.93
N THR B 312 -4.85 16.92 20.16
CA THR B 312 -4.95 16.39 21.50
C THR B 312 -4.76 14.88 21.48
N CYS B 313 -4.00 14.38 22.44
CA CYS B 313 -3.91 12.95 22.72
C CYS B 313 -4.68 12.68 24.00
N LEU B 314 -5.74 11.88 23.90
CA LEU B 314 -6.64 11.63 25.02
C LEU B 314 -6.64 10.14 25.32
N LEU B 315 -6.31 9.79 26.56
CA LEU B 315 -6.28 8.40 27.02
C LEU B 315 -7.40 8.20 28.03
N ILE B 316 -8.27 7.23 27.78
CA ILE B 316 -9.37 6.88 28.67
C ILE B 316 -9.10 5.50 29.24
N ALA B 317 -8.95 5.41 30.55
CA ALA B 317 -8.69 4.13 31.20
C ALA B 317 -9.89 3.20 31.07
N ASN B 318 -9.62 1.94 30.76
CA ASN B 318 -10.66 0.94 30.60
C ASN B 318 -10.48 -0.15 31.67
N LYS B 319 -11.52 -0.98 31.81
CA LYS B 319 -11.55 -2.01 32.83
C LYS B 319 -10.58 -3.16 32.55
N ARG B 320 -9.81 -3.10 31.46
CA ARG B 320 -8.85 -4.15 31.13
C ARG B 320 -7.42 -3.69 31.38
N GLN B 321 -7.21 -2.87 32.41
CA GLN B 321 -5.87 -2.46 32.85
C GLN B 321 -5.10 -1.79 31.72
N SER B 322 -5.81 -1.01 30.89
CA SER B 322 -5.16 -0.33 29.78
C SER B 322 -5.91 0.98 29.50
N TYR B 323 -5.67 1.56 28.33
CA TYR B 323 -6.28 2.82 27.95
C TYR B 323 -6.77 2.74 26.51
N ASP B 324 -7.93 3.32 26.26
CA ASP B 324 -8.38 3.60 24.89
C ASP B 324 -7.87 4.98 24.50
N ILE B 325 -7.16 5.05 23.38
CA ILE B 325 -6.45 6.25 22.97
C ILE B 325 -7.12 6.83 21.73
N SER B 326 -7.47 8.10 21.80
CA SER B 326 -7.93 8.87 20.65
C SER B 326 -6.92 9.98 20.39
N ILE B 327 -6.54 10.14 19.12
CA ILE B 327 -5.59 11.15 18.72
C ILE B 327 -6.19 11.93 17.55
N VAL B 328 -6.37 13.24 17.74
CA VAL B 328 -6.80 14.14 16.68
C VAL B 328 -5.65 15.07 16.37
N ALA B 329 -5.29 15.16 15.09
CA ALA B 329 -4.18 15.98 14.64
C ALA B 329 -4.64 16.89 13.53
N GLN B 330 -4.20 18.15 13.56
CA GLN B 330 -4.64 19.14 12.58
C GLN B 330 -3.48 20.08 12.27
N VAL B 331 -3.20 20.25 10.98
CA VAL B 331 -2.28 21.30 10.54
C VAL B 331 -3.07 22.59 10.43
N ASP B 332 -2.71 23.57 11.27
CA ASP B 332 -3.56 24.74 11.46
C ASP B 332 -3.73 25.55 10.17
N GLN B 333 -2.73 25.53 9.30
CA GLN B 333 -2.76 26.39 8.12
C GLN B 333 -3.82 25.93 7.12
N THR B 334 -3.96 24.61 6.93
CA THR B 334 -4.82 24.08 5.89
C THR B 334 -6.09 23.40 6.43
N GLY B 335 -6.16 23.15 7.74
CA GLY B 335 -7.30 22.43 8.28
C GLY B 335 -7.31 20.96 7.99
N SER B 336 -6.25 20.40 7.42
CA SER B 336 -6.18 18.96 7.18
C SER B 336 -6.13 18.24 8.53
N LYS B 337 -7.07 17.34 8.75
CA LYS B 337 -7.30 16.76 10.07
C LYS B 337 -7.26 15.24 9.98
N SER B 338 -6.81 14.61 11.06
CA SER B 338 -6.72 13.16 11.15
C SER B 338 -7.16 12.72 12.53
N SER B 339 -8.18 11.87 12.59
CA SER B 339 -8.72 11.34 13.83
C SER B 339 -8.45 9.84 13.88
N ASN B 340 -7.90 9.36 14.99
CA ASN B 340 -7.47 7.97 15.09
C ASN B 340 -7.72 7.44 16.49
N LEU B 341 -8.16 6.18 16.55
CA LEU B 341 -8.35 5.46 17.80
C LEU B 341 -7.41 4.26 17.83
N LEU B 342 -6.86 3.97 19.02
CA LEU B 342 -5.89 2.90 19.17
C LEU B 342 -6.17 2.13 20.46
N ASP B 343 -6.00 0.81 20.39
CA ASP B 343 -6.19 -0.08 21.51
C ASP B 343 -4.83 -0.37 22.13
N LEU B 344 -4.49 0.38 23.18
CA LEU B 344 -3.16 0.26 23.77
C LEU B 344 -2.91 -1.11 24.38
N LYS B 345 -3.97 -1.88 24.64
CA LYS B 345 -3.79 -3.20 25.24
C LYS B 345 -3.25 -4.21 24.24
N ASN B 346 -3.52 -4.01 22.95
CA ASN B 346 -3.17 -4.96 21.90
C ASN B 346 -2.25 -4.28 20.90
N PRO B 347 -0.94 -4.23 21.17
CA PRO B 347 -0.03 -3.54 20.24
C PRO B 347 0.69 -4.49 19.31
N PHE B 348 1.28 -3.94 18.25
CA PHE B 348 2.06 -4.71 17.27
C PHE B 348 3.52 -4.58 17.66
N PHE B 349 4.11 -5.68 18.14
CA PHE B 349 5.54 -5.72 18.44
C PHE B 349 6.27 -5.98 17.13
N ARG B 350 6.89 -4.93 16.59
CA ARG B 350 7.49 -4.96 15.26
C ARG B 350 8.97 -5.30 15.30
N TYR B 351 9.65 -5.00 16.40
CA TYR B 351 11.09 -5.24 16.53
C TYR B 351 11.45 -6.68 16.16
N SER C 10 -22.03 28.88 -29.59
CA SER C 10 -21.64 29.61 -28.39
C SER C 10 -20.32 30.32 -28.60
N VAL C 11 -19.92 31.13 -27.61
CA VAL C 11 -18.64 31.82 -27.70
C VAL C 11 -17.49 30.82 -27.65
N PHE C 12 -17.62 29.76 -26.85
CA PHE C 12 -16.57 28.76 -26.76
C PHE C 12 -16.36 28.06 -28.09
N SER C 13 -17.46 27.56 -28.68
CA SER C 13 -17.34 26.78 -29.91
C SER C 13 -16.88 27.64 -31.08
N GLU C 14 -17.24 28.92 -31.10
CA GLU C 14 -16.84 29.78 -32.20
C GLU C 14 -15.34 30.07 -32.18
N ARG C 15 -14.67 29.93 -31.04
CA ARG C 15 -13.24 30.19 -30.93
C ARG C 15 -12.42 28.92 -30.74
N THR C 16 -13.05 27.74 -30.78
CA THR C 16 -12.36 26.48 -30.51
C THR C 16 -12.71 25.45 -31.56
N GLU C 17 -11.68 24.79 -32.11
CA GLU C 17 -11.91 23.66 -32.99
C GLU C 17 -12.39 22.46 -32.17
N GLU C 18 -13.39 21.75 -32.70
CA GLU C 18 -14.00 20.66 -31.97
C GLU C 18 -12.97 19.60 -31.57
N SER C 19 -12.09 19.24 -32.51
CA SER C 19 -11.06 18.24 -32.21
C SER C 19 -10.24 18.65 -30.99
N SER C 20 -9.89 19.94 -30.90
CA SER C 20 -9.13 20.42 -29.75
C SER C 20 -9.96 20.33 -28.48
N ALA C 21 -11.26 20.59 -28.57
CA ALA C 21 -12.11 20.61 -27.38
C ALA C 21 -12.30 19.21 -26.82
N VAL C 22 -12.46 18.20 -27.69
CA VAL C 22 -12.69 16.84 -27.22
C VAL C 22 -11.51 16.37 -26.37
N GLN C 23 -10.30 16.45 -26.93
CA GLN C 23 -9.13 16.00 -26.19
C GLN C 23 -8.93 16.82 -24.92
N TYR C 24 -9.22 18.12 -24.97
CA TYR C 24 -9.00 18.98 -23.83
C TYR C 24 -9.82 18.53 -22.62
N PHE C 25 -11.11 18.29 -22.83
CA PHE C 25 -11.98 17.92 -21.72
C PHE C 25 -11.90 16.43 -21.38
N GLN C 26 -11.43 15.60 -22.31
CA GLN C 26 -11.07 14.23 -21.94
C GLN C 26 -9.91 14.24 -20.95
N PHE C 27 -8.88 15.04 -21.25
CA PHE C 27 -7.71 15.14 -20.38
C PHE C 27 -8.12 15.46 -18.95
N TYR C 28 -9.00 16.44 -18.77
CA TYR C 28 -9.38 16.89 -17.44
C TYR C 28 -10.47 16.04 -16.79
N GLY C 29 -11.01 15.06 -17.51
CA GLY C 29 -11.91 14.11 -16.88
C GLY C 29 -11.25 13.10 -15.98
N TYR C 30 -9.93 13.09 -15.92
CA TYR C 30 -9.19 12.08 -15.17
C TYR C 30 -8.94 12.55 -13.74
N LEU C 31 -9.26 11.69 -12.77
CA LEU C 31 -8.93 11.98 -11.38
C LEU C 31 -7.43 12.14 -11.20
N SER C 32 -6.64 11.36 -11.93
CA SER C 32 -5.19 11.46 -11.81
C SER C 32 -4.68 12.86 -12.14
N GLN C 33 -5.39 13.58 -13.01
CA GLN C 33 -4.99 14.94 -13.34
C GLN C 33 -5.45 15.93 -12.27
N GLN C 34 -6.64 15.72 -11.71
CA GLN C 34 -7.07 16.55 -10.59
C GLN C 34 -6.12 16.43 -9.41
N GLN C 35 -5.72 15.20 -9.09
CA GLN C 35 -4.74 14.99 -8.03
C GLN C 35 -3.45 15.74 -8.33
N ASN C 36 -3.04 15.75 -9.61
CA ASN C 36 -1.80 16.43 -9.98
C ASN C 36 -1.85 17.91 -9.63
N MET C 37 -2.99 18.55 -9.86
CA MET C 37 -3.14 19.97 -9.51
C MET C 37 -3.40 20.15 -8.03
N MET C 38 -4.20 19.26 -7.44
CA MET C 38 -4.52 19.38 -6.01
C MET C 38 -3.29 19.13 -5.14
N GLN C 39 -2.36 18.28 -5.60
CA GLN C 39 -1.17 17.99 -4.83
C GLN C 39 -0.12 19.09 -4.88
N ASP C 40 -0.32 20.11 -5.70
CA ASP C 40 0.55 21.28 -5.72
C ASP C 40 0.18 22.14 -4.51
N TYR C 41 0.97 22.05 -3.44
CA TYR C 41 0.65 22.77 -2.22
C TYR C 41 0.65 24.27 -2.44
N VAL C 42 1.53 24.78 -3.30
CA VAL C 42 1.56 26.22 -3.56
C VAL C 42 0.23 26.68 -4.12
N ARG C 43 -0.27 25.98 -5.15
CA ARG C 43 -1.56 26.32 -5.74
C ARG C 43 -2.68 26.22 -4.72
N THR C 44 -2.86 25.02 -4.15
CA THR C 44 -4.02 24.78 -3.29
C THR C 44 -3.92 25.54 -1.97
N GLY C 45 -2.72 25.59 -1.39
CA GLY C 45 -2.55 26.28 -0.12
C GLY C 45 -2.82 27.77 -0.23
N THR C 46 -2.35 28.40 -1.31
CA THR C 46 -2.53 29.83 -1.49
C THR C 46 -3.99 30.18 -1.75
N TYR C 47 -4.64 29.45 -2.66
CA TYR C 47 -6.05 29.67 -2.93
C TYR C 47 -6.87 29.60 -1.64
N GLN C 48 -6.61 28.56 -0.83
CA GLN C 48 -7.29 28.44 0.47
C GLN C 48 -6.99 29.65 1.35
N ARG C 49 -5.73 30.07 1.41
CA ARG C 49 -5.35 31.17 2.27
C ARG C 49 -6.03 32.48 1.83
N ALA C 50 -6.01 32.75 0.53
CA ALA C 50 -6.60 33.98 0.02
C ALA C 50 -8.11 34.04 0.28
N ILE C 51 -8.77 32.88 0.29
CA ILE C 51 -10.21 32.85 0.48
C ILE C 51 -10.56 32.96 1.96
N LEU C 52 -9.89 32.16 2.80
CA LEU C 52 -10.23 32.14 4.22
C LEU C 52 -9.79 33.43 4.91
N GLN C 53 -8.59 33.93 4.61
CA GLN C 53 -8.12 35.16 5.21
C GLN C 53 -8.89 36.38 4.73
N ASN C 54 -9.65 36.25 3.65
CA ASN C 54 -10.56 37.30 3.20
C ASN C 54 -12.00 36.84 3.37
N HIS C 55 -12.31 36.29 4.55
CA HIS C 55 -13.62 35.68 4.77
C HIS C 55 -14.75 36.67 4.58
N THR C 56 -14.52 37.95 4.87
CA THR C 56 -15.58 38.95 4.72
C THR C 56 -16.03 39.07 3.27
N ASP C 57 -15.16 38.75 2.32
CA ASP C 57 -15.52 38.79 0.91
C ASP C 57 -16.33 37.57 0.49
N PHE C 58 -16.64 36.65 1.40
CA PHE C 58 -17.36 35.43 1.06
C PHE C 58 -18.54 35.19 1.98
N LYS C 59 -18.46 35.68 3.22
CA LYS C 59 -19.51 35.42 4.21
C LYS C 59 -20.87 35.86 3.69
N ASP C 60 -21.80 34.91 3.57
CA ASP C 60 -23.18 35.18 3.15
C ASP C 60 -23.24 35.76 1.74
N LYS C 61 -22.24 35.48 0.91
CA LYS C 61 -22.20 35.97 -0.46
C LYS C 61 -22.60 34.87 -1.43
N ILE C 62 -22.88 35.27 -2.66
CA ILE C 62 -23.15 34.35 -3.76
C ILE C 62 -21.88 34.24 -4.58
N VAL C 63 -21.47 33.00 -4.89
CA VAL C 63 -20.17 32.73 -5.49
C VAL C 63 -20.36 31.91 -6.76
N LEU C 64 -19.45 32.12 -7.71
CA LEU C 64 -19.39 31.34 -8.95
C LEU C 64 -17.98 30.78 -9.10
N ASP C 65 -17.87 29.46 -9.16
CA ASP C 65 -16.59 28.77 -9.36
C ASP C 65 -16.53 28.31 -10.81
N VAL C 66 -15.67 28.94 -11.60
CA VAL C 66 -15.54 28.65 -13.02
C VAL C 66 -14.53 27.53 -13.21
N GLY C 67 -14.99 26.39 -13.72
CA GLY C 67 -14.12 25.24 -13.92
C GLY C 67 -13.71 24.63 -12.60
N CYS C 68 -14.69 24.23 -11.80
CA CYS C 68 -14.43 23.79 -10.43
C CYS C 68 -13.62 22.50 -10.38
N GLY C 69 -13.61 21.71 -11.45
CA GLY C 69 -12.92 20.44 -11.41
C GLY C 69 -13.62 19.51 -10.42
N SER C 70 -12.89 19.12 -9.38
CA SER C 70 -13.46 18.31 -8.30
C SER C 70 -14.22 19.15 -7.28
N GLY C 71 -14.20 20.47 -7.41
CA GLY C 71 -14.92 21.34 -6.51
C GLY C 71 -14.13 21.89 -5.34
N ILE C 72 -12.81 21.69 -5.33
CA ILE C 72 -12.01 22.03 -4.15
C ILE C 72 -12.20 23.50 -3.77
N LEU C 73 -12.27 24.39 -4.78
CA LEU C 73 -12.36 25.81 -4.48
C LEU C 73 -13.75 26.19 -3.97
N SER C 74 -14.79 25.49 -4.41
CA SER C 74 -16.13 25.73 -3.87
C SER C 74 -16.18 25.37 -2.39
N PHE C 75 -15.49 24.29 -2.00
CA PHE C 75 -15.42 23.92 -0.59
C PHE C 75 -14.74 25.01 0.22
N PHE C 76 -13.61 25.53 -0.27
CA PHE C 76 -12.96 26.65 0.40
C PHE C 76 -13.91 27.83 0.54
N ALA C 77 -14.68 28.12 -0.50
CA ALA C 77 -15.65 29.20 -0.43
C ALA C 77 -16.72 28.91 0.61
N ALA C 78 -17.10 27.65 0.78
CA ALA C 78 -18.07 27.29 1.82
C ALA C 78 -17.43 27.38 3.20
N GLN C 79 -16.16 26.97 3.33
CA GLN C 79 -15.46 27.14 4.58
C GLN C 79 -15.46 28.60 5.02
N ALA C 80 -15.34 29.52 4.06
CA ALA C 80 -15.36 30.95 4.35
C ALA C 80 -16.75 31.46 4.69
N GLY C 81 -17.79 30.62 4.59
CA GLY C 81 -19.12 31.02 4.98
C GLY C 81 -19.99 31.54 3.85
N ALA C 82 -19.76 31.08 2.62
CA ALA C 82 -20.58 31.52 1.50
C ALA C 82 -21.99 30.97 1.62
N ARG C 83 -22.96 31.77 1.15
CA ARG C 83 -24.36 31.38 1.24
C ARG C 83 -24.73 30.39 0.14
N LYS C 84 -24.27 30.64 -1.09
CA LYS C 84 -24.62 29.80 -2.23
C LYS C 84 -23.48 29.86 -3.23
N ILE C 85 -23.09 28.71 -3.75
CA ILE C 85 -21.96 28.59 -4.68
C ILE C 85 -22.43 27.82 -5.90
N TYR C 86 -22.33 28.44 -7.07
CA TYR C 86 -22.58 27.76 -8.34
C TYR C 86 -21.23 27.28 -8.88
N ALA C 87 -21.09 25.96 -9.01
CA ALA C 87 -19.85 25.33 -9.45
C ALA C 87 -20.06 24.78 -10.85
N VAL C 88 -19.36 25.35 -11.83
CA VAL C 88 -19.52 25.02 -13.24
C VAL C 88 -18.30 24.23 -13.70
N GLU C 89 -18.53 23.07 -14.32
CA GLU C 89 -17.47 22.23 -14.85
C GLU C 89 -17.96 21.55 -16.12
N ALA C 90 -17.17 21.65 -17.18
CA ALA C 90 -17.58 21.16 -18.50
C ALA C 90 -17.23 19.69 -18.73
N SER C 91 -16.18 19.18 -18.08
CA SER C 91 -15.80 17.80 -18.27
C SER C 91 -16.64 16.88 -17.40
N THR C 92 -16.45 15.57 -17.59
CA THR C 92 -17.17 14.59 -16.78
C THR C 92 -16.70 14.57 -15.34
N MET C 93 -15.67 15.35 -14.98
CA MET C 93 -15.31 15.51 -13.59
C MET C 93 -16.44 16.13 -12.76
N ALA C 94 -17.44 16.72 -13.43
CA ALA C 94 -18.55 17.32 -12.71
C ALA C 94 -19.32 16.29 -11.91
N GLN C 95 -19.47 15.08 -12.44
CA GLN C 95 -20.21 14.03 -11.72
C GLN C 95 -19.47 13.65 -10.44
N HIS C 96 -18.14 13.62 -10.48
CA HIS C 96 -17.37 13.37 -9.26
C HIS C 96 -17.55 14.51 -8.27
N ALA C 97 -17.56 15.75 -8.76
CA ALA C 97 -17.79 16.89 -7.88
C ALA C 97 -19.14 16.78 -7.18
N GLU C 98 -20.16 16.30 -7.90
CA GLU C 98 -21.47 16.11 -7.28
C GLU C 98 -21.41 15.09 -6.16
N VAL C 99 -20.54 14.08 -6.28
CA VAL C 99 -20.40 13.08 -5.23
C VAL C 99 -19.80 13.72 -3.97
N LEU C 100 -18.73 14.49 -4.15
CA LEU C 100 -18.08 15.12 -2.99
C LEU C 100 -19.00 16.11 -2.31
N VAL C 101 -19.81 16.84 -3.09
CA VAL C 101 -20.77 17.77 -2.50
C VAL C 101 -21.74 17.00 -1.61
N LYS C 102 -22.26 15.87 -2.11
CA LYS C 102 -23.18 15.07 -1.31
C LYS C 102 -22.48 14.44 -0.11
N SER C 103 -21.28 13.90 -0.31
CA SER C 103 -20.59 13.21 0.78
C SER C 103 -20.10 14.16 1.85
N ASN C 104 -19.89 15.44 1.52
CA ASN C 104 -19.50 16.44 2.51
C ASN C 104 -20.70 17.20 3.07
N ASN C 105 -21.93 16.78 2.75
CA ASN C 105 -23.14 17.36 3.33
C ASN C 105 -23.26 18.86 3.02
N LEU C 106 -22.97 19.23 1.77
CA LEU C 106 -23.03 20.63 1.34
C LEU C 106 -23.95 20.81 0.14
N THR C 107 -24.95 19.93 0.00
CA THR C 107 -25.90 20.06 -1.10
C THR C 107 -26.79 21.29 -0.96
N ASP C 108 -26.86 21.88 0.22
CA ASP C 108 -27.64 23.08 0.44
C ASP C 108 -26.86 24.37 0.17
N ARG C 109 -25.58 24.25 -0.19
CA ARG C 109 -24.73 25.42 -0.35
C ARG C 109 -24.01 25.42 -1.69
N ILE C 110 -23.68 24.22 -2.18
CA ILE C 110 -22.96 24.05 -3.44
C ILE C 110 -23.87 23.33 -4.42
N VAL C 111 -24.03 23.91 -5.61
CA VAL C 111 -24.77 23.29 -6.71
C VAL C 111 -23.82 23.17 -7.89
N VAL C 112 -23.64 21.96 -8.38
CA VAL C 112 -22.76 21.69 -9.52
C VAL C 112 -23.58 21.84 -10.80
N ILE C 113 -23.06 22.64 -11.73
CA ILE C 113 -23.72 22.87 -13.02
C ILE C 113 -22.85 22.25 -14.10
N PRO C 114 -23.19 21.08 -14.64
CA PRO C 114 -22.36 20.48 -15.69
C PRO C 114 -22.49 21.24 -17.00
N GLY C 115 -21.34 21.61 -17.57
CA GLY C 115 -21.33 22.27 -18.86
C GLY C 115 -20.29 23.38 -18.97
N LYS C 116 -20.21 24.00 -20.13
CA LYS C 116 -19.31 25.11 -20.36
C LYS C 116 -19.92 26.41 -19.83
N VAL C 117 -19.08 27.23 -19.18
CA VAL C 117 -19.59 28.46 -18.58
C VAL C 117 -20.15 29.40 -19.64
N GLU C 118 -19.72 29.26 -20.89
CA GLU C 118 -20.25 30.06 -21.98
C GLU C 118 -21.63 29.61 -22.44
N GLU C 119 -22.14 28.50 -21.92
CA GLU C 119 -23.34 27.87 -22.49
C GLU C 119 -24.41 27.61 -21.43
N VAL C 120 -24.00 27.36 -20.19
CA VAL C 120 -24.99 27.04 -19.15
C VAL C 120 -25.81 28.28 -18.81
N SER C 121 -26.91 28.05 -18.12
CA SER C 121 -27.81 29.11 -17.67
C SER C 121 -27.73 29.21 -16.15
N LEU C 122 -27.19 30.35 -15.66
CA LEU C 122 -27.21 30.60 -14.23
C LEU C 122 -28.33 31.57 -13.88
N PRO C 123 -29.03 31.35 -12.77
CA PRO C 123 -30.26 32.14 -12.52
C PRO C 123 -30.01 33.56 -12.07
N GLU C 124 -28.99 33.80 -11.24
CA GLU C 124 -28.82 35.08 -10.59
C GLU C 124 -27.38 35.60 -10.75
N GLN C 125 -27.21 36.87 -10.44
CA GLN C 125 -25.89 37.49 -10.42
C GLN C 125 -25.19 37.15 -9.11
N VAL C 126 -23.87 37.06 -9.17
CA VAL C 126 -23.07 36.64 -8.03
C VAL C 126 -22.26 37.81 -7.51
N ASP C 127 -21.77 37.66 -6.28
CA ASP C 127 -20.98 38.70 -5.61
C ASP C 127 -19.49 38.59 -5.91
N ILE C 128 -19.01 37.37 -6.17
CA ILE C 128 -17.59 37.16 -6.44
C ILE C 128 -17.44 35.90 -7.28
N ILE C 129 -16.49 35.93 -8.20
CA ILE C 129 -16.16 34.77 -9.03
C ILE C 129 -14.77 34.30 -8.63
N ILE C 130 -14.63 32.99 -8.44
CA ILE C 130 -13.34 32.37 -8.16
C ILE C 130 -13.05 31.37 -9.26
N SER C 131 -11.76 31.12 -9.51
CA SER C 131 -11.37 30.17 -10.54
C SER C 131 -9.86 30.00 -10.51
N GLU C 132 -9.41 28.90 -11.11
CA GLU C 132 -7.99 28.62 -11.33
C GLU C 132 -7.83 28.33 -12.82
N PRO C 133 -7.85 29.37 -13.66
CA PRO C 133 -7.78 29.17 -15.11
C PRO C 133 -6.40 29.42 -15.73
N MET C 134 -5.36 29.60 -14.92
CA MET C 134 -4.03 29.88 -15.46
C MET C 134 -3.40 28.62 -16.01
N GLY C 135 -2.74 28.74 -17.16
CA GLY C 135 -1.99 27.65 -17.74
C GLY C 135 -0.53 28.02 -17.93
N TYR C 136 0.20 27.20 -18.68
CA TYR C 136 1.58 27.55 -19.02
C TYR C 136 1.63 28.94 -19.62
N MET C 137 2.62 29.73 -19.19
CA MET C 137 2.73 31.13 -19.60
C MET C 137 1.49 31.93 -19.24
N LEU C 138 0.69 31.42 -18.30
CA LEU C 138 -0.55 32.06 -17.85
C LEU C 138 -1.69 31.92 -18.85
N PHE C 139 -1.41 32.11 -20.15
CA PHE C 139 -2.46 32.23 -21.15
C PHE C 139 -2.79 30.91 -21.84
N ASN C 140 -1.95 29.89 -21.73
CA ASN C 140 -2.21 28.64 -22.43
C ASN C 140 -3.55 28.05 -22.00
N GLU C 141 -4.22 27.40 -22.96
CA GLU C 141 -5.54 26.80 -22.79
C GLU C 141 -6.64 27.81 -23.05
N ARG C 142 -6.31 29.11 -22.99
CA ARG C 142 -7.27 30.18 -23.27
C ARG C 142 -8.46 30.14 -22.32
N MET C 143 -8.25 29.66 -21.09
CA MET C 143 -9.34 29.63 -20.13
C MET C 143 -9.54 30.97 -19.43
N LEU C 144 -8.54 31.85 -19.45
CA LEU C 144 -8.75 33.19 -18.90
C LEU C 144 -9.92 33.88 -19.58
N GLU C 145 -10.19 33.55 -20.85
CA GLU C 145 -11.32 34.15 -21.55
C GLU C 145 -12.64 33.59 -21.04
N SER C 146 -12.65 32.34 -20.58
CA SER C 146 -13.83 31.80 -19.92
C SER C 146 -14.05 32.47 -18.57
N TYR C 147 -12.95 32.77 -17.86
CA TYR C 147 -13.02 33.46 -16.59
C TYR C 147 -13.62 34.86 -16.76
N LEU C 148 -13.12 35.61 -17.75
CA LEU C 148 -13.65 36.95 -18.00
C LEU C 148 -15.06 36.89 -18.59
N HIS C 149 -15.34 35.89 -19.42
CA HIS C 149 -16.67 35.75 -19.98
C HIS C 149 -17.73 35.60 -18.89
N ALA C 150 -17.38 34.97 -17.77
CA ALA C 150 -18.33 34.75 -16.69
C ALA C 150 -18.71 36.04 -15.96
N LYS C 151 -18.07 37.17 -16.27
CA LYS C 151 -18.43 38.43 -15.63
C LYS C 151 -19.80 38.93 -16.07
N LYS C 152 -20.44 38.28 -17.05
CA LYS C 152 -21.82 38.60 -17.35
C LYS C 152 -22.74 38.24 -16.19
N TYR C 153 -22.27 37.41 -15.26
CA TYR C 153 -23.02 37.06 -14.05
C TYR C 153 -22.56 37.83 -12.82
N LEU C 154 -21.60 38.76 -12.96
CA LEU C 154 -21.02 39.43 -11.81
C LEU C 154 -21.73 40.76 -11.56
N LYS C 155 -22.10 41.00 -10.31
CA LYS C 155 -22.65 42.29 -9.93
C LYS C 155 -21.66 43.40 -10.25
N PRO C 156 -22.12 44.61 -10.56
CA PRO C 156 -21.18 45.70 -10.85
C PRO C 156 -20.21 45.98 -9.72
N SER C 157 -20.53 45.60 -8.48
CA SER C 157 -19.67 45.80 -7.33
C SER C 157 -18.98 44.52 -6.89
N GLY C 158 -19.02 43.48 -7.71
CA GLY C 158 -18.43 42.21 -7.34
C GLY C 158 -16.92 42.23 -7.41
N ASN C 159 -16.33 41.07 -7.16
CA ASN C 159 -14.88 40.91 -7.13
C ASN C 159 -14.48 39.66 -7.89
N MET C 160 -13.19 39.54 -8.18
CA MET C 160 -12.63 38.41 -8.91
C MET C 160 -11.42 37.89 -8.16
N PHE C 161 -11.43 36.59 -7.86
CA PHE C 161 -10.30 35.92 -7.23
C PHE C 161 -9.79 34.83 -8.17
N PRO C 162 -8.63 35.01 -8.82
CA PRO C 162 -7.68 36.12 -8.66
C PRO C 162 -8.18 37.44 -9.22
N THR C 163 -7.66 38.55 -8.67
CA THR C 163 -8.07 39.87 -9.11
C THR C 163 -7.28 40.32 -10.32
N ILE C 164 -5.99 40.04 -10.36
CA ILE C 164 -5.11 40.47 -11.45
C ILE C 164 -4.14 39.34 -11.77
N GLY C 165 -3.55 39.43 -12.95
CA GLY C 165 -2.51 38.49 -13.35
C GLY C 165 -1.37 39.19 -14.04
N ASP C 166 -0.14 38.87 -13.63
CA ASP C 166 1.07 39.46 -14.20
C ASP C 166 1.88 38.37 -14.87
N VAL C 167 2.27 38.60 -16.12
CA VAL C 167 3.21 37.74 -16.82
C VAL C 167 4.54 38.47 -16.91
N HIS C 168 5.61 37.78 -16.54
CA HIS C 168 6.94 38.38 -16.48
C HIS C 168 7.82 37.84 -17.59
N LEU C 169 8.55 38.75 -18.25
CA LEU C 169 9.47 38.41 -19.31
C LEU C 169 10.87 38.84 -18.91
N ALA C 170 11.87 38.00 -19.20
CA ALA C 170 13.25 38.32 -18.89
C ALA C 170 14.18 37.61 -19.87
N PRO C 171 15.21 38.29 -20.36
CA PRO C 171 16.19 37.62 -21.21
C PRO C 171 17.04 36.65 -20.40
N PHE C 172 17.46 35.57 -21.05
CA PHE C 172 18.24 34.53 -20.40
C PHE C 172 19.33 34.06 -21.34
N THR C 173 20.37 33.45 -20.73
CA THR C 173 21.45 32.83 -21.48
C THR C 173 21.54 31.37 -21.06
N ASP C 174 21.55 30.47 -22.04
CA ASP C 174 21.70 29.04 -21.76
C ASP C 174 22.32 28.41 -23.01
N GLU C 175 23.65 28.45 -23.08
CA GLU C 175 24.34 27.89 -24.23
C GLU C 175 23.99 26.42 -24.42
N GLN C 176 23.90 25.67 -23.32
CA GLN C 176 23.55 24.26 -23.41
C GLN C 176 22.19 24.06 -24.08
N LEU C 177 21.19 24.85 -23.67
CA LEU C 177 19.86 24.70 -24.24
C LEU C 177 19.85 25.00 -25.73
N TYR C 178 20.49 26.10 -26.13
CA TYR C 178 20.49 26.48 -27.53
C TYR C 178 21.17 25.41 -28.38
N MET C 179 22.30 24.87 -27.91
CA MET C 179 23.04 23.88 -28.68
C MET C 179 22.31 22.54 -28.75
N GLU C 180 21.59 22.19 -27.68
CA GLU C 180 20.84 20.93 -27.65
C GLU C 180 19.96 20.77 -28.87
N GLN C 181 19.45 21.88 -29.42
CA GLN C 181 18.53 21.80 -30.55
C GLN C 181 19.22 21.20 -31.77
N PHE C 182 20.44 21.65 -32.07
CA PHE C 182 21.13 21.18 -33.26
C PHE C 182 21.70 19.78 -33.08
N THR C 183 22.10 19.43 -31.85
CA THR C 183 22.53 18.05 -31.59
C THR C 183 21.42 17.07 -31.91
N LYS C 184 20.19 17.38 -31.53
CA LYS C 184 19.06 16.53 -31.89
C LYS C 184 18.79 16.58 -33.38
N ALA C 185 18.77 17.79 -33.95
CA ALA C 185 18.46 17.93 -35.38
C ALA C 185 19.56 17.34 -36.25
N ASN C 186 20.80 17.30 -35.76
CA ASN C 186 21.90 16.76 -36.55
C ASN C 186 21.81 15.25 -36.73
N PHE C 187 20.85 14.58 -36.09
CA PHE C 187 20.59 13.19 -36.42
C PHE C 187 20.34 13.02 -37.90
N TRP C 188 19.68 14.01 -38.51
CA TRP C 188 19.35 13.93 -39.93
C TRP C 188 20.54 14.24 -40.82
N TYR C 189 21.59 14.88 -40.29
CA TYR C 189 22.74 15.27 -41.10
C TYR C 189 23.76 14.14 -41.16
N GLN C 190 23.38 13.08 -41.87
CA GLN C 190 24.28 11.97 -42.13
C GLN C 190 23.97 11.43 -43.52
N PRO C 191 24.99 11.05 -44.30
CA PRO C 191 24.74 10.68 -45.70
C PRO C 191 24.28 9.25 -45.89
N SER C 192 24.43 8.38 -44.89
CA SER C 192 24.09 6.97 -45.05
C SER C 192 23.56 6.45 -43.71
N PHE C 193 22.29 6.74 -43.44
CA PHE C 193 21.58 6.12 -42.33
C PHE C 193 20.95 4.84 -42.86
N HIS C 194 21.59 3.71 -42.59
CA HIS C 194 21.18 2.43 -43.17
C HIS C 194 21.13 2.51 -44.69
N GLY C 195 22.02 3.30 -45.28
CA GLY C 195 22.07 3.47 -46.72
C GLY C 195 21.26 4.64 -47.26
N VAL C 196 20.75 5.51 -46.39
CA VAL C 196 19.84 6.59 -46.79
C VAL C 196 20.45 7.92 -46.38
N ASP C 197 20.52 8.85 -47.33
CA ASP C 197 20.97 10.21 -47.05
C ASP C 197 19.79 10.99 -46.46
N LEU C 198 19.90 11.32 -45.18
CA LEU C 198 18.84 12.05 -44.48
C LEU C 198 19.07 13.56 -44.46
N SER C 199 20.22 14.04 -44.93
CA SER C 199 20.63 15.41 -44.66
C SER C 199 19.67 16.45 -45.24
N ALA C 200 18.81 16.06 -46.18
CA ALA C 200 17.88 17.02 -46.77
C ALA C 200 16.84 17.52 -45.79
N LEU C 201 16.58 16.78 -44.71
CA LEU C 201 15.55 17.13 -43.75
C LEU C 201 16.09 17.81 -42.49
N ARG C 202 17.40 18.06 -42.42
CA ARG C 202 17.97 18.64 -41.21
C ARG C 202 17.39 20.02 -40.91
N GLY C 203 17.31 20.87 -41.95
CA GLY C 203 16.75 22.20 -41.76
C GLY C 203 15.33 22.15 -41.23
N ALA C 204 14.52 21.22 -41.75
CA ALA C 204 13.15 21.07 -41.26
C ALA C 204 13.13 20.63 -39.80
N ALA C 205 14.04 19.72 -39.42
CA ALA C 205 14.11 19.27 -38.04
C ALA C 205 14.49 20.41 -37.11
N VAL C 206 15.46 21.23 -37.50
CA VAL C 206 15.86 22.37 -36.69
C VAL C 206 14.67 23.30 -36.48
N ASP C 207 14.04 23.72 -37.57
CA ASP C 207 12.89 24.61 -37.45
C ASP C 207 11.85 24.05 -36.49
N GLU C 208 11.55 22.76 -36.62
CA GLU C 208 10.53 22.13 -35.79
C GLU C 208 10.88 22.27 -34.30
N TYR C 209 12.15 22.09 -33.95
CA TYR C 209 12.53 22.16 -32.53
C TYR C 209 12.43 23.58 -32.00
N PHE C 210 12.69 24.59 -32.84
CA PHE C 210 12.66 25.97 -32.36
C PHE C 210 11.24 26.50 -32.21
N ARG C 211 10.26 25.94 -32.92
CA ARG C 211 8.87 26.35 -32.73
C ARG C 211 8.27 25.82 -31.43
N GLN C 212 9.06 25.14 -30.59
CA GLN C 212 8.54 24.52 -29.38
C GLN C 212 8.99 25.29 -28.15
N PRO C 213 8.09 25.91 -27.39
CA PRO C 213 8.50 26.47 -26.09
C PRO C 213 8.94 25.35 -25.15
N VAL C 214 9.93 25.66 -24.33
CA VAL C 214 10.53 24.68 -23.42
C VAL C 214 9.93 24.88 -22.04
N VAL C 215 9.24 23.86 -21.55
CA VAL C 215 8.65 23.89 -20.21
C VAL C 215 9.62 23.17 -19.27
N ASP C 216 10.22 23.94 -18.36
CA ASP C 216 11.04 23.39 -17.28
C ASP C 216 11.49 24.55 -16.40
N THR C 217 12.28 24.25 -15.36
CA THR C 217 12.81 25.28 -14.50
C THR C 217 14.28 25.51 -14.81
N PHE C 218 14.89 26.45 -14.09
CA PHE C 218 16.26 26.86 -14.36
C PHE C 218 16.77 27.66 -13.18
N ASP C 219 18.09 27.82 -13.13
CA ASP C 219 18.72 28.62 -12.09
C ASP C 219 18.57 30.10 -12.43
N ILE C 220 18.10 30.88 -11.47
CA ILE C 220 17.80 32.30 -11.67
C ILE C 220 19.04 33.03 -12.20
N ARG C 221 20.22 32.46 -11.96
CA ARG C 221 21.46 33.11 -12.39
C ARG C 221 21.60 33.23 -13.90
N ILE C 222 20.76 32.54 -14.69
CA ILE C 222 20.81 32.71 -16.15
C ILE C 222 20.06 33.94 -16.61
N LEU C 223 19.31 34.59 -15.73
CA LEU C 223 18.59 35.80 -16.08
C LEU C 223 19.55 36.97 -16.19
N MET C 224 19.38 37.78 -17.23
CA MET C 224 20.31 38.85 -17.55
C MET C 224 19.73 40.24 -17.35
N ALA C 225 18.49 40.34 -16.87
CA ALA C 225 17.89 41.64 -16.60
C ALA C 225 16.65 41.45 -15.74
N LYS C 226 16.32 42.48 -14.96
CA LYS C 226 15.05 42.48 -14.26
C LYS C 226 13.92 42.30 -15.25
N SER C 227 12.90 41.56 -14.82
CA SER C 227 11.84 41.18 -15.75
C SER C 227 10.95 42.36 -16.09
N VAL C 228 10.31 42.28 -17.26
CA VAL C 228 9.27 43.21 -17.67
C VAL C 228 7.93 42.56 -17.39
N LYS C 229 6.96 43.36 -16.98
CA LYS C 229 5.70 42.86 -16.44
C LYS C 229 4.53 43.38 -17.27
N TYR C 230 3.65 42.47 -17.68
CA TYR C 230 2.40 42.81 -18.36
C TYR C 230 1.25 42.34 -17.48
N THR C 231 0.35 43.26 -17.15
CA THR C 231 -0.72 43.00 -16.18
C THR C 231 -2.06 42.86 -16.86
N VAL C 232 -2.84 41.89 -16.40
CA VAL C 232 -4.24 41.74 -16.78
C VAL C 232 -5.06 42.01 -15.53
N ASN C 233 -5.83 43.09 -15.53
CA ASN C 233 -6.74 43.39 -14.43
C ASN C 233 -8.07 42.72 -14.73
N PHE C 234 -8.37 41.64 -14.02
CA PHE C 234 -9.52 40.81 -14.34
C PHE C 234 -10.84 41.52 -14.08
N LEU C 235 -10.88 42.51 -13.18
CA LEU C 235 -12.09 43.29 -12.98
C LEU C 235 -12.34 44.24 -14.14
N GLU C 236 -11.29 44.64 -14.83
CA GLU C 236 -11.38 45.62 -15.91
C GLU C 236 -11.39 44.99 -17.29
N ALA C 237 -10.62 43.93 -17.50
CA ALA C 237 -10.44 43.39 -18.84
C ALA C 237 -11.73 42.78 -19.37
N LYS C 238 -11.85 42.78 -20.69
CA LYS C 238 -12.86 42.02 -21.41
C LYS C 238 -12.16 40.88 -22.14
N GLU C 239 -12.90 39.77 -22.35
CA GLU C 239 -12.28 38.58 -22.91
C GLU C 239 -11.65 38.87 -24.27
N GLY C 240 -12.18 39.86 -25.00
CA GLY C 240 -11.57 40.25 -26.26
C GLY C 240 -10.17 40.80 -26.11
N ASP C 241 -9.81 41.28 -24.92
CA ASP C 241 -8.46 41.80 -24.67
C ASP C 241 -7.39 40.72 -24.73
N LEU C 242 -7.78 39.44 -24.72
CA LEU C 242 -6.82 38.34 -24.72
C LEU C 242 -6.69 37.68 -26.09
N HIS C 243 -7.43 38.16 -27.10
CA HIS C 243 -7.28 37.60 -28.45
C HIS C 243 -5.93 37.99 -29.07
N ARG C 244 -5.41 39.16 -28.69
CA ARG C 244 -4.13 39.63 -29.22
C ARG C 244 -3.43 40.38 -28.09
N ILE C 245 -2.36 39.81 -27.57
CA ILE C 245 -1.66 40.35 -26.41
C ILE C 245 -0.29 40.83 -26.89
N GLU C 246 -0.15 42.13 -27.06
CA GLU C 246 1.11 42.73 -27.49
C GLU C 246 1.86 43.21 -26.25
N ILE C 247 3.00 42.59 -25.98
CA ILE C 247 3.81 42.94 -24.81
C ILE C 247 5.09 43.59 -25.28
N PRO C 248 5.19 44.92 -25.28
CA PRO C 248 6.47 45.56 -25.56
C PRO C 248 7.40 45.47 -24.36
N PHE C 249 8.69 45.26 -24.64
CA PHE C 249 9.67 45.13 -23.58
C PHE C 249 10.92 45.93 -23.93
N LYS C 250 11.54 46.49 -22.89
CA LYS C 250 12.84 47.15 -23.02
C LYS C 250 13.65 46.73 -21.79
N PHE C 251 14.57 45.79 -21.97
CA PHE C 251 15.35 45.25 -20.87
C PHE C 251 16.66 46.01 -20.73
N HIS C 252 17.01 46.35 -19.49
CA HIS C 252 18.30 46.95 -19.16
C HIS C 252 19.22 45.84 -18.69
N MET C 253 20.22 45.52 -19.50
CA MET C 253 21.08 44.37 -19.22
C MET C 253 21.90 44.61 -17.96
N LEU C 254 21.72 43.73 -16.97
CA LEU C 254 22.56 43.73 -15.79
C LEU C 254 23.83 42.94 -15.99
N HIS C 255 23.87 42.04 -16.97
CA HIS C 255 25.04 41.21 -17.24
C HIS C 255 25.33 41.23 -18.73
N SER C 256 26.59 40.97 -19.06
CA SER C 256 27.03 40.88 -20.44
C SER C 256 27.10 39.42 -20.88
N GLY C 257 26.66 39.15 -22.09
CA GLY C 257 26.70 37.79 -22.60
C GLY C 257 25.76 37.64 -23.79
N LEU C 258 25.59 36.39 -24.21
CA LEU C 258 24.72 36.06 -25.32
C LEU C 258 23.32 35.76 -24.81
N VAL C 259 22.33 36.44 -25.38
CA VAL C 259 20.93 36.25 -25.03
C VAL C 259 20.35 35.22 -26.00
N HIS C 260 19.92 34.08 -25.46
CA HIS C 260 19.40 33.00 -26.29
C HIS C 260 17.89 33.00 -26.41
N GLY C 261 17.18 33.71 -25.54
CA GLY C 261 15.72 33.76 -25.64
C GLY C 261 15.12 34.51 -24.48
N LEU C 262 13.83 34.27 -24.26
CA LEU C 262 13.07 34.92 -23.21
C LEU C 262 12.45 33.87 -22.30
N ALA C 263 12.46 34.15 -20.99
CA ALA C 263 11.83 33.30 -20.00
C ALA C 263 10.51 33.91 -19.55
N PHE C 264 9.57 33.05 -19.17
CA PHE C 264 8.22 33.47 -18.81
C PHE C 264 7.80 32.81 -17.50
N TRP C 265 7.24 33.61 -16.60
CA TRP C 265 6.49 33.11 -15.45
C TRP C 265 5.34 34.08 -15.20
N PHE C 266 4.50 33.78 -14.21
CA PHE C 266 3.35 34.62 -13.96
C PHE C 266 3.00 34.61 -12.49
N ASP C 267 2.46 35.74 -12.02
CA ASP C 267 1.89 35.87 -10.69
C ASP C 267 0.43 36.27 -10.80
N VAL C 268 -0.36 35.87 -9.80
CA VAL C 268 -1.74 36.33 -9.66
C VAL C 268 -1.91 36.82 -8.23
N ALA C 269 -2.80 37.80 -8.05
CA ALA C 269 -3.06 38.38 -6.75
C ALA C 269 -4.55 38.32 -6.45
N PHE C 270 -4.88 37.96 -5.21
CA PHE C 270 -6.25 37.96 -4.73
C PHE C 270 -6.42 39.20 -3.87
N ILE C 271 -6.97 40.26 -4.46
CA ILE C 271 -7.10 41.56 -3.79
C ILE C 271 -8.43 41.52 -3.05
N GLY C 272 -8.38 41.09 -1.80
CA GLY C 272 -9.55 41.02 -0.96
C GLY C 272 -9.69 42.23 -0.05
N SER C 273 -10.81 42.26 0.68
CA SER C 273 -11.12 43.38 1.56
C SER C 273 -10.26 43.40 2.82
N ILE C 274 -9.71 42.25 3.22
CA ILE C 274 -8.85 42.18 4.40
C ILE C 274 -7.38 42.25 4.04
N MET C 275 -6.98 41.66 2.90
CA MET C 275 -5.57 41.62 2.54
C MET C 275 -5.45 41.16 1.09
N THR C 276 -4.24 41.29 0.56
CA THR C 276 -3.90 40.84 -0.78
C THR C 276 -2.95 39.66 -0.66
N VAL C 277 -3.33 38.52 -1.23
CA VAL C 277 -2.52 37.31 -1.23
C VAL C 277 -1.97 37.09 -2.62
N TRP C 278 -0.70 36.70 -2.70
CA TRP C 278 0.00 36.53 -3.96
C TRP C 278 0.34 35.06 -4.20
N LEU C 279 0.13 34.62 -5.45
CA LEU C 279 0.54 33.30 -5.90
C LEU C 279 1.56 33.49 -7.02
N SER C 280 2.78 33.00 -6.80
CA SER C 280 3.88 33.22 -7.73
C SER C 280 4.37 31.89 -8.30
N THR C 281 4.67 31.89 -9.59
CA THR C 281 5.39 30.80 -10.24
C THR C 281 6.80 31.22 -10.63
N ALA C 282 7.35 32.22 -9.94
CA ALA C 282 8.64 32.76 -10.31
C ALA C 282 9.75 31.74 -10.08
N PRO C 283 10.83 31.80 -10.87
CA PRO C 283 11.97 30.90 -10.63
C PRO C 283 12.65 31.13 -9.29
N THR C 284 12.38 32.26 -8.63
CA THR C 284 12.88 32.50 -7.28
C THR C 284 12.00 31.90 -6.20
N GLU C 285 10.95 31.16 -6.58
CA GLU C 285 9.97 30.65 -5.63
C GLU C 285 9.89 29.13 -5.72
N PRO C 286 9.28 28.47 -4.74
CA PRO C 286 9.09 27.01 -4.83
C PRO C 286 8.48 26.61 -6.16
N LEU C 287 8.93 25.48 -6.68
CA LEU C 287 8.47 25.02 -7.99
C LEU C 287 7.02 24.58 -7.93
N THR C 288 6.28 24.86 -9.00
CA THR C 288 4.88 24.49 -9.13
C THR C 288 4.70 23.64 -10.38
N HIS C 289 3.50 23.09 -10.55
CA HIS C 289 3.20 22.29 -11.74
C HIS C 289 3.13 23.15 -13.00
N TRP C 290 3.22 24.47 -12.88
CA TRP C 290 3.34 25.35 -14.03
C TRP C 290 4.78 25.51 -14.51
N TYR C 291 5.75 25.17 -13.68
CA TYR C 291 7.18 25.35 -13.99
C TYR C 291 7.36 26.79 -14.49
N GLN C 292 8.28 26.97 -15.43
CA GLN C 292 8.39 28.19 -16.21
C GLN C 292 8.47 27.79 -17.69
N VAL C 293 8.54 28.79 -18.56
CA VAL C 293 8.60 28.56 -20.01
C VAL C 293 9.68 29.45 -20.60
N ARG C 294 10.41 28.91 -21.58
CA ARG C 294 11.44 29.65 -22.28
C ARG C 294 11.25 29.49 -23.78
N CYS C 295 11.37 30.60 -24.51
CA CYS C 295 11.29 30.61 -25.97
C CYS C 295 12.63 31.06 -26.51
N LEU C 296 13.22 30.24 -27.38
CA LEU C 296 14.54 30.54 -27.93
C LEU C 296 14.43 31.53 -29.08
N PHE C 297 15.41 32.43 -29.16
CA PHE C 297 15.67 33.14 -30.41
C PHE C 297 16.27 32.19 -31.42
N GLN C 298 16.03 32.46 -32.70
CA GLN C 298 16.64 31.64 -33.74
C GLN C 298 18.14 31.91 -33.84
N SER C 299 18.57 33.11 -33.48
CA SER C 299 19.98 33.45 -33.38
C SER C 299 20.21 34.22 -32.09
N PRO C 300 21.27 33.91 -31.34
CA PRO C 300 21.54 34.66 -30.11
C PRO C 300 22.02 36.07 -30.39
N LEU C 301 21.81 36.94 -29.41
CA LEU C 301 22.16 38.36 -29.50
C LEU C 301 23.13 38.71 -28.38
N PHE C 302 24.27 39.29 -28.74
CA PHE C 302 25.22 39.75 -27.74
C PHE C 302 24.80 41.11 -27.21
N ALA C 303 24.72 41.23 -25.89
CA ALA C 303 24.36 42.48 -25.25
C ALA C 303 25.29 42.72 -24.07
N LYS C 304 25.85 43.92 -24.00
CA LYS C 304 26.70 44.30 -22.89
C LYS C 304 25.85 44.77 -21.72
N ALA C 305 26.39 44.62 -20.51
CA ALA C 305 25.74 45.19 -19.34
C ALA C 305 25.60 46.69 -19.51
N GLY C 306 24.37 47.18 -19.37
CA GLY C 306 24.05 48.56 -19.63
C GLY C 306 23.32 48.78 -20.95
N ASP C 307 23.50 47.89 -21.91
CA ASP C 307 22.76 47.95 -23.17
C ASP C 307 21.27 47.73 -22.90
N THR C 308 20.46 48.02 -23.91
CA THR C 308 19.01 47.82 -23.84
C THR C 308 18.57 46.87 -24.94
N LEU C 309 17.78 45.88 -24.57
CA LEU C 309 17.20 44.91 -25.50
C LEU C 309 15.71 45.20 -25.60
N SER C 310 15.27 45.66 -26.78
CA SER C 310 13.91 46.12 -26.97
C SER C 310 13.22 45.31 -28.06
N GLY C 311 11.90 45.27 -27.98
CA GLY C 311 11.10 44.54 -28.95
C GLY C 311 9.72 44.27 -28.39
N THR C 312 9.04 43.30 -29.01
CA THR C 312 7.69 42.96 -28.63
C THR C 312 7.51 41.44 -28.61
N CYS C 313 6.74 40.96 -27.64
CA CYS C 313 6.25 39.60 -27.65
C CYS C 313 4.76 39.68 -27.96
N LEU C 314 4.37 39.18 -29.12
CA LEU C 314 2.98 39.24 -29.58
C LEU C 314 2.38 37.85 -29.50
N LEU C 315 1.36 37.69 -28.67
CA LEU C 315 0.64 36.43 -28.52
C LEU C 315 -0.68 36.53 -29.29
N ILE C 316 -0.88 35.60 -30.21
CA ILE C 316 -2.05 35.59 -31.08
C ILE C 316 -2.83 34.31 -30.80
N ALA C 317 -4.03 34.46 -30.25
CA ALA C 317 -4.84 33.29 -29.93
C ALA C 317 -5.21 32.54 -31.20
N ASN C 318 -5.35 31.22 -31.07
CA ASN C 318 -5.73 30.36 -32.18
C ASN C 318 -6.87 29.44 -31.75
N LYS C 319 -7.47 28.78 -32.73
CA LYS C 319 -8.64 27.94 -32.50
C LYS C 319 -8.32 26.65 -31.75
N ARG C 320 -7.06 26.42 -31.39
CA ARG C 320 -6.66 25.22 -30.64
C ARG C 320 -6.45 25.50 -29.16
N GLN C 321 -7.20 26.46 -28.60
CA GLN C 321 -7.11 26.78 -27.18
C GLN C 321 -5.69 27.13 -26.78
N SER C 322 -4.98 27.86 -27.63
CA SER C 322 -3.61 28.23 -27.33
C SER C 322 -3.25 29.47 -28.13
N TYR C 323 -1.95 29.76 -28.23
CA TYR C 323 -1.47 30.97 -28.88
C TYR C 323 -0.29 30.62 -29.79
N ASP C 324 -0.13 31.42 -30.84
CA ASP C 324 1.10 31.49 -31.60
C ASP C 324 1.91 32.67 -31.08
N ILE C 325 3.18 32.42 -30.77
CA ILE C 325 4.03 33.39 -30.10
C ILE C 325 4.98 34.00 -31.12
N SER C 326 4.90 35.32 -31.29
CA SER C 326 5.80 36.07 -32.16
C SER C 326 6.69 36.94 -31.30
N ILE C 327 7.99 36.66 -31.31
CA ILE C 327 8.96 37.41 -30.53
C ILE C 327 9.94 38.08 -31.48
N VAL C 328 10.24 39.35 -31.21
CA VAL C 328 11.20 40.12 -31.99
C VAL C 328 12.02 40.96 -31.03
N ALA C 329 13.34 40.88 -31.14
CA ALA C 329 14.24 41.54 -30.21
C ALA C 329 15.37 42.20 -30.97
N GLN C 330 15.87 43.31 -30.42
CA GLN C 330 17.01 44.01 -30.98
C GLN C 330 17.85 44.59 -29.86
N VAL C 331 19.17 44.62 -30.08
CA VAL C 331 20.09 45.34 -29.21
C VAL C 331 20.15 46.78 -29.70
N ASP C 332 19.63 47.71 -28.91
CA ASP C 332 19.51 49.10 -29.36
C ASP C 332 20.87 49.69 -29.72
N GLN C 333 21.90 49.38 -28.92
CA GLN C 333 23.19 50.01 -29.11
C GLN C 333 23.94 49.50 -30.33
N THR C 334 23.65 48.29 -30.80
CA THR C 334 24.36 47.70 -31.93
C THR C 334 23.49 47.48 -33.15
N GLY C 335 22.18 47.35 -32.99
CA GLY C 335 21.30 47.11 -34.12
C GLY C 335 21.24 45.65 -34.55
N SER C 336 21.56 44.72 -33.67
CA SER C 336 21.48 43.30 -33.97
C SER C 336 20.09 42.78 -33.62
N LYS C 337 19.47 42.05 -34.54
CA LYS C 337 18.09 41.61 -34.39
C LYS C 337 17.98 40.09 -34.50
N SER C 338 16.96 39.55 -33.83
CA SER C 338 16.54 38.17 -34.02
C SER C 338 15.07 38.08 -33.68
N SER C 339 14.48 36.91 -33.96
CA SER C 339 13.05 36.71 -33.74
C SER C 339 12.80 35.22 -33.63
N ASN C 340 11.52 34.86 -33.53
CA ASN C 340 11.09 33.48 -33.57
C ASN C 340 9.57 33.46 -33.51
N LEU C 341 8.98 32.33 -33.93
CA LEU C 341 7.53 32.17 -34.02
C LEU C 341 7.18 30.78 -33.50
N LEU C 342 6.71 30.71 -32.26
CA LEU C 342 6.57 29.44 -31.56
C LEU C 342 5.10 29.03 -31.45
N ASP C 343 4.89 27.72 -31.35
CA ASP C 343 3.56 27.12 -31.23
C ASP C 343 3.37 26.65 -29.79
N LEU C 344 2.65 27.43 -29.00
CA LEU C 344 2.55 27.18 -27.57
C LEU C 344 1.73 25.91 -27.27
N LYS C 345 0.82 25.52 -28.16
CA LYS C 345 -0.02 24.37 -27.91
C LYS C 345 0.78 23.08 -27.77
N ASN C 346 1.96 23.01 -28.37
CA ASN C 346 2.80 21.80 -28.35
C ASN C 346 4.17 22.15 -27.82
N PRO C 347 4.31 22.24 -26.49
CA PRO C 347 5.62 22.55 -25.91
C PRO C 347 6.47 21.29 -25.76
N PHE C 348 7.74 21.51 -25.44
CA PHE C 348 8.69 20.44 -25.18
C PHE C 348 8.94 20.38 -23.68
N PHE C 349 8.47 19.31 -23.04
CA PHE C 349 8.68 19.13 -21.61
C PHE C 349 10.10 18.63 -21.38
N ARG C 350 10.96 19.51 -20.87
CA ARG C 350 12.38 19.21 -20.69
C ARG C 350 12.74 18.90 -19.24
N TYR C 351 11.84 19.13 -18.30
CA TYR C 351 12.18 19.00 -16.89
C TYR C 351 12.52 17.56 -16.54
N THR C 352 13.52 17.40 -15.67
CA THR C 352 13.94 16.08 -15.20
C THR C 352 14.15 16.11 -13.69
N SER D 10 -15.41 5.88 -45.91
CA SER D 10 -14.37 4.87 -46.09
C SER D 10 -14.26 4.00 -44.85
N VAL D 11 -13.50 2.91 -44.96
CA VAL D 11 -13.35 1.99 -43.82
C VAL D 11 -12.74 2.71 -42.63
N PHE D 12 -11.72 3.53 -42.86
CA PHE D 12 -11.03 4.18 -41.76
C PHE D 12 -11.95 5.15 -41.01
N SER D 13 -12.62 6.03 -41.74
CA SER D 13 -13.50 7.01 -41.10
C SER D 13 -14.62 6.34 -40.35
N GLU D 14 -15.10 5.20 -40.83
CA GLU D 14 -16.21 4.52 -40.17
C GLU D 14 -15.83 4.00 -38.78
N ARG D 15 -14.57 3.61 -38.59
CA ARG D 15 -14.12 3.03 -37.32
C ARG D 15 -13.29 3.99 -36.49
N THR D 16 -13.35 5.29 -36.76
CA THR D 16 -12.45 6.24 -36.14
C THR D 16 -13.16 7.56 -35.89
N GLU D 17 -13.20 7.97 -34.63
CA GLU D 17 -13.62 9.33 -34.31
C GLU D 17 -12.68 10.32 -34.98
N GLU D 18 -13.25 11.30 -35.68
CA GLU D 18 -12.42 12.32 -36.32
C GLU D 18 -11.48 12.95 -35.31
N SER D 19 -11.96 13.19 -34.09
CA SER D 19 -11.12 13.79 -33.06
C SER D 19 -9.86 12.94 -32.83
N SER D 20 -10.01 11.62 -32.81
CA SER D 20 -8.84 10.76 -32.63
C SER D 20 -7.90 10.83 -33.83
N ALA D 21 -8.45 10.80 -35.04
CA ALA D 21 -7.61 10.79 -36.23
C ALA D 21 -6.81 12.08 -36.37
N VAL D 22 -7.41 13.22 -36.02
CA VAL D 22 -6.70 14.49 -36.11
C VAL D 22 -5.43 14.45 -35.28
N GLN D 23 -5.57 14.19 -33.98
CA GLN D 23 -4.40 14.18 -33.11
C GLN D 23 -3.43 13.09 -33.53
N TYR D 24 -3.95 11.94 -33.96
CA TYR D 24 -3.10 10.82 -34.35
C TYR D 24 -2.13 11.24 -35.45
N PHE D 25 -2.65 11.80 -36.54
CA PHE D 25 -1.80 12.15 -37.68
C PHE D 25 -1.01 13.43 -37.43
N GLN D 26 -1.51 14.33 -36.58
CA GLN D 26 -0.68 15.42 -36.10
C GLN D 26 0.56 14.89 -35.39
N PHE D 27 0.35 13.91 -34.49
CA PHE D 27 1.46 13.35 -33.73
C PHE D 27 2.54 12.80 -34.65
N TYR D 28 2.15 12.05 -35.67
CA TYR D 28 3.11 11.43 -36.58
C TYR D 28 3.59 12.36 -37.67
N GLY D 29 3.14 13.62 -37.69
CA GLY D 29 3.70 14.60 -38.58
C GLY D 29 4.98 15.24 -38.09
N TYR D 30 5.43 14.86 -36.89
CA TYR D 30 6.63 15.45 -36.30
C TYR D 30 7.86 14.64 -36.67
N LEU D 31 8.88 15.33 -37.20
CA LEU D 31 10.15 14.66 -37.51
C LEU D 31 10.78 14.06 -36.26
N SER D 32 10.59 14.70 -35.10
CA SER D 32 11.18 14.19 -33.87
C SER D 32 10.64 12.80 -33.54
N GLN D 33 9.35 12.56 -33.81
CA GLN D 33 8.79 11.23 -33.57
C GLN D 33 9.29 10.23 -34.60
N GLN D 34 9.57 10.68 -35.82
CA GLN D 34 10.21 9.80 -36.80
C GLN D 34 11.63 9.46 -36.36
N GLN D 35 12.36 10.43 -35.80
CA GLN D 35 13.69 10.15 -35.27
C GLN D 35 13.63 9.12 -34.16
N ASN D 36 12.62 9.20 -33.29
CA ASN D 36 12.50 8.24 -32.20
C ASN D 36 12.40 6.82 -32.73
N MET D 37 11.50 6.59 -33.69
CA MET D 37 11.31 5.24 -34.22
C MET D 37 12.54 4.77 -34.98
N MET D 38 13.15 5.64 -35.79
CA MET D 38 14.29 5.24 -36.58
C MET D 38 15.52 4.93 -35.72
N GLN D 39 15.69 5.62 -34.60
CA GLN D 39 16.83 5.39 -33.73
C GLN D 39 16.67 4.13 -32.87
N ASP D 40 15.54 3.45 -32.95
CA ASP D 40 15.43 2.10 -32.38
C ASP D 40 16.18 1.14 -33.29
N TYR D 41 17.45 0.89 -32.99
CA TYR D 41 18.29 0.11 -33.90
C TYR D 41 17.79 -1.33 -34.04
N VAL D 42 17.19 -1.88 -32.99
CA VAL D 42 16.62 -3.22 -33.08
C VAL D 42 15.50 -3.24 -34.12
N ARG D 43 14.57 -2.28 -34.03
CA ARG D 43 13.50 -2.18 -35.02
C ARG D 43 14.06 -1.95 -36.41
N THR D 44 14.85 -0.89 -36.58
CA THR D 44 15.29 -0.49 -37.90
C THR D 44 16.28 -1.49 -38.49
N GLY D 45 17.17 -2.03 -37.64
CA GLY D 45 18.15 -2.99 -38.15
C GLY D 45 17.53 -4.32 -38.55
N THR D 46 16.51 -4.76 -37.80
CA THR D 46 15.91 -6.05 -38.11
C THR D 46 15.06 -5.98 -39.37
N TYR D 47 14.34 -4.88 -39.57
CA TYR D 47 13.59 -4.70 -40.80
C TYR D 47 14.50 -4.71 -42.02
N GLN D 48 15.63 -4.01 -41.93
CA GLN D 48 16.59 -4.00 -43.04
C GLN D 48 17.14 -5.39 -43.28
N ARG D 49 17.44 -6.13 -42.20
CA ARG D 49 17.96 -7.49 -42.36
C ARG D 49 16.92 -8.41 -42.99
N ALA D 50 15.66 -8.29 -42.58
CA ALA D 50 14.61 -9.13 -43.16
C ALA D 50 14.45 -8.85 -44.65
N ILE D 51 14.51 -7.58 -45.04
CA ILE D 51 14.29 -7.23 -46.44
C ILE D 51 15.49 -7.61 -47.30
N LEU D 52 16.69 -7.21 -46.88
CA LEU D 52 17.88 -7.46 -47.68
C LEU D 52 18.21 -8.94 -47.75
N GLN D 53 18.13 -9.65 -46.62
CA GLN D 53 18.39 -11.08 -46.64
C GLN D 53 17.40 -11.82 -47.55
N ASN D 54 16.19 -11.30 -47.68
CA ASN D 54 15.19 -11.86 -48.59
C ASN D 54 15.03 -10.98 -49.82
N HIS D 55 16.16 -10.60 -50.41
CA HIS D 55 16.15 -9.67 -51.54
C HIS D 55 15.40 -10.25 -52.74
N THR D 56 15.35 -11.58 -52.86
CA THR D 56 14.66 -12.18 -53.99
C THR D 56 13.16 -11.90 -53.94
N ASP D 57 12.60 -11.73 -52.74
CA ASP D 57 11.18 -11.40 -52.61
C ASP D 57 10.88 -9.96 -52.99
N PHE D 58 11.91 -9.16 -53.29
CA PHE D 58 11.73 -7.78 -53.72
C PHE D 58 12.31 -7.49 -55.09
N LYS D 59 13.32 -8.26 -55.52
CA LYS D 59 13.99 -8.01 -56.79
C LYS D 59 13.00 -7.91 -57.95
N ASP D 60 12.87 -6.71 -58.53
CA ASP D 60 12.04 -6.48 -59.72
C ASP D 60 10.56 -6.70 -59.44
N LYS D 61 10.14 -6.54 -58.19
CA LYS D 61 8.75 -6.71 -57.80
C LYS D 61 8.11 -5.34 -57.54
N ILE D 62 6.78 -5.33 -57.55
CA ILE D 62 6.01 -4.15 -57.16
C ILE D 62 5.76 -4.23 -55.67
N VAL D 63 5.90 -3.09 -54.98
CA VAL D 63 5.84 -3.06 -53.52
C VAL D 63 4.86 -2.00 -53.05
N LEU D 64 4.22 -2.27 -51.91
CA LEU D 64 3.37 -1.31 -51.22
C LEU D 64 3.86 -1.18 -49.78
N ASP D 65 4.18 0.04 -49.37
CA ASP D 65 4.61 0.35 -48.02
C ASP D 65 3.52 1.15 -47.32
N VAL D 66 2.83 0.52 -46.37
CA VAL D 66 1.68 1.12 -45.72
C VAL D 66 2.16 1.94 -44.54
N GLY D 67 1.78 3.22 -44.50
CA GLY D 67 2.24 4.13 -43.48
C GLY D 67 3.76 4.21 -43.45
N CYS D 68 4.34 4.78 -44.51
CA CYS D 68 5.78 4.78 -44.68
C CYS D 68 6.50 5.79 -43.79
N GLY D 69 5.79 6.77 -43.26
CA GLY D 69 6.46 7.80 -42.48
C GLY D 69 7.49 8.51 -43.32
N SER D 70 8.72 8.60 -42.79
CA SER D 70 9.83 9.20 -43.54
C SER D 70 10.23 8.37 -44.75
N GLY D 71 9.70 7.15 -44.90
CA GLY D 71 9.97 6.33 -46.06
C GLY D 71 11.10 5.34 -45.92
N ILE D 72 11.53 5.04 -44.69
CA ILE D 72 12.74 4.25 -44.50
C ILE D 72 12.58 2.85 -45.07
N LEU D 73 11.41 2.23 -44.89
CA LEU D 73 11.22 0.87 -45.37
C LEU D 73 11.18 0.81 -46.89
N SER D 74 10.72 1.87 -47.55
CA SER D 74 10.73 1.90 -49.00
C SER D 74 12.14 1.94 -49.54
N PHE D 75 13.04 2.66 -48.87
CA PHE D 75 14.44 2.67 -49.28
C PHE D 75 15.06 1.29 -49.13
N PHE D 76 14.70 0.56 -48.07
CA PHE D 76 15.19 -0.80 -47.91
C PHE D 76 14.75 -1.68 -49.07
N ALA D 77 13.49 -1.53 -49.51
CA ALA D 77 13.01 -2.30 -50.65
C ALA D 77 13.71 -1.88 -51.93
N ALA D 78 14.06 -0.59 -52.07
CA ALA D 78 14.83 -0.17 -53.23
C ALA D 78 16.22 -0.78 -53.23
N GLN D 79 16.87 -0.85 -52.07
CA GLN D 79 18.17 -1.47 -51.97
C GLN D 79 18.11 -2.94 -52.38
N ALA D 80 16.97 -3.61 -52.14
CA ALA D 80 16.81 -5.01 -52.49
C ALA D 80 16.42 -5.23 -53.93
N GLY D 81 16.27 -4.17 -54.73
CA GLY D 81 16.03 -4.30 -56.15
C GLY D 81 14.60 -4.18 -56.61
N ALA D 82 13.72 -3.63 -55.78
CA ALA D 82 12.32 -3.50 -56.18
C ALA D 82 12.19 -2.57 -57.39
N ARG D 83 11.32 -2.96 -58.32
CA ARG D 83 11.12 -2.15 -59.53
C ARG D 83 10.31 -0.90 -59.22
N LYS D 84 9.28 -1.02 -58.39
CA LYS D 84 8.41 0.11 -58.09
C LYS D 84 7.83 -0.09 -56.69
N ILE D 85 7.88 0.96 -55.89
CA ILE D 85 7.42 0.93 -54.50
C ILE D 85 6.43 2.06 -54.32
N TYR D 86 5.17 1.72 -54.03
CA TYR D 86 4.17 2.70 -53.66
C TYR D 86 4.20 2.87 -52.15
N ALA D 87 4.46 4.10 -51.70
CA ALA D 87 4.64 4.41 -50.29
C ALA D 87 3.51 5.31 -49.85
N VAL D 88 2.57 4.75 -49.07
CA VAL D 88 1.36 5.45 -48.66
C VAL D 88 1.57 6.02 -47.26
N GLU D 89 1.21 7.29 -47.09
CA GLU D 89 1.35 7.98 -45.81
C GLU D 89 0.29 9.05 -45.71
N ALA D 90 -0.49 9.02 -44.63
CA ALA D 90 -1.62 9.91 -44.47
C ALA D 90 -1.30 11.19 -43.71
N SER D 91 -0.17 11.25 -43.02
CA SER D 91 0.22 12.46 -42.31
C SER D 91 0.99 13.39 -43.24
N THR D 92 1.32 14.58 -42.74
CA THR D 92 2.13 15.52 -43.52
C THR D 92 3.55 15.04 -43.74
N MET D 93 3.98 14.00 -43.03
CA MET D 93 5.31 13.43 -43.23
C MET D 93 5.52 12.96 -44.67
N ALA D 94 4.43 12.75 -45.42
CA ALA D 94 4.55 12.26 -46.79
C ALA D 94 5.40 13.21 -47.64
N GLN D 95 5.27 14.52 -47.40
CA GLN D 95 6.05 15.48 -48.17
C GLN D 95 7.52 15.46 -47.76
N HIS D 96 7.81 15.15 -46.49
CA HIS D 96 9.20 14.95 -46.09
C HIS D 96 9.78 13.70 -46.74
N ALA D 97 8.96 12.66 -46.92
CA ALA D 97 9.43 11.46 -47.61
C ALA D 97 9.80 11.78 -49.06
N GLU D 98 8.97 12.58 -49.73
CA GLU D 98 9.26 12.93 -51.11
C GLU D 98 10.59 13.66 -51.23
N VAL D 99 10.89 14.54 -50.27
CA VAL D 99 12.17 15.23 -50.25
C VAL D 99 13.31 14.22 -50.24
N LEU D 100 13.21 13.22 -49.36
CA LEU D 100 14.26 12.21 -49.27
C LEU D 100 14.34 11.38 -50.53
N VAL D 101 13.19 11.05 -51.13
CA VAL D 101 13.20 10.30 -52.38
C VAL D 101 13.97 11.05 -53.45
N LYS D 102 13.79 12.37 -53.52
CA LYS D 102 14.46 13.16 -54.54
C LYS D 102 15.94 13.33 -54.24
N SER D 103 16.28 13.59 -52.98
CA SER D 103 17.68 13.80 -52.63
C SER D 103 18.50 12.52 -52.77
N ASN D 104 17.86 11.36 -52.56
CA ASN D 104 18.54 10.08 -52.76
C ASN D 104 18.43 9.57 -54.19
N ASN D 105 17.87 10.36 -55.10
CA ASN D 105 17.81 10.03 -56.52
C ASN D 105 17.14 8.67 -56.75
N LEU D 106 15.97 8.49 -56.13
CA LEU D 106 15.19 7.27 -56.30
C LEU D 106 13.78 7.56 -56.80
N THR D 107 13.59 8.69 -57.48
CA THR D 107 12.28 9.03 -58.02
C THR D 107 11.78 7.98 -59.01
N ASP D 108 12.68 7.22 -59.61
CA ASP D 108 12.31 6.18 -60.57
C ASP D 108 11.80 4.91 -59.89
N ARG D 109 11.92 4.78 -58.57
CA ARG D 109 11.60 3.53 -57.91
C ARG D 109 10.60 3.69 -56.76
N ILE D 110 10.59 4.85 -56.11
CA ILE D 110 9.71 5.09 -54.96
C ILE D 110 8.70 6.18 -55.33
N VAL D 111 7.43 5.88 -55.10
CA VAL D 111 6.32 6.76 -55.49
C VAL D 111 5.49 7.00 -54.23
N VAL D 112 5.62 8.19 -53.64
CA VAL D 112 4.87 8.52 -52.45
C VAL D 112 3.41 8.79 -52.82
N ILE D 113 2.49 8.11 -52.13
CA ILE D 113 1.06 8.31 -52.33
C ILE D 113 0.48 8.94 -51.07
N PRO D 114 0.21 10.24 -51.05
CA PRO D 114 -0.37 10.85 -49.86
C PRO D 114 -1.82 10.42 -49.67
N GLY D 115 -2.14 10.06 -48.43
CA GLY D 115 -3.51 9.72 -48.05
C GLY D 115 -3.55 8.46 -47.20
N LYS D 116 -4.75 8.19 -46.70
CA LYS D 116 -5.01 6.96 -45.96
C LYS D 116 -5.07 5.78 -46.93
N VAL D 117 -4.48 4.66 -46.51
CA VAL D 117 -4.41 3.49 -47.39
C VAL D 117 -5.81 2.97 -47.70
N GLU D 118 -6.80 3.30 -46.89
CA GLU D 118 -8.18 2.90 -47.16
C GLU D 118 -8.88 3.82 -48.14
N GLU D 119 -8.17 4.82 -48.69
CA GLU D 119 -8.80 5.82 -49.53
C GLU D 119 -8.03 6.17 -50.79
N VAL D 120 -6.80 5.71 -50.95
CA VAL D 120 -5.99 6.06 -52.11
C VAL D 120 -6.20 5.02 -53.20
N SER D 121 -5.97 5.43 -54.45
CA SER D 121 -6.01 4.54 -55.60
C SER D 121 -4.59 4.23 -56.04
N LEU D 122 -4.35 2.99 -56.43
CA LEU D 122 -3.04 2.59 -56.93
C LEU D 122 -3.13 2.15 -58.39
N PRO D 123 -2.09 2.42 -59.19
CA PRO D 123 -2.16 2.04 -60.61
C PRO D 123 -2.36 0.54 -60.82
N GLU D 124 -1.78 -0.30 -59.97
CA GLU D 124 -1.70 -1.72 -60.24
C GLU D 124 -1.71 -2.48 -58.91
N GLN D 125 -1.69 -3.80 -59.02
CA GLN D 125 -1.53 -4.68 -57.87
C GLN D 125 -0.05 -4.85 -57.55
N VAL D 126 0.23 -5.29 -56.32
CA VAL D 126 1.59 -5.40 -55.83
C VAL D 126 1.89 -6.87 -55.51
N ASP D 127 3.18 -7.18 -55.45
CA ASP D 127 3.63 -8.53 -55.15
C ASP D 127 3.87 -8.77 -53.67
N ILE D 128 4.09 -7.71 -52.89
CA ILE D 128 4.38 -7.85 -51.47
C ILE D 128 4.04 -6.54 -50.78
N ILE D 129 3.49 -6.65 -49.57
CA ILE D 129 3.20 -5.49 -48.74
C ILE D 129 4.21 -5.46 -47.60
N ILE D 130 4.74 -4.27 -47.32
CA ILE D 130 5.61 -4.04 -46.18
C ILE D 130 4.99 -2.95 -45.32
N SER D 131 5.27 -3.01 -44.02
CA SER D 131 4.72 -2.04 -43.09
C SER D 131 5.30 -2.29 -41.71
N GLU D 132 5.25 -1.26 -40.87
CA GLU D 132 5.60 -1.36 -39.46
C GLU D 132 4.38 -0.89 -38.67
N PRO D 133 3.36 -1.74 -38.55
CA PRO D 133 2.10 -1.32 -37.91
C PRO D 133 1.96 -1.67 -36.43
N MET D 134 3.00 -2.19 -35.78
CA MET D 134 2.88 -2.64 -34.41
C MET D 134 2.91 -1.45 -33.45
N GLY D 135 1.96 -1.44 -32.51
CA GLY D 135 1.98 -0.51 -31.41
C GLY D 135 2.20 -1.21 -30.08
N TYR D 136 2.05 -0.43 -29.00
CA TYR D 136 2.12 -1.00 -27.66
C TYR D 136 1.13 -2.15 -27.55
N MET D 137 1.59 -3.25 -26.94
CA MET D 137 0.79 -4.47 -26.86
C MET D 137 0.40 -4.95 -28.25
N LEU D 138 1.20 -4.58 -29.26
CA LEU D 138 0.99 -4.92 -30.66
C LEU D 138 -0.22 -4.21 -31.27
N PHE D 139 -1.38 -4.31 -30.63
CA PHE D 139 -2.63 -3.93 -31.28
C PHE D 139 -2.96 -2.45 -31.18
N ASN D 140 -2.34 -1.71 -30.26
CA ASN D 140 -2.65 -0.29 -30.12
C ASN D 140 -2.47 0.43 -31.46
N GLU D 141 -3.26 1.48 -31.65
CA GLU D 141 -3.28 2.31 -32.87
C GLU D 141 -4.16 1.70 -33.97
N ARG D 142 -4.47 0.41 -33.86
CA ARG D 142 -5.35 -0.26 -34.81
C ARG D 142 -4.83 -0.19 -36.25
N MET D 143 -3.51 -0.05 -36.43
CA MET D 143 -2.98 -0.01 -37.78
C MET D 143 -2.88 -1.39 -38.41
N LEU D 144 -2.90 -2.46 -37.61
CA LEU D 144 -2.94 -3.81 -38.18
C LEU D 144 -4.13 -3.97 -39.12
N GLU D 145 -5.23 -3.28 -38.85
CA GLU D 145 -6.39 -3.34 -39.73
C GLU D 145 -6.11 -2.62 -41.05
N SER D 146 -5.39 -1.51 -41.01
CA SER D 146 -4.99 -0.84 -42.24
C SER D 146 -4.02 -1.71 -43.02
N TYR D 147 -3.08 -2.35 -42.33
CA TYR D 147 -2.16 -3.27 -42.97
C TYR D 147 -2.90 -4.41 -43.67
N LEU D 148 -3.93 -4.95 -43.00
CA LEU D 148 -4.70 -6.03 -43.61
C LEU D 148 -5.61 -5.52 -44.72
N HIS D 149 -6.21 -4.35 -44.51
CA HIS D 149 -7.06 -3.75 -45.54
C HIS D 149 -6.32 -3.62 -46.86
N ALA D 150 -5.03 -3.27 -46.80
CA ALA D 150 -4.23 -3.08 -48.00
C ALA D 150 -4.11 -4.34 -48.84
N LYS D 151 -4.49 -5.51 -48.30
CA LYS D 151 -4.41 -6.74 -49.08
C LYS D 151 -5.33 -6.73 -50.29
N LYS D 152 -6.21 -5.73 -50.42
CA LYS D 152 -7.00 -5.58 -51.63
C LYS D 152 -6.13 -5.24 -52.83
N TYR D 153 -4.90 -4.76 -52.60
CA TYR D 153 -3.95 -4.47 -53.66
C TYR D 153 -2.94 -5.59 -53.87
N LEU D 154 -3.03 -6.67 -53.09
CA LEU D 154 -2.03 -7.72 -53.12
C LEU D 154 -2.44 -8.79 -54.13
N LYS D 155 -1.53 -9.11 -55.05
CA LYS D 155 -1.77 -10.19 -55.99
C LYS D 155 -2.03 -11.49 -55.24
N PRO D 156 -2.73 -12.43 -55.85
CA PRO D 156 -2.82 -13.77 -55.26
C PRO D 156 -1.43 -14.35 -55.06
N SER D 157 -1.26 -15.08 -53.96
CA SER D 157 0.02 -15.68 -53.57
C SER D 157 1.06 -14.63 -53.19
N GLY D 158 0.69 -13.36 -53.10
CA GLY D 158 1.61 -12.35 -52.61
C GLY D 158 2.01 -12.61 -51.17
N ASN D 159 3.04 -11.88 -50.73
CA ASN D 159 3.61 -12.05 -49.40
C ASN D 159 3.38 -10.82 -48.54
N MET D 160 3.51 -11.00 -47.23
CA MET D 160 3.35 -9.94 -46.24
C MET D 160 4.58 -9.89 -45.37
N PHE D 161 5.21 -8.71 -45.29
CA PHE D 161 6.36 -8.48 -44.43
C PHE D 161 6.00 -7.41 -43.41
N PRO D 162 5.74 -7.77 -42.14
CA PRO D 162 5.83 -9.11 -41.54
C PRO D 162 4.73 -10.06 -41.98
N THR D 163 4.96 -11.36 -41.79
CA THR D 163 4.03 -12.38 -42.23
C THR D 163 3.07 -12.80 -41.12
N ILE D 164 3.56 -12.91 -39.88
CA ILE D 164 2.75 -13.31 -38.74
C ILE D 164 3.13 -12.45 -37.54
N GLY D 165 2.24 -12.46 -36.55
CA GLY D 165 2.49 -11.79 -35.29
C GLY D 165 2.09 -12.65 -34.11
N ASP D 166 3.00 -12.81 -33.16
CA ASP D 166 2.75 -13.61 -31.97
C ASP D 166 2.61 -12.70 -30.76
N VAL D 167 1.52 -12.91 -30.01
CA VAL D 167 1.32 -12.25 -28.72
C VAL D 167 1.66 -13.27 -27.63
N HIS D 168 2.43 -12.84 -26.64
CA HIS D 168 2.82 -13.70 -25.54
C HIS D 168 2.25 -13.16 -24.23
N LEU D 169 1.68 -14.04 -23.43
CA LEU D 169 1.11 -13.71 -22.13
C LEU D 169 1.80 -14.55 -21.06
N ALA D 170 2.01 -13.96 -19.89
CA ALA D 170 2.60 -14.70 -18.77
C ALA D 170 2.28 -13.98 -17.46
N PRO D 171 1.87 -14.70 -16.41
CA PRO D 171 1.65 -14.04 -15.12
C PRO D 171 2.97 -13.67 -14.47
N PHE D 172 2.90 -12.66 -13.60
CA PHE D 172 4.08 -12.11 -12.95
C PHE D 172 3.76 -11.76 -11.51
N THR D 173 4.83 -11.57 -10.73
CA THR D 173 4.73 -11.07 -9.37
C THR D 173 5.60 -9.82 -9.23
N ASP D 174 5.07 -8.81 -8.56
CA ASP D 174 5.79 -7.55 -8.41
C ASP D 174 5.04 -6.64 -7.43
N GLU D 175 5.25 -6.87 -6.12
CA GLU D 175 4.48 -6.13 -5.13
C GLU D 175 4.81 -4.65 -5.15
N GLN D 176 6.03 -4.28 -5.56
CA GLN D 176 6.39 -2.86 -5.57
C GLN D 176 5.54 -2.10 -6.58
N LEU D 177 5.45 -2.61 -7.81
CA LEU D 177 4.57 -1.99 -8.80
C LEU D 177 3.13 -1.94 -8.30
N TYR D 178 2.70 -2.97 -7.56
CA TYR D 178 1.33 -3.02 -7.06
C TYR D 178 1.07 -1.89 -6.07
N MET D 179 1.72 -1.93 -4.91
CA MET D 179 1.49 -0.86 -3.92
C MET D 179 1.99 0.49 -4.40
N GLU D 180 2.70 0.54 -5.54
CA GLU D 180 3.03 1.82 -6.15
C GLU D 180 1.79 2.47 -6.77
N GLN D 181 0.99 1.68 -7.49
CA GLN D 181 -0.26 2.19 -8.04
C GLN D 181 -1.34 2.31 -6.97
N PHE D 182 -1.23 1.51 -5.90
CA PHE D 182 -2.16 1.64 -4.78
C PHE D 182 -1.84 2.88 -3.96
N THR D 183 -0.58 3.31 -3.94
CA THR D 183 -0.21 4.54 -3.24
C THR D 183 -0.83 5.76 -3.90
N LYS D 184 -0.65 5.89 -5.22
CA LYS D 184 -1.24 7.01 -5.94
C LYS D 184 -2.74 7.09 -5.70
N ALA D 185 -3.40 5.94 -5.59
CA ALA D 185 -4.85 5.91 -5.40
C ALA D 185 -5.27 6.25 -3.98
N ASN D 186 -4.39 6.05 -2.99
CA ASN D 186 -4.73 6.35 -1.61
C ASN D 186 -4.90 7.85 -1.36
N PHE D 187 -4.45 8.69 -2.29
CA PHE D 187 -4.71 10.13 -2.17
C PHE D 187 -6.19 10.43 -2.02
N TRP D 188 -7.05 9.62 -2.66
CA TRP D 188 -8.48 9.84 -2.64
C TRP D 188 -9.18 9.10 -1.50
N TYR D 189 -8.44 8.61 -0.52
CA TYR D 189 -9.00 8.11 0.73
C TYR D 189 -9.05 9.18 1.81
N GLN D 190 -8.35 10.30 1.62
CA GLN D 190 -8.24 11.33 2.64
C GLN D 190 -9.62 11.79 3.11
N PRO D 191 -9.93 11.70 4.40
CA PRO D 191 -11.19 12.27 4.90
C PRO D 191 -11.13 13.74 5.25
N SER D 192 -10.00 14.43 4.98
CA SER D 192 -9.88 15.84 5.31
C SER D 192 -8.71 16.47 4.57
N PHE D 193 -8.72 16.41 3.24
CA PHE D 193 -7.72 17.08 2.42
C PHE D 193 -8.03 18.57 2.40
N HIS D 194 -7.23 19.37 3.10
CA HIS D 194 -7.53 20.79 3.32
C HIS D 194 -8.94 20.97 3.89
N GLY D 195 -9.39 19.98 4.66
CA GLY D 195 -10.70 20.02 5.27
C GLY D 195 -11.81 19.41 4.45
N VAL D 196 -11.49 18.69 3.37
CA VAL D 196 -12.49 18.13 2.47
C VAL D 196 -12.38 16.62 2.49
N ASP D 197 -13.52 15.94 2.64
CA ASP D 197 -13.57 14.48 2.62
C ASP D 197 -13.56 14.01 1.17
N LEU D 198 -12.46 13.39 0.76
CA LEU D 198 -12.34 12.85 -0.60
C LEU D 198 -12.69 11.38 -0.69
N SER D 199 -12.93 10.71 0.45
CA SER D 199 -12.97 9.25 0.47
C SER D 199 -14.05 8.69 -0.45
N ALA D 200 -15.11 9.46 -0.72
CA ALA D 200 -16.18 8.95 -1.55
C ALA D 200 -15.72 8.58 -2.96
N LEU D 201 -14.56 9.08 -3.39
CA LEU D 201 -14.06 8.83 -4.74
C LEU D 201 -12.92 7.83 -4.78
N ARG D 202 -12.59 7.19 -3.66
CA ARG D 202 -11.50 6.23 -3.64
C ARG D 202 -11.76 5.09 -4.62
N GLY D 203 -13.02 4.65 -4.73
CA GLY D 203 -13.35 3.59 -5.66
C GLY D 203 -13.07 3.98 -7.11
N ALA D 204 -13.46 5.19 -7.49
CA ALA D 204 -13.20 5.65 -8.86
C ALA D 204 -11.71 5.84 -9.12
N ALA D 205 -10.95 6.21 -8.09
CA ALA D 205 -9.51 6.42 -8.27
C ALA D 205 -8.77 5.10 -8.50
N VAL D 206 -9.07 4.09 -7.69
CA VAL D 206 -8.43 2.79 -7.86
C VAL D 206 -8.76 2.23 -9.23
N ASP D 207 -10.01 2.35 -9.66
CA ASP D 207 -10.41 1.88 -10.98
C ASP D 207 -9.59 2.56 -12.06
N GLU D 208 -9.60 3.89 -12.09
CA GLU D 208 -8.88 4.64 -13.10
C GLU D 208 -7.40 4.26 -13.12
N TYR D 209 -6.78 4.22 -11.94
CA TYR D 209 -5.33 3.97 -11.88
C TYR D 209 -4.98 2.57 -12.33
N PHE D 210 -5.86 1.60 -12.11
CA PHE D 210 -5.58 0.21 -12.47
C PHE D 210 -6.04 -0.15 -13.87
N ARG D 211 -6.74 0.75 -14.57
CA ARG D 211 -7.04 0.54 -15.98
C ARG D 211 -5.86 0.90 -16.88
N GLN D 212 -4.84 1.57 -16.34
CA GLN D 212 -3.68 1.97 -17.14
C GLN D 212 -2.73 0.80 -17.31
N PRO D 213 -2.41 0.39 -18.55
CA PRO D 213 -1.32 -0.58 -18.73
C PRO D 213 0.02 0.03 -18.35
N VAL D 214 0.87 -0.78 -17.74
CA VAL D 214 2.18 -0.34 -17.28
C VAL D 214 3.19 -0.68 -18.37
N VAL D 215 3.73 0.35 -19.02
CA VAL D 215 4.69 0.19 -20.11
C VAL D 215 6.08 0.41 -19.54
N ASP D 216 6.86 -0.66 -19.47
CA ASP D 216 8.25 -0.60 -19.03
C ASP D 216 8.86 -2.00 -19.16
N THR D 217 10.13 -2.15 -18.83
CA THR D 217 10.75 -3.46 -18.85
C THR D 217 10.88 -3.99 -17.42
N PHE D 218 11.23 -5.26 -17.33
CA PHE D 218 11.32 -5.93 -16.03
C PHE D 218 12.23 -7.14 -16.17
N ASP D 219 12.63 -7.68 -15.03
CA ASP D 219 13.43 -8.89 -14.99
C ASP D 219 12.55 -10.11 -15.30
N ILE D 220 13.07 -11.00 -16.14
CA ILE D 220 12.31 -12.18 -16.54
C ILE D 220 11.96 -13.06 -15.33
N ARG D 221 12.71 -12.93 -14.24
CA ARG D 221 12.52 -13.79 -13.08
C ARG D 221 11.24 -13.47 -12.31
N ILE D 222 10.52 -12.40 -12.67
CA ILE D 222 9.24 -12.12 -12.02
C ILE D 222 8.10 -12.92 -12.64
N LEU D 223 8.33 -13.55 -13.79
CA LEU D 223 7.30 -14.35 -14.45
C LEU D 223 7.12 -15.68 -13.73
N MET D 224 5.87 -16.06 -13.53
CA MET D 224 5.52 -17.22 -12.70
C MET D 224 5.18 -18.46 -13.50
N ALA D 225 5.25 -18.40 -14.83
CA ALA D 225 4.88 -19.53 -15.67
C ALA D 225 5.37 -19.28 -17.08
N LYS D 226 5.48 -20.35 -17.85
CA LYS D 226 5.81 -20.22 -19.27
C LYS D 226 4.69 -19.47 -19.98
N SER D 227 5.08 -18.70 -21.00
CA SER D 227 4.13 -17.83 -21.66
C SER D 227 3.19 -18.62 -22.56
N VAL D 228 2.01 -18.04 -22.80
CA VAL D 228 1.03 -18.56 -23.74
C VAL D 228 1.06 -17.68 -24.98
N LYS D 229 0.93 -18.31 -26.15
CA LYS D 229 1.14 -17.64 -27.42
C LYS D 229 -0.17 -17.57 -28.20
N TYR D 230 -0.45 -16.40 -28.76
CA TYR D 230 -1.59 -16.19 -29.65
C TYR D 230 -1.07 -15.60 -30.96
N THR D 231 -1.25 -16.34 -32.05
CA THR D 231 -0.67 -16.00 -33.33
C THR D 231 -1.71 -15.35 -34.24
N VAL D 232 -1.27 -14.32 -34.97
CA VAL D 232 -2.07 -13.67 -36.00
C VAL D 232 -1.34 -13.86 -37.32
N ASN D 233 -1.99 -14.52 -38.28
CA ASN D 233 -1.42 -14.76 -39.59
C ASN D 233 -1.91 -13.66 -40.53
N PHE D 234 -1.05 -12.68 -40.79
CA PHE D 234 -1.43 -11.55 -41.63
C PHE D 234 -1.72 -11.96 -43.07
N LEU D 235 -1.15 -13.07 -43.53
CA LEU D 235 -1.47 -13.57 -44.87
C LEU D 235 -2.92 -14.05 -44.94
N GLU D 236 -3.46 -14.58 -43.84
CA GLU D 236 -4.79 -15.16 -43.82
C GLU D 236 -5.83 -14.26 -43.16
N ALA D 237 -5.45 -13.53 -42.12
CA ALA D 237 -6.41 -12.74 -41.36
C ALA D 237 -7.08 -11.70 -42.24
N LYS D 238 -8.35 -11.44 -41.95
CA LYS D 238 -9.10 -10.34 -42.52
C LYS D 238 -9.27 -9.27 -41.45
N GLU D 239 -9.25 -8.00 -41.88
CA GLU D 239 -9.20 -6.90 -40.92
C GLU D 239 -10.33 -6.98 -39.90
N GLY D 240 -11.47 -7.55 -40.26
CA GLY D 240 -12.55 -7.72 -39.32
C GLY D 240 -12.23 -8.63 -38.16
N ASP D 241 -11.21 -9.48 -38.32
CA ASP D 241 -10.81 -10.39 -37.24
C ASP D 241 -10.26 -9.65 -36.03
N LEU D 242 -9.76 -8.44 -36.20
CA LEU D 242 -9.12 -7.70 -35.12
C LEU D 242 -10.10 -6.76 -34.40
N HIS D 243 -11.39 -6.83 -34.72
CA HIS D 243 -12.37 -6.02 -34.00
C HIS D 243 -12.63 -6.59 -32.60
N ARG D 244 -12.64 -7.92 -32.48
CA ARG D 244 -12.88 -8.59 -31.22
C ARG D 244 -11.91 -9.76 -31.14
N ILE D 245 -10.91 -9.64 -30.27
CA ILE D 245 -9.85 -10.64 -30.14
C ILE D 245 -10.03 -11.33 -28.79
N GLU D 246 -10.26 -12.64 -28.82
CA GLU D 246 -10.49 -13.43 -27.62
C GLU D 246 -9.33 -14.42 -27.48
N ILE D 247 -8.50 -14.21 -26.46
CA ILE D 247 -7.29 -15.00 -26.25
C ILE D 247 -7.44 -15.85 -25.00
N PRO D 248 -7.79 -17.14 -25.13
CA PRO D 248 -7.83 -18.00 -23.94
C PRO D 248 -6.43 -18.42 -23.52
N PHE D 249 -6.25 -18.57 -22.20
CA PHE D 249 -4.97 -18.95 -21.66
C PHE D 249 -5.15 -19.95 -20.53
N LYS D 250 -4.15 -20.81 -20.36
CA LYS D 250 -4.12 -21.78 -19.27
C LYS D 250 -2.66 -21.95 -18.87
N PHE D 251 -2.25 -21.26 -17.82
CA PHE D 251 -0.87 -21.31 -17.36
C PHE D 251 -0.68 -22.43 -16.35
N HIS D 252 0.50 -23.04 -16.39
CA HIS D 252 0.91 -24.05 -15.41
C HIS D 252 1.95 -23.39 -14.50
N MET D 253 1.52 -23.05 -13.29
CA MET D 253 2.38 -22.27 -12.40
C MET D 253 3.64 -23.03 -12.06
N LEU D 254 4.79 -22.34 -12.19
CA LEU D 254 6.08 -22.91 -11.85
C LEU D 254 6.55 -22.54 -10.46
N HIS D 255 6.15 -21.37 -9.95
CA HIS D 255 6.51 -20.92 -8.61
C HIS D 255 5.26 -20.56 -7.84
N SER D 256 5.30 -20.77 -6.53
CA SER D 256 4.23 -20.31 -5.65
C SER D 256 4.43 -18.83 -5.32
N GLY D 257 3.32 -18.13 -5.14
CA GLY D 257 3.37 -16.73 -4.77
C GLY D 257 2.14 -16.01 -5.29
N LEU D 258 2.21 -14.68 -5.22
CA LEU D 258 1.11 -13.83 -5.64
C LEU D 258 1.25 -13.47 -7.12
N VAL D 259 0.17 -13.66 -7.87
CA VAL D 259 0.08 -13.20 -9.25
C VAL D 259 -0.53 -11.82 -9.23
N HIS D 260 0.25 -10.80 -9.61
CA HIS D 260 -0.22 -9.43 -9.60
C HIS D 260 -0.79 -8.99 -10.94
N GLY D 261 -0.69 -9.81 -11.98
CA GLY D 261 -1.22 -9.46 -13.28
C GLY D 261 -0.54 -10.26 -14.37
N LEU D 262 -0.79 -9.84 -15.61
CA LEU D 262 -0.24 -10.49 -16.79
C LEU D 262 0.69 -9.53 -17.52
N ALA D 263 1.79 -10.08 -18.04
CA ALA D 263 2.75 -9.32 -18.83
C ALA D 263 2.58 -9.67 -20.30
N PHE D 264 2.69 -8.67 -21.17
CA PHE D 264 2.48 -8.84 -22.59
C PHE D 264 3.70 -8.37 -23.38
N TRP D 265 4.05 -9.13 -24.41
CA TRP D 265 5.01 -8.71 -25.42
C TRP D 265 4.63 -9.40 -26.72
N PHE D 266 5.34 -9.07 -27.80
CA PHE D 266 5.00 -9.63 -29.09
C PHE D 266 6.25 -9.82 -29.93
N ASP D 267 6.19 -10.81 -30.83
CA ASP D 267 7.20 -11.02 -31.86
C ASP D 267 6.50 -11.04 -33.22
N VAL D 268 7.22 -10.59 -34.24
CA VAL D 268 6.75 -10.66 -35.62
C VAL D 268 7.82 -11.36 -36.44
N ALA D 269 7.37 -12.12 -37.44
CA ALA D 269 8.25 -12.93 -38.28
C ALA D 269 8.13 -12.49 -39.72
N PHE D 270 9.27 -12.24 -40.37
CA PHE D 270 9.33 -11.97 -41.79
C PHE D 270 9.69 -13.27 -42.49
N ILE D 271 8.66 -13.95 -43.01
CA ILE D 271 8.81 -15.29 -43.58
C ILE D 271 9.04 -15.11 -45.08
N GLY D 272 10.32 -15.04 -45.46
CA GLY D 272 10.70 -14.82 -46.84
C GLY D 272 11.19 -16.09 -47.52
N SER D 273 11.51 -15.94 -48.81
CA SER D 273 11.94 -17.08 -49.60
C SER D 273 13.30 -17.61 -49.13
N ILE D 274 14.20 -16.72 -48.74
CA ILE D 274 15.55 -17.12 -48.38
C ILE D 274 15.66 -17.44 -46.89
N MET D 275 14.97 -16.68 -46.03
CA MET D 275 15.23 -16.76 -44.61
C MET D 275 14.01 -16.25 -43.84
N THR D 276 13.83 -16.77 -42.63
CA THR D 276 12.82 -16.29 -41.70
C THR D 276 13.51 -15.46 -40.64
N VAL D 277 13.17 -14.16 -40.58
CA VAL D 277 13.80 -13.21 -39.67
C VAL D 277 12.78 -12.81 -38.61
N TRP D 278 13.18 -12.88 -37.35
CA TRP D 278 12.32 -12.60 -36.22
C TRP D 278 12.65 -11.23 -35.61
N LEU D 279 11.60 -10.51 -35.24
CA LEU D 279 11.72 -9.25 -34.50
C LEU D 279 10.92 -9.42 -33.21
N SER D 280 11.62 -9.45 -32.08
CA SER D 280 11.03 -9.79 -30.79
C SER D 280 11.17 -8.62 -29.82
N THR D 281 10.14 -8.43 -28.99
CA THR D 281 10.15 -7.46 -27.91
C THR D 281 10.05 -8.14 -26.55
N ALA D 282 10.49 -9.39 -26.47
CA ALA D 282 10.42 -10.13 -25.22
C ALA D 282 11.38 -9.55 -24.20
N PRO D 283 11.12 -9.75 -22.90
CA PRO D 283 12.06 -9.26 -21.89
C PRO D 283 13.39 -10.00 -21.88
N THR D 284 13.46 -11.19 -22.47
CA THR D 284 14.75 -11.87 -22.61
C THR D 284 15.61 -11.22 -23.69
N GLU D 285 15.02 -10.39 -24.55
CA GLU D 285 15.69 -9.80 -25.69
C GLU D 285 16.04 -8.35 -25.42
N PRO D 286 16.97 -7.76 -26.19
CA PRO D 286 17.31 -6.35 -25.99
C PRO D 286 16.09 -5.45 -26.10
N LEU D 287 16.07 -4.41 -25.27
CA LEU D 287 14.91 -3.55 -25.17
C LEU D 287 14.70 -2.76 -26.46
N THR D 288 13.43 -2.52 -26.77
CA THR D 288 13.02 -1.73 -27.91
C THR D 288 12.13 -0.58 -27.43
N HIS D 289 11.72 0.27 -28.37
CA HIS D 289 10.84 1.38 -28.03
C HIS D 289 9.41 0.91 -27.71
N TRP D 290 9.12 -0.38 -27.91
CA TRP D 290 7.83 -0.93 -27.48
C TRP D 290 7.85 -1.37 -26.03
N TYR D 291 9.02 -1.66 -25.47
CA TYR D 291 9.13 -2.12 -24.08
C TYR D 291 8.29 -3.39 -23.93
N GLN D 292 7.76 -3.62 -22.73
CA GLN D 292 6.75 -4.64 -22.50
C GLN D 292 5.56 -3.99 -21.81
N VAL D 293 4.44 -4.72 -21.78
CA VAL D 293 3.20 -4.22 -21.19
C VAL D 293 2.78 -5.16 -20.08
N ARG D 294 2.28 -4.59 -18.98
CA ARG D 294 1.77 -5.36 -17.86
C ARG D 294 0.42 -4.80 -17.44
N CYS D 295 -0.56 -5.69 -17.27
CA CYS D 295 -1.90 -5.33 -16.82
C CYS D 295 -2.06 -5.79 -15.38
N LEU D 296 -2.28 -4.85 -14.48
CA LEU D 296 -2.38 -5.15 -13.05
C LEU D 296 -3.78 -5.61 -12.69
N PHE D 297 -3.84 -6.60 -11.80
CA PHE D 297 -5.08 -6.92 -11.11
C PHE D 297 -5.30 -5.94 -9.97
N GLN D 298 -6.57 -5.61 -9.71
CA GLN D 298 -6.89 -4.79 -8.55
C GLN D 298 -6.63 -5.56 -7.26
N SER D 299 -6.80 -6.88 -7.29
CA SER D 299 -6.53 -7.74 -6.14
C SER D 299 -5.68 -8.90 -6.63
N PRO D 300 -4.50 -9.13 -6.06
CA PRO D 300 -3.66 -10.23 -6.52
C PRO D 300 -4.26 -11.58 -6.18
N LEU D 301 -3.88 -12.57 -6.98
CA LEU D 301 -4.29 -13.95 -6.78
C LEU D 301 -3.11 -14.77 -6.26
N PHE D 302 -3.40 -15.70 -5.36
CA PHE D 302 -2.38 -16.61 -4.84
C PHE D 302 -2.52 -17.98 -5.50
N ALA D 303 -1.38 -18.58 -5.84
CA ALA D 303 -1.36 -19.91 -6.41
C ALA D 303 -0.07 -20.60 -6.01
N LYS D 304 -0.15 -21.90 -5.78
CA LYS D 304 1.03 -22.69 -5.49
C LYS D 304 1.57 -23.32 -6.78
N ALA D 305 2.88 -23.57 -6.80
CA ALA D 305 3.50 -24.21 -7.95
C ALA D 305 2.79 -25.52 -8.25
N GLY D 306 2.38 -25.69 -9.50
CA GLY D 306 1.62 -26.85 -9.95
C GLY D 306 0.18 -26.53 -10.26
N ASP D 307 -0.38 -25.49 -9.65
CA ASP D 307 -1.74 -25.08 -9.95
C ASP D 307 -1.82 -24.55 -11.38
N THR D 308 -3.05 -24.41 -11.87
CA THR D 308 -3.31 -23.93 -13.22
C THR D 308 -4.12 -22.65 -13.14
N LEU D 309 -3.69 -21.64 -13.89
CA LEU D 309 -4.36 -20.34 -13.97
C LEU D 309 -5.03 -20.23 -15.34
N SER D 310 -6.35 -20.15 -15.34
CA SER D 310 -7.13 -20.15 -16.57
C SER D 310 -7.93 -18.86 -16.70
N GLY D 311 -8.25 -18.52 -17.94
CA GLY D 311 -9.03 -17.33 -18.22
C GLY D 311 -8.90 -16.95 -19.68
N THR D 312 -9.32 -15.71 -19.96
CA THR D 312 -9.26 -15.18 -21.31
C THR D 312 -8.93 -13.69 -21.25
N CYS D 313 -8.18 -13.23 -22.25
CA CYS D 313 -7.94 -11.81 -22.47
C CYS D 313 -8.75 -11.38 -23.68
N LEU D 314 -9.69 -10.46 -23.47
CA LEU D 314 -10.64 -10.04 -24.50
C LEU D 314 -10.33 -8.61 -24.91
N LEU D 315 -10.05 -8.41 -26.20
CA LEU D 315 -9.72 -7.11 -26.75
C LEU D 315 -10.84 -6.65 -27.67
N ILE D 316 -11.49 -5.55 -27.33
CA ILE D 316 -12.55 -4.94 -28.13
C ILE D 316 -12.02 -3.63 -28.68
N ALA D 317 -11.89 -3.55 -30.01
CA ALA D 317 -11.40 -2.34 -30.64
C ALA D 317 -12.43 -1.22 -30.56
N ASN D 318 -11.96 -0.03 -30.22
CA ASN D 318 -12.83 1.14 -30.05
C ASN D 318 -12.55 2.17 -31.14
N LYS D 319 -13.45 3.16 -31.22
CA LYS D 319 -13.35 4.20 -32.24
C LYS D 319 -12.23 5.20 -31.97
N ARG D 320 -11.47 5.03 -30.89
CA ARG D 320 -10.32 5.89 -30.62
C ARG D 320 -9.00 5.22 -31.02
N GLN D 321 -9.04 4.32 -32.00
CA GLN D 321 -7.85 3.69 -32.56
C GLN D 321 -7.09 2.90 -31.50
N SER D 322 -7.80 2.34 -30.54
CA SER D 322 -7.18 1.55 -29.48
C SER D 322 -8.12 0.41 -29.13
N TYR D 323 -7.92 -0.20 -27.96
CA TYR D 323 -8.71 -1.34 -27.53
C TYR D 323 -9.13 -1.17 -26.08
N ASP D 324 -10.29 -1.73 -25.76
CA ASP D 324 -10.71 -1.92 -24.38
C ASP D 324 -10.34 -3.36 -23.99
N ILE D 325 -9.54 -3.49 -22.94
CA ILE D 325 -8.98 -4.78 -22.55
C ILE D 325 -9.77 -5.33 -21.38
N SER D 326 -10.12 -6.61 -21.44
CA SER D 326 -10.76 -7.32 -20.34
C SER D 326 -9.97 -8.58 -20.06
N ILE D 327 -9.49 -8.71 -18.82
CA ILE D 327 -8.71 -9.87 -18.40
C ILE D 327 -9.43 -10.51 -17.23
N VAL D 328 -9.88 -11.75 -17.41
CA VAL D 328 -10.47 -12.54 -16.34
C VAL D 328 -9.60 -13.78 -16.17
N ALA D 329 -9.08 -13.97 -14.96
CA ALA D 329 -8.22 -15.11 -14.66
C ALA D 329 -8.65 -15.74 -13.34
N GLN D 330 -8.50 -17.05 -13.25
CA GLN D 330 -8.88 -17.76 -12.04
C GLN D 330 -7.89 -18.89 -11.76
N VAL D 331 -7.68 -19.14 -10.47
CA VAL D 331 -6.96 -20.34 -10.03
C VAL D 331 -7.97 -21.48 -10.03
N ASP D 332 -7.75 -22.46 -10.90
CA ASP D 332 -8.76 -23.50 -11.11
C ASP D 332 -8.98 -24.33 -9.83
N GLN D 333 -7.89 -24.63 -9.11
CA GLN D 333 -8.00 -25.51 -7.95
C GLN D 333 -8.84 -24.90 -6.85
N THR D 334 -8.76 -23.57 -6.67
CA THR D 334 -9.38 -22.89 -5.54
C THR D 334 -10.57 -22.02 -5.92
N GLY D 335 -10.75 -21.71 -7.20
CA GLY D 335 -11.79 -20.79 -7.61
C GLY D 335 -11.48 -19.33 -7.38
N SER D 336 -10.24 -19.00 -7.01
CA SER D 336 -9.85 -17.61 -6.81
C SER D 336 -9.83 -16.89 -8.16
N LYS D 337 -10.61 -15.83 -8.28
CA LYS D 337 -10.90 -15.20 -9.56
C LYS D 337 -10.57 -13.71 -9.50
N SER D 338 -10.14 -13.18 -10.64
CA SER D 338 -9.77 -11.78 -10.75
C SER D 338 -10.22 -11.26 -12.11
N SER D 339 -11.13 -10.28 -12.11
CA SER D 339 -11.62 -9.64 -13.31
C SER D 339 -11.14 -8.20 -13.34
N ASN D 340 -10.60 -7.77 -14.48
CA ASN D 340 -9.96 -6.47 -14.57
C ASN D 340 -10.12 -5.91 -15.97
N LEU D 341 -10.28 -4.59 -16.05
CA LEU D 341 -10.43 -3.88 -17.32
C LEU D 341 -9.30 -2.87 -17.45
N LEU D 342 -8.90 -2.61 -18.70
CA LEU D 342 -7.80 -1.69 -18.97
C LEU D 342 -8.09 -0.87 -20.22
N ASP D 343 -7.69 0.40 -20.17
CA ASP D 343 -7.83 1.33 -21.29
C ASP D 343 -6.47 1.47 -21.96
N LEU D 344 -6.25 0.65 -22.99
CA LEU D 344 -4.96 0.63 -23.67
C LEU D 344 -4.58 2.00 -24.23
N LYS D 345 -5.55 2.89 -24.40
CA LYS D 345 -5.27 4.23 -24.92
C LYS D 345 -4.56 5.11 -23.90
N ASN D 346 -4.66 4.79 -22.60
CA ASN D 346 -4.11 5.62 -21.52
C ASN D 346 -3.10 4.78 -20.74
N PRO D 347 -1.89 4.61 -21.26
CA PRO D 347 -0.88 3.81 -20.56
C PRO D 347 -0.10 4.64 -19.54
N PHE D 348 0.65 3.92 -18.71
CA PHE D 348 1.54 4.52 -17.71
C PHE D 348 2.96 4.16 -18.10
N PHE D 349 3.69 5.11 -18.68
CA PHE D 349 5.09 4.90 -19.00
C PHE D 349 5.91 5.05 -17.71
N ARG D 350 6.52 3.96 -17.28
CA ARG D 350 7.20 3.90 -16.00
C ARG D 350 8.71 3.89 -16.18
N1 6RE E . -18.88 -22.41 20.14
C2 6RE E . -18.75 -21.63 19.06
N3 6RE E . -17.64 -21.22 18.45
C4 6RE E . -16.56 -21.69 19.07
C5 6RE E . -16.52 -22.52 20.19
C6 6RE E . -17.77 -22.88 20.73
N6 6RE E . -17.90 -23.66 21.81
N7 6RE E . -15.22 -22.81 20.54
C8 6RE E . -14.51 -22.18 19.65
N9 6RE E . -15.24 -21.48 18.73
C1' 6RE E . -14.73 -20.67 17.63
C2' 6RE E . -13.74 -19.58 18.05
O2' 6RE E . -14.42 -18.37 18.40
C3' 6RE E . -12.93 -19.44 16.76
O3' 6RE E . -13.59 -18.63 15.79
C4' 6RE E . -12.82 -20.89 16.29
O4' 6RE E . -14.04 -21.52 16.73
C5' 6RE E . -11.67 -21.68 16.89
C6' 6RE E . -10.51 -21.76 15.91
N7' 6RE E . -9.36 -22.43 16.49
C8' 6RE E . -8.88 -23.61 16.14
N9' 6RE E . -7.83 -24.12 16.77
N10 6RE E . -9.45 -24.31 15.17
H2 6RE E . -19.69 -21.29 18.62
HN6 6RE E . -17.10 -24.05 22.30
HN6A 6RE E . -18.83 -23.89 22.16
H8 6RE E . -13.41 -22.21 19.65
H1' 6RE E . -15.59 -20.28 17.08
H2' 6RE E . -13.11 -19.89 18.88
HO2' 6RE E . -14.62 -17.91 17.54
H3' 6RE E . -11.98 -18.93 16.92
HO3' 6RE E . -14.39 -19.10 15.46
H4' 6RE E . -12.83 -20.94 15.21
H5' 6RE E . -11.99 -22.66 17.20
H5'A 6RE E . -11.32 -21.23 17.82
H6'A 6RE E . -10.81 -22.30 15.01
H6' 6RE E . -10.27 -20.76 15.59
HN7' 6RE E . -8.89 -21.92 17.23
HN9' 6RE E . -7.35 -23.64 17.53
HN9A 6RE E . -10.26 -23.98 14.66
HN9B 6RE E . -9.13 -25.22 14.85
HN9C 6RE E . -7.42 -25.02 16.54
C4 DXE F . -4.80 -20.19 21.05
O2 DXE F . -5.27 -18.96 21.53
C3 DXE F . -5.82 -19.03 22.81
C2 DXE F . -5.98 -17.61 23.37
O1 DXE F . -4.97 -17.35 24.30
C1 DXE F . -3.77 -16.89 23.75
H41 DXE F . -4.04 -20.48 21.58
H42 DXE F . -5.51 -20.85 21.11
H43 DXE F . -4.53 -20.09 20.12
H31 DXE F . -6.68 -19.45 22.77
H32 DXE F . -5.23 -19.53 23.39
H21 DXE F . -6.85 -17.53 23.80
H22 DXE F . -5.93 -16.97 22.64
H11 DXE F . -3.15 -16.67 24.45
H12 DXE F . -3.39 -17.59 23.18
H13 DXE F . -3.94 -16.11 23.20
C1 EDO G . -2.01 -40.91 5.44
O1 EDO G . -0.95 -40.02 5.69
C2 EDO G . -1.63 -41.84 4.29
O2 EDO G . -2.59 -42.85 4.17
H11 EDO G . -2.81 -40.40 5.21
H12 EDO G . -2.19 -41.43 6.24
HO1 EDO G . -1.26 -39.32 6.06
H21 EDO G . -0.76 -42.23 4.46
H22 EDO G . -1.60 -41.33 3.46
HO2 EDO G . -2.29 -43.47 3.67
C1 EDO H . -4.04 -10.76 17.82
O1 EDO H . -3.52 -9.94 16.80
C2 EDO H . -4.26 -9.92 19.07
O2 EDO H . -4.78 -10.73 20.10
H11 EDO H . -4.88 -11.13 17.53
H12 EDO H . -3.41 -11.47 18.01
HO1 EDO H . -2.72 -10.17 16.64
H21 EDO H . -4.88 -9.20 18.88
H22 EDO H . -3.41 -9.54 19.36
HO2 EDO H . -4.15 -10.91 20.65
C1 EDO I . -13.83 -25.55 -7.93
O1 EDO I . -13.27 -24.58 -7.08
C2 EDO I . -13.06 -26.87 -7.79
O2 EDO I . -13.90 -27.93 -8.11
H11 EDO I . -14.76 -25.69 -7.69
H12 EDO I . -13.77 -25.24 -8.84
HO1 EDO I . -13.83 -23.96 -6.94
H21 EDO I . -12.74 -26.96 -6.87
H22 EDO I . -12.30 -26.86 -8.39
HO2 EDO I . -13.49 -28.50 -8.58
C1 EDO J . -19.72 -42.82 4.57
O1 EDO J . -18.80 -42.79 3.51
C2 EDO J . -20.57 -41.57 4.54
O2 EDO J . -21.25 -41.42 5.76
H11 EDO J . -19.24 -42.87 5.41
H12 EDO J . -20.29 -43.60 4.48
HO1 EDO J . -18.14 -43.28 3.70
H21 EDO J . -20.02 -40.79 4.39
H22 EDO J . -21.23 -41.64 3.81
HO2 EDO J . -21.99 -41.84 5.72
C1 PEG K . 20.49 -32.53 11.40
O1 PEG K . 19.24 -32.41 12.00
C2 PEG K . 20.91 -34.00 11.41
O2 PEG K . 20.72 -34.50 12.71
C3 PEG K . 21.02 -35.85 12.86
C4 PEG K . 20.12 -36.42 13.95
O4 PEG K . 20.45 -37.76 14.17
H11 PEG K . 21.14 -32.00 11.90
H12 PEG K . 20.46 -32.20 10.49
HO1 PEG K . 18.65 -32.25 11.40
H21 PEG K . 21.84 -34.08 11.16
H22 PEG K . 20.35 -34.49 10.79
H31 PEG K . 21.95 -35.96 13.11
H32 PEG K . 20.86 -36.33 12.02
H41 PEG K . 20.25 -35.91 14.77
H42 PEG K . 19.19 -36.35 13.68
HO4 PEG K . 19.98 -38.07 14.81
N1 6RE L . -0.61 -4.90 43.70
C2 6RE L . 0.48 -5.66 43.82
N3 6RE L . 1.34 -6.07 42.87
C4 6RE L . 0.97 -5.60 41.67
C5 6RE L . -0.14 -4.82 41.39
C6 6RE L . -0.96 -4.46 42.47
N6 6RE L . -2.07 -3.73 42.35
N7 6RE L . -0.18 -4.51 40.03
C8 6RE L . 0.87 -5.10 39.54
N9 6RE L . 1.62 -5.79 40.47
C1' 6RE L . 2.84 -6.53 40.24
C2' 6RE L . 2.74 -7.61 39.15
O2' 6RE L . 2.32 -8.85 39.70
C3' 6RE L . 4.18 -7.66 38.67
O3' 6RE L . 5.02 -8.42 39.53
C4' 6RE L . 4.56 -6.18 38.70
O4' 6RE L . 3.85 -5.63 39.81
C5' 6RE L . 4.19 -5.38 37.46
C6' 6RE L . 5.38 -5.16 36.57
N7' 6RE L . 5.04 -4.41 35.37
C8' 6RE L . 5.60 -3.27 34.97
N9' 6RE L . 6.57 -2.71 35.67
N10 6RE L . 5.19 -2.70 33.85
H2 6RE L . 0.71 -5.98 44.83
HN6 6RE L . -2.39 -3.37 41.46
HN6A 6RE L . -2.62 -3.50 43.17
H8 6RE L . 1.14 -5.06 38.49
H1' 6RE L . 3.18 -6.93 41.20
H2' 6RE L . 2.07 -7.31 38.35
HO2' 6RE L . 3.12 -9.26 40.11
H3' 6RE L . 4.30 -8.15 37.71
HO3' 6RE L . 5.06 -7.98 40.43
H4' 6RE L . 5.62 -6.07 38.95
H5' 6RE L . 3.71 -4.44 37.75
H5'A 6RE L . 3.41 -5.89 36.88
H6'A 6RE L . 6.16 -4.61 37.12
H6' 6RE L . 5.83 -6.12 36.34
HN7' 6RE L . 4.31 -4.83 34.81
HN9' 6RE L . 6.92 -3.10 36.53
HN9A 6RE L . 4.46 -3.09 33.26
HN9B 6RE L . 5.58 -1.83 33.49
HN9C 6RE L . 7.03 -1.85 35.41
C1 PG6 M . -4.15 -10.63 50.39
O1 PG6 M . -5.54 -10.61 50.57
C2 PG6 M . -6.06 -9.40 51.03
C3 PG6 M . -7.57 -9.56 51.20
O2 PG6 M . -8.21 -8.89 50.16
C4 PG6 M . -9.56 -9.25 49.99
C5 PG6 M . -10.27 -8.12 49.24
O3 PG6 M . -10.06 -6.92 49.93
C6 PG6 M . -11.06 -5.96 49.76
C7 PG6 M . -10.46 -4.56 49.93
O4 PG6 M . -9.96 -4.44 51.24
C8 PG6 M . -9.19 -3.29 51.46
C9 PG6 M . -8.57 -3.41 52.86
O5 PG6 M . -7.66 -2.36 53.03
C10 PG6 M . -7.27 -2.18 54.36
C11 PG6 M . -6.07 -1.24 54.40
O6 PG6 M . -6.19 -0.40 55.51
C12 PG6 M . -5.24 0.62 55.55
H11 PG6 M . -3.87 -11.51 50.10
H12 PG6 M . -3.72 -10.41 51.24
H13 PG6 M . -3.91 -9.96 49.73
H21 PG6 M . -5.65 -9.17 51.87
H22 PG6 M . -5.88 -8.70 50.37
H31 PG6 M . -7.84 -9.17 52.05
H32 PG6 M . -7.81 -10.50 51.18
H41 PG6 M . -9.62 -10.06 49.48
H42 PG6 M . -9.97 -9.38 50.86
H51 PG6 M . -9.92 -8.04 48.34
H52 PG6 M . -11.22 -8.30 49.21
H61 PG6 M . -11.44 -6.03 48.87
H62 PG6 M . -11.75 -6.10 50.43
H71 PG6 M . -9.73 -4.45 49.29
H72 PG6 M . -11.14 -3.89 49.78
H81 PG6 M . -9.75 -2.50 51.41
H82 PG6 M . -8.49 -3.24 50.79
H91 PG6 M . -9.27 -3.36 53.53
H92 PG6 M . -8.10 -4.25 52.93
H101 PG6 M . -7.99 -1.79 54.87
H102 PG6 M . -7.03 -3.03 54.75
H111 PG6 M . -5.25 -1.76 54.48
H112 PG6 M . -6.04 -0.71 53.58
H121 PG6 M . -5.30 1.08 56.41
H122 PG6 M . -4.35 0.24 55.46
H123 PG6 M . -5.40 1.25 54.83
C1 EDO N . 0.53 -7.35 30.43
O1 EDO N . 1.41 -7.21 29.34
C2 EDO N . 0.26 -8.83 30.68
O2 EDO N . -0.82 -9.25 29.90
H11 EDO N . -0.31 -6.90 30.22
H12 EDO N . 0.93 -6.95 31.22
HO1 EDO N . 1.70 -6.40 29.32
H21 EDO N . 1.05 -9.34 30.44
H22 EDO N . 0.06 -8.97 31.62
HO2 EDO N . -0.90 -10.10 29.96
C1 PEG O . 15.79 14.24 30.40
O1 PEG O . 16.85 13.36 30.14
C2 PEG O . 16.16 15.13 31.59
O2 PEG O . 17.43 15.67 31.34
C3 PEG O . 18.41 15.38 32.31
C4 PEG O . 19.06 14.06 31.92
O4 PEG O . 20.23 13.90 32.67
H11 PEG O . 15.63 14.80 29.62
H12 PEG O . 14.98 13.74 30.61
HO1 PEG O . 16.57 12.57 30.21
H21 PEG O . 16.19 14.59 32.39
H22 PEG O . 15.52 15.83 31.69
H31 PEG O . 17.99 15.31 33.18
H32 PEG O . 19.08 16.09 32.32
H41 PEG O . 18.46 13.33 32.11
H42 PEG O . 19.28 14.06 30.97
HO4 PEG O . 20.91 14.06 32.18
N1 6RE P . -16.42 25.95 -18.90
C2 6RE P . -16.32 25.15 -17.83
N3 6RE P . -15.24 24.53 -17.34
C4 6RE P . -14.16 24.81 -18.08
C5 6RE P . -14.10 25.61 -19.20
C6 6RE P . -15.31 26.20 -19.62
N6 6RE P . -15.41 26.99 -20.70
N7 6RE P . -12.80 25.67 -19.70
C8 6RE P . -12.12 24.91 -18.87
N9 6RE P . -12.88 24.36 -17.86
C1' 6RE P . -12.41 23.48 -16.80
C2' 6RE P . -11.83 22.15 -17.28
O2' 6RE P . -12.86 21.18 -17.44
C3' 6RE P . -10.89 21.81 -16.13
O3' 6RE P . -11.58 21.23 -15.03
C4' 6RE P . -10.33 23.19 -15.78
O4' 6RE P . -11.37 24.13 -16.09
C5' 6RE P . -9.08 23.60 -16.52
C6' 6RE P . -8.00 24.01 -15.52
N7' 6RE P . -6.76 24.37 -16.18
C8' 6RE P . -5.89 25.29 -15.75
N9' 6RE P . -6.14 25.96 -14.63
N10 6RE P . -4.79 25.53 -16.43
H2 6RE P . -17.25 24.99 -17.29
HN6 6RE P . -14.62 27.21 -21.29
HN6A 6RE P . -16.31 27.39 -20.95
H8 6RE P . -11.05 24.74 -18.98
H1' 6RE P . -13.22 23.35 -16.10
H2' 6RE P . -11.29 22.25 -18.22
HO2' 6RE P . -12.87 20.66 -16.59
H3' 6RE P . -10.15 21.07 -16.40
HO3' 6RE P . -12.23 21.89 -14.66
H4' 6RE P . -10.21 23.27 -14.69
H5' 6RE P . -8.73 22.81 -17.17
H5'A 6RE P . -9.26 24.42 -17.20
H6'A 6RE P . -8.34 24.86 -14.93
H6' 6RE P . -7.86 23.20 -14.82
HN7' 6RE P . -6.55 23.87 -17.03
HN9' 6RE P . -6.97 25.82 -14.06
HN9A 6RE P . -4.11 26.22 -16.14
HN9B 6RE P . -4.55 25.05 -17.28
HN9C 6RE P . -5.52 26.67 -14.26
C1 EDO Q . -4.54 20.22 -22.77
O1 EDO Q . -3.62 20.28 -21.71
C2 EDO Q . -4.76 18.76 -23.19
O2 EDO Q . -3.60 18.27 -23.80
H11 EDO Q . -5.39 20.60 -22.48
H12 EDO Q . -4.21 20.73 -23.52
HO1 EDO Q . -3.71 21.01 -21.30
H21 EDO Q . -4.95 18.23 -22.40
H22 EDO Q . -5.51 18.71 -23.80
HO2 EDO Q . -3.73 17.48 -24.05
C1 EDO R . 4.41 40.20 -5.11
O1 EDO R . 5.48 41.11 -5.08
C2 EDO R . 4.87 38.90 -5.78
O2 EDO R . 6.00 38.41 -5.13
H11 EDO R . 4.13 40.01 -4.21
H12 EDO R . 3.67 40.58 -5.61
HO1 EDO R . 5.20 41.84 -4.75
H21 EDO R . 4.15 38.24 -5.73
H22 EDO R . 5.08 39.07 -6.71
HO2 EDO R . 6.48 37.98 -5.69
C1 EDO S . -18.07 44.17 -12.57
O1 EDO S . -18.39 43.79 -13.89
C2 EDO S . -16.70 44.85 -12.53
O2 EDO S . -16.71 45.98 -13.36
H11 EDO S . -18.74 44.78 -12.24
H12 EDO S . -18.06 43.38 -12.01
HO1 EDO S . -18.81 43.06 -13.88
H21 EDO S . -16.50 45.11 -11.63
H22 EDO S . -16.03 44.22 -12.85
HO2 EDO S . -16.96 46.66 -12.91
N1 6RE T . -3.04 5.21 -43.79
C2 6RE T . -1.84 5.74 -44.02
N3 6RE T . -0.84 5.98 -43.16
C4 6RE T . -1.18 5.60 -41.92
C5 6RE T . -2.39 5.03 -41.53
C6 6RE T . -3.36 4.83 -42.53
N6 6RE T . -4.55 4.29 -42.31
N7 6RE T . -2.39 4.75 -40.18
C8 6RE T . -1.20 5.13 -39.78
N9 6RE T . -0.41 5.66 -40.78
C1' 6RE T . 0.95 6.14 -40.67
C2' 6RE T . 1.17 7.18 -39.56
O2' 6RE T . 1.00 8.50 -40.06
C3' 6RE T . 2.63 6.89 -39.19
O3' 6RE T . 3.54 7.50 -40.09
C4' 6RE T . 2.67 5.37 -39.28
O4' 6RE T . 1.80 5.05 -40.38
C5' 6RE T . 2.18 4.62 -38.06
C6' 6RE T . 3.29 3.82 -37.42
N7' 6RE T . 3.00 3.50 -36.03
C8' 6RE T . 3.36 2.40 -35.40
N9' 6RE T . 3.05 2.23 -34.13
N10 6RE T . 4.04 1.46 -36.04
H2 6RE T . -1.64 6.03 -45.05
HN6 6RE T . -4.85 3.98 -41.40
HN6A 6RE T . -5.21 4.17 -43.08
H8 6RE T . -0.86 5.06 -38.75
H1' 6RE T . 1.26 6.50 -41.66
H2' 6RE T . 0.51 7.01 -38.71
HO2' 6RE T . 1.76 8.67 -40.66
H3' 6RE T . 2.91 7.30 -38.22
HO3' 6RE T . 3.43 7.10 -41.00
H4' 6RE T . 3.66 5.03 -39.60
H5' 6RE T . 1.32 4.00 -38.31
H5'A 6RE T . 1.77 5.31 -37.32
H6'A 6RE T . 3.45 2.89 -37.97
H6' 6RE T . 4.22 4.38 -37.52
HN7' 6RE T . 2.48 4.20 -35.53
HN9' 6RE T . 3.31 1.40 -33.60
HN9A 6RE T . 4.32 1.53 -37.02
HN9B 6RE T . 4.35 0.59 -35.61
HN9C 6RE T . 2.54 2.91 -33.59
C1 EDO U . -0.88 8.79 -30.80
O1 EDO U . -1.82 9.74 -30.39
C2 EDO U . -0.65 7.77 -29.69
O2 EDO U . 0.36 6.88 -30.06
H11 EDO U . -1.20 8.34 -31.60
H12 EDO U . -0.04 9.24 -31.00
HO1 EDO U . -2.14 10.13 -31.07
H21 EDO U . -1.48 7.28 -29.53
H22 EDO U . -0.39 8.23 -28.87
HO2 EDO U . 0.76 6.59 -29.37
C1 EDO V . 11.10 -16.02 -31.08
O1 EDO V . 11.89 -15.32 -30.16
C2 EDO V . 11.98 -17.02 -31.84
O2 EDO V . 11.22 -17.64 -32.84
H11 EDO V . 10.70 -15.41 -31.70
H12 EDO V . 10.41 -16.51 -30.60
HO1 EDO V . 11.39 -14.96 -29.57
H21 EDO V . 12.32 -17.69 -31.22
H22 EDO V . 12.72 -16.55 -32.24
HO2 EDO V . 11.62 -18.35 -33.09
#